data_1WH2
#
_entry.id   1WH2
#
_entity_poly.entity_id   1
_entity_poly.type   'polypeptide(L)'
_entity_poly.pdbx_seq_one_letter_code
;GSSGSSGVRVLSYDKEKLNWLYKDPQGLVQGPFSLTQLKAWSDAEYFTKQFRVWMTGESMESAVLLTDVLRLSGPSSG
;
_entity_poly.pdbx_strand_id   A
#
# COMPACT_ATOMS: atom_id res chain seq x y z
N GLY A 1 -4.40 15.74 8.74
CA GLY A 1 -4.31 16.13 7.32
C GLY A 1 -2.92 16.64 7.01
N SER A 2 -2.74 17.97 6.88
CA SER A 2 -1.43 18.62 6.86
C SER A 2 -0.52 18.06 5.73
N SER A 3 -1.06 17.97 4.51
CA SER A 3 -0.34 17.49 3.34
C SER A 3 0.85 18.42 3.01
N GLY A 4 1.78 17.96 2.17
CA GLY A 4 2.96 18.73 1.81
C GLY A 4 3.80 17.92 0.85
N SER A 5 5.12 17.97 1.04
CA SER A 5 6.21 17.32 0.31
C SER A 5 6.88 18.38 -0.54
N SER A 6 8.12 18.74 -0.19
CA SER A 6 8.89 19.75 -0.89
C SER A 6 9.45 19.22 -2.20
N GLY A 7 9.67 17.90 -2.32
CA GLY A 7 10.47 17.32 -3.38
C GLY A 7 10.36 15.80 -3.33
N VAL A 8 11.32 15.13 -3.96
CA VAL A 8 11.55 13.70 -3.88
C VAL A 8 11.88 13.36 -2.41
N ARG A 9 10.86 12.96 -1.65
CA ARG A 9 10.98 12.39 -0.30
C ARG A 9 11.55 10.98 -0.42
N VAL A 10 12.09 10.43 0.66
CA VAL A 10 12.08 9.00 0.84
C VAL A 10 10.63 8.54 1.04
N LEU A 11 10.33 7.33 0.60
CA LEU A 11 9.12 6.60 0.86
C LEU A 11 9.61 5.21 1.22
N SER A 12 8.87 4.57 2.10
CA SER A 12 9.09 3.23 2.58
C SER A 12 7.77 2.47 2.63
N TYR A 13 7.87 1.15 2.65
CA TYR A 13 6.75 0.24 2.66
C TYR A 13 6.52 -0.15 4.13
N ASP A 14 5.53 0.46 4.75
CA ASP A 14 5.22 0.29 6.16
C ASP A 14 4.21 -0.82 6.30
N LYS A 15 4.60 -1.90 6.98
CA LYS A 15 3.61 -2.89 7.38
C LYS A 15 2.93 -2.45 8.66
N GLU A 16 3.26 -1.28 9.20
CA GLU A 16 2.91 -0.86 10.54
C GLU A 16 1.91 0.29 10.44
N LYS A 17 2.30 1.43 9.85
CA LYS A 17 1.42 2.60 9.80
C LYS A 17 0.33 2.42 8.75
N LEU A 18 -0.81 3.09 8.92
CA LEU A 18 -1.87 3.05 7.93
C LEU A 18 -1.52 4.08 6.87
N ASN A 19 -0.96 3.62 5.76
CA ASN A 19 -0.38 4.48 4.73
C ASN A 19 -0.86 4.18 3.32
N TRP A 20 -1.73 3.18 3.11
CA TRP A 20 -2.08 2.68 1.79
C TRP A 20 -3.59 2.72 1.61
N LEU A 21 -4.04 3.50 0.63
CA LEU A 21 -5.43 3.70 0.24
C LEU A 21 -5.79 2.67 -0.83
N TYR A 22 -7.08 2.37 -0.98
CA TYR A 22 -7.59 1.64 -2.14
C TYR A 22 -8.98 2.14 -2.52
N LYS A 23 -9.35 1.99 -3.80
CA LYS A 23 -10.68 2.26 -4.35
C LYS A 23 -11.47 0.96 -4.39
N ASP A 24 -12.62 0.89 -3.73
CA ASP A 24 -13.49 -0.28 -3.67
C ASP A 24 -14.33 -0.43 -4.96
N PRO A 25 -15.10 -1.52 -5.14
CA PRO A 25 -15.91 -1.73 -6.35
C PRO A 25 -17.28 -1.03 -6.30
N GLN A 26 -17.65 -0.37 -5.20
CA GLN A 26 -18.71 0.64 -5.19
C GLN A 26 -18.20 1.92 -5.87
N GLY A 27 -16.88 2.14 -5.86
CA GLY A 27 -16.18 3.26 -6.46
C GLY A 27 -15.54 4.17 -5.41
N LEU A 28 -15.72 3.90 -4.11
CA LEU A 28 -15.32 4.78 -3.02
C LEU A 28 -13.86 4.51 -2.66
N VAL A 29 -13.11 5.55 -2.31
CA VAL A 29 -11.79 5.40 -1.72
C VAL A 29 -11.99 5.12 -0.22
N GLN A 30 -11.35 4.08 0.30
CA GLN A 30 -11.39 3.66 1.70
C GLN A 30 -10.02 3.84 2.35
N GLY A 31 -9.92 3.59 3.65
CA GLY A 31 -8.63 3.49 4.33
C GLY A 31 -8.14 4.84 4.84
N PRO A 32 -6.82 5.00 5.02
CA PRO A 32 -5.78 4.07 4.62
C PRO A 32 -5.70 2.84 5.53
N PHE A 33 -4.90 1.88 5.10
CA PHE A 33 -4.63 0.63 5.77
C PHE A 33 -3.12 0.41 5.80
N SER A 34 -2.64 -0.48 6.66
CA SER A 34 -1.23 -0.86 6.70
C SER A 34 -0.98 -1.99 5.72
N LEU A 35 0.28 -2.21 5.35
CA LEU A 35 0.57 -3.37 4.50
C LEU A 35 0.27 -4.67 5.23
N THR A 36 0.38 -4.76 6.57
CA THR A 36 -0.01 -5.97 7.30
C THR A 36 -1.48 -6.31 7.03
N GLN A 37 -2.37 -5.31 7.04
CA GLN A 37 -3.80 -5.51 6.85
C GLN A 37 -4.07 -5.92 5.41
N LEU A 38 -3.62 -5.10 4.46
CA LEU A 38 -3.83 -5.35 3.04
C LEU A 38 -3.25 -6.70 2.64
N LYS A 39 -2.05 -7.05 3.14
CA LYS A 39 -1.47 -8.38 3.00
C LYS A 39 -2.39 -9.44 3.54
N ALA A 40 -2.77 -9.36 4.83
CA ALA A 40 -3.58 -10.40 5.45
C ALA A 40 -4.87 -10.65 4.67
N TRP A 41 -5.52 -9.59 4.21
CA TRP A 41 -6.72 -9.67 3.38
C TRP A 41 -6.42 -10.29 2.01
N SER A 42 -5.28 -9.94 1.39
CA SER A 42 -4.80 -10.59 0.17
C SER A 42 -4.42 -12.06 0.41
N ASP A 43 -4.16 -12.43 1.66
CA ASP A 43 -3.84 -13.78 2.13
C ASP A 43 -5.09 -14.51 2.66
N ALA A 44 -6.26 -13.83 2.74
CA ALA A 44 -7.49 -14.33 3.34
C ALA A 44 -8.69 -14.44 2.36
N GLU A 45 -8.49 -14.28 1.06
CA GLU A 45 -9.56 -14.23 0.05
C GLU A 45 -10.59 -13.11 0.29
N TYR A 46 -10.13 -11.94 0.75
CA TYR A 46 -10.97 -10.74 0.78
C TYR A 46 -11.00 -10.03 -0.58
N PHE A 47 -9.99 -10.23 -1.43
CA PHE A 47 -9.73 -9.43 -2.62
C PHE A 47 -9.42 -10.35 -3.83
N THR A 48 -9.23 -9.75 -5.00
CA THR A 48 -8.93 -10.43 -6.24
C THR A 48 -7.59 -9.91 -6.78
N LYS A 49 -6.95 -10.61 -7.72
CA LYS A 49 -5.62 -10.20 -8.21
C LYS A 49 -5.59 -8.76 -8.73
N GLN A 50 -6.67 -8.30 -9.37
CA GLN A 50 -6.75 -6.98 -9.96
C GLN A 50 -7.22 -6.01 -8.88
N PHE A 51 -6.33 -5.78 -7.92
CA PHE A 51 -6.48 -4.87 -6.78
C PHE A 51 -5.21 -4.03 -6.68
N ARG A 52 -5.19 -2.80 -7.20
CA ARG A 52 -4.10 -1.87 -6.97
C ARG A 52 -4.31 -1.06 -5.69
N VAL A 53 -3.24 -0.47 -5.18
CA VAL A 53 -3.14 0.24 -3.91
C VAL A 53 -2.09 1.35 -4.07
N TRP A 54 -2.32 2.53 -3.48
CA TRP A 54 -1.42 3.68 -3.55
C TRP A 54 -1.23 4.25 -2.16
N MET A 55 -0.13 4.98 -1.92
CA MET A 55 0.09 5.57 -0.61
C MET A 55 -0.71 6.86 -0.41
N THR A 56 -0.88 7.23 0.85
CA THR A 56 -1.67 8.35 1.34
C THR A 56 -1.17 9.69 0.80
N GLY A 57 -1.79 10.19 -0.27
CA GLY A 57 -1.44 11.46 -0.90
C GLY A 57 -0.70 11.27 -2.22
N GLU A 58 -0.45 10.03 -2.65
CA GLU A 58 -0.04 9.75 -4.02
C GLU A 58 -1.29 9.80 -4.90
N SER A 59 -1.07 9.69 -6.21
CA SER A 59 -2.09 9.55 -7.19
C SER A 59 -2.66 8.14 -7.10
N MET A 60 -3.98 8.03 -7.33
CA MET A 60 -4.64 6.76 -7.48
C MET A 60 -4.04 5.95 -8.64
N GLU A 61 -3.41 6.65 -9.58
CA GLU A 61 -2.82 6.07 -10.75
C GLU A 61 -1.36 5.68 -10.57
N SER A 62 -0.65 6.16 -9.55
CA SER A 62 0.59 5.51 -9.13
C SER A 62 0.30 4.24 -8.30
N ALA A 63 -0.96 3.86 -8.12
CA ALA A 63 -1.33 2.61 -7.48
C ALA A 63 -0.70 1.43 -8.22
N VAL A 64 0.07 0.62 -7.49
CA VAL A 64 0.69 -0.62 -7.97
C VAL A 64 -0.21 -1.79 -7.57
N LEU A 65 -0.02 -2.99 -8.15
CA LEU A 65 -0.78 -4.17 -7.80
C LEU A 65 -0.38 -4.57 -6.38
N LEU A 66 -1.37 -4.75 -5.51
CA LEU A 66 -1.19 -5.25 -4.14
C LEU A 66 -0.37 -6.55 -4.13
N THR A 67 -0.56 -7.43 -5.10
CA THR A 67 0.13 -8.71 -5.13
C THR A 67 1.61 -8.54 -5.49
N ASP A 68 2.00 -7.38 -6.03
CA ASP A 68 3.41 -7.04 -6.19
C ASP A 68 3.95 -6.26 -5.01
N VAL A 69 3.16 -5.42 -4.34
CA VAL A 69 3.54 -4.80 -3.08
C VAL A 69 3.97 -5.87 -2.06
N LEU A 70 3.22 -6.97 -2.00
CA LEU A 70 3.53 -8.16 -1.20
C LEU A 70 4.89 -8.78 -1.52
N ARG A 71 5.36 -8.72 -2.77
CA ARG A 71 6.68 -9.21 -3.15
C ARG A 71 7.75 -8.14 -2.92
N LEU A 72 7.43 -6.87 -3.15
CA LEU A 72 8.34 -5.75 -3.04
C LEU A 72 8.80 -5.61 -1.59
N SER A 73 7.86 -5.56 -0.64
CA SER A 73 8.15 -5.59 0.78
C SER A 73 7.64 -6.91 1.31
N GLY A 74 8.54 -7.83 1.59
CA GLY A 74 8.24 -9.20 1.97
C GLY A 74 9.56 -9.95 2.19
N PRO A 75 9.51 -11.28 2.42
CA PRO A 75 10.70 -12.05 2.74
C PRO A 75 11.65 -12.15 1.56
N SER A 76 12.94 -12.21 1.89
CA SER A 76 14.01 -12.46 0.94
C SER A 76 14.10 -13.99 0.68
N SER A 77 15.03 -14.39 -0.19
CA SER A 77 15.25 -15.75 -0.65
C SER A 77 13.97 -16.34 -1.25
N GLY A 78 13.74 -16.05 -2.54
CA GLY A 78 12.53 -16.36 -3.27
C GLY A 78 12.51 -15.49 -4.51
N GLY A 1 4.62 21.84 -3.83
CA GLY A 1 5.33 21.28 -2.67
C GLY A 1 6.70 21.92 -2.48
N SER A 2 6.83 22.80 -1.48
CA SER A 2 8.12 23.34 -1.04
C SER A 2 8.44 22.72 0.31
N SER A 3 9.62 22.14 0.47
CA SER A 3 10.01 21.37 1.65
C SER A 3 11.44 21.71 2.08
N GLY A 4 11.92 21.14 3.19
CA GLY A 4 13.30 21.27 3.61
C GLY A 4 14.25 20.51 2.69
N SER A 5 15.56 20.66 2.88
CA SER A 5 16.56 19.87 2.18
C SER A 5 16.37 18.40 2.55
N SER A 6 16.02 17.58 1.57
CA SER A 6 16.10 16.12 1.62
C SER A 6 16.17 15.62 0.18
N GLY A 7 16.53 14.35 0.01
CA GLY A 7 16.56 13.66 -1.27
C GLY A 7 16.98 12.22 -0.99
N VAL A 8 18.30 11.98 -0.93
CA VAL A 8 18.87 10.71 -0.54
C VAL A 8 18.55 10.44 0.94
N ARG A 9 17.44 9.78 1.20
CA ARG A 9 17.01 9.21 2.46
C ARG A 9 16.42 7.84 2.15
N VAL A 10 16.54 6.90 3.08
CA VAL A 10 15.93 5.59 2.95
C VAL A 10 14.41 5.73 3.00
N LEU A 11 13.69 4.71 2.54
CA LEU A 11 12.26 4.55 2.69
C LEU A 11 11.97 3.13 3.14
N SER A 12 11.56 2.97 4.38
CA SER A 12 11.01 1.72 4.87
C SER A 12 9.59 1.62 4.31
N TYR A 13 9.21 0.47 3.73
CA TYR A 13 7.82 0.22 3.39
C TYR A 13 7.05 -0.01 4.71
N ASP A 14 5.80 0.43 4.74
CA ASP A 14 5.09 0.88 5.93
C ASP A 14 4.16 -0.22 6.44
N LYS A 15 4.58 -0.98 7.46
CA LYS A 15 3.91 -2.25 7.74
C LYS A 15 2.75 -2.11 8.71
N GLU A 16 2.77 -1.12 9.60
CA GLU A 16 1.83 -1.07 10.73
C GLU A 16 1.08 0.26 10.75
N LYS A 17 1.73 1.36 10.35
CA LYS A 17 1.01 2.61 10.12
C LYS A 17 0.09 2.45 8.93
N LEU A 18 -0.90 3.33 8.83
CA LEU A 18 -1.92 3.26 7.79
C LEU A 18 -1.51 4.27 6.73
N ASN A 19 -0.87 3.78 5.67
CA ASN A 19 -0.24 4.61 4.65
C ASN A 19 -0.66 4.23 3.22
N TRP A 20 -1.60 3.29 3.07
CA TRP A 20 -2.08 2.83 1.78
C TRP A 20 -3.58 2.98 1.69
N LEU A 21 -4.06 3.31 0.50
CA LEU A 21 -5.46 3.52 0.14
C LEU A 21 -5.78 2.54 -0.99
N TYR A 22 -7.07 2.26 -1.18
CA TYR A 22 -7.54 1.54 -2.36
C TYR A 22 -8.94 2.04 -2.69
N LYS A 23 -9.39 1.86 -3.94
CA LYS A 23 -10.76 2.13 -4.35
C LYS A 23 -11.53 0.82 -4.46
N ASP A 24 -12.63 0.67 -3.73
CA ASP A 24 -13.48 -0.51 -3.86
C ASP A 24 -14.41 -0.35 -5.07
N PRO A 25 -15.08 -1.41 -5.55
CA PRO A 25 -16.06 -1.36 -6.63
C PRO A 25 -17.18 -0.34 -6.37
N GLN A 26 -17.51 -0.09 -5.09
CA GLN A 26 -18.53 0.85 -4.67
C GLN A 26 -18.17 2.29 -5.05
N GLY A 27 -16.91 2.54 -5.45
CA GLY A 27 -16.39 3.82 -5.89
C GLY A 27 -15.68 4.58 -4.76
N LEU A 28 -15.81 4.11 -3.52
CA LEU A 28 -15.21 4.73 -2.36
C LEU A 28 -13.72 4.44 -2.37
N VAL A 29 -12.89 5.48 -2.25
CA VAL A 29 -11.56 5.32 -1.71
C VAL A 29 -11.74 4.95 -0.23
N GLN A 30 -11.15 3.83 0.18
CA GLN A 30 -11.18 3.36 1.55
C GLN A 30 -9.81 3.48 2.19
N GLY A 31 -9.83 3.42 3.53
CA GLY A 31 -8.65 3.32 4.36
C GLY A 31 -8.34 4.65 5.04
N PRO A 32 -7.05 4.95 5.27
CA PRO A 32 -5.93 4.11 4.89
C PRO A 32 -5.83 2.83 5.73
N PHE A 33 -4.98 1.92 5.27
CA PHE A 33 -4.73 0.62 5.86
C PHE A 33 -3.22 0.40 5.93
N SER A 34 -2.81 -0.53 6.77
CA SER A 34 -1.44 -0.99 6.86
C SER A 34 -1.16 -2.03 5.79
N LEU A 35 0.11 -2.18 5.40
CA LEU A 35 0.50 -3.27 4.52
C LEU A 35 0.12 -4.60 5.14
N THR A 36 0.32 -4.78 6.45
CA THR A 36 -0.01 -6.04 7.10
C THR A 36 -1.50 -6.36 6.96
N GLN A 37 -2.41 -5.41 7.20
CA GLN A 37 -3.83 -5.65 6.99
C GLN A 37 -4.10 -6.02 5.54
N LEU A 38 -3.64 -5.21 4.58
CA LEU A 38 -3.85 -5.46 3.15
C LEU A 38 -3.32 -6.84 2.74
N LYS A 39 -2.18 -7.26 3.28
CA LYS A 39 -1.60 -8.57 3.06
C LYS A 39 -2.49 -9.64 3.66
N ALA A 40 -2.69 -9.62 4.97
CA ALA A 40 -3.41 -10.68 5.68
C ALA A 40 -4.88 -10.79 5.23
N TRP A 41 -5.43 -9.76 4.59
CA TRP A 41 -6.71 -9.81 3.90
C TRP A 41 -6.57 -10.52 2.54
N SER A 42 -5.61 -10.13 1.70
CA SER A 42 -5.34 -10.81 0.43
C SER A 42 -5.01 -12.29 0.67
N ASP A 43 -4.22 -12.58 1.70
CA ASP A 43 -3.74 -13.92 2.07
C ASP A 43 -4.86 -14.80 2.65
N ALA A 44 -6.04 -14.22 2.89
CA ALA A 44 -7.27 -14.92 3.25
C ALA A 44 -8.34 -14.81 2.15
N GLU A 45 -7.99 -14.24 1.00
CA GLU A 45 -8.84 -14.02 -0.17
C GLU A 45 -10.05 -13.12 0.11
N TYR A 46 -9.79 -11.95 0.69
CA TYR A 46 -10.76 -10.85 0.73
C TYR A 46 -10.74 -9.97 -0.52
N PHE A 47 -9.75 -10.11 -1.41
CA PHE A 47 -9.51 -9.19 -2.53
C PHE A 47 -9.43 -10.01 -3.83
N THR A 48 -8.78 -9.45 -4.86
CA THR A 48 -8.61 -10.07 -6.17
C THR A 48 -7.18 -9.85 -6.64
N LYS A 49 -6.74 -10.57 -7.68
CA LYS A 49 -5.39 -10.43 -8.23
C LYS A 49 -5.19 -9.03 -8.82
N GLN A 50 -6.19 -8.49 -9.51
CA GLN A 50 -6.17 -7.15 -10.10
C GLN A 50 -6.42 -6.04 -9.06
N PHE A 51 -6.29 -6.29 -7.77
CA PHE A 51 -6.41 -5.27 -6.74
C PHE A 51 -5.17 -4.37 -6.78
N ARG A 52 -5.28 -3.11 -7.25
CA ARG A 52 -4.22 -2.13 -7.07
C ARG A 52 -4.41 -1.35 -5.78
N VAL A 53 -3.35 -0.72 -5.27
CA VAL A 53 -3.34 0.13 -4.08
C VAL A 53 -2.42 1.32 -4.36
N TRP A 54 -2.60 2.45 -3.69
CA TRP A 54 -1.69 3.59 -3.79
C TRP A 54 -1.45 4.18 -2.40
N MET A 55 -0.43 5.03 -2.27
CA MET A 55 -0.04 5.61 -0.99
C MET A 55 -0.91 6.81 -0.60
N THR A 56 -0.97 7.11 0.70
CA THR A 56 -1.71 8.24 1.24
C THR A 56 -1.17 9.54 0.66
N GLY A 57 -2.00 10.28 -0.07
CA GLY A 57 -1.61 11.53 -0.67
C GLY A 57 -0.84 11.38 -1.98
N GLU A 58 -0.66 10.16 -2.50
CA GLU A 58 -0.25 9.93 -3.88
C GLU A 58 -1.49 9.72 -4.74
N SER A 59 -1.32 9.78 -6.06
CA SER A 59 -2.36 9.71 -7.07
C SER A 59 -2.78 8.26 -7.28
N MET A 60 -4.04 8.07 -7.68
CA MET A 60 -4.59 6.76 -7.98
C MET A 60 -3.95 6.17 -9.24
N GLU A 61 -3.60 7.03 -10.19
CA GLU A 61 -2.82 6.65 -11.37
C GLU A 61 -1.37 6.25 -11.01
N SER A 62 -0.90 6.56 -9.80
CA SER A 62 0.37 6.11 -9.26
C SER A 62 0.18 4.84 -8.40
N ALA A 63 -0.99 4.19 -8.48
CA ALA A 63 -1.22 2.92 -7.83
C ALA A 63 -0.28 1.85 -8.40
N VAL A 64 -0.11 0.80 -7.62
CA VAL A 64 0.71 -0.36 -7.89
C VAL A 64 -0.15 -1.60 -7.64
N LEU A 65 0.19 -2.72 -8.27
CA LEU A 65 -0.50 -3.97 -8.05
C LEU A 65 -0.15 -4.46 -6.66
N LEU A 66 -1.16 -4.84 -5.89
CA LEU A 66 -0.97 -5.35 -4.54
C LEU A 66 -0.02 -6.55 -4.53
N THR A 67 0.01 -7.36 -5.58
CA THR A 67 0.89 -8.53 -5.64
C THR A 67 2.36 -8.12 -5.62
N ASP A 68 2.68 -6.98 -6.24
CA ASP A 68 4.05 -6.49 -6.31
C ASP A 68 4.45 -6.03 -4.91
N VAL A 69 3.61 -5.19 -4.30
CA VAL A 69 3.81 -4.68 -2.95
C VAL A 69 3.96 -5.84 -1.96
N LEU A 70 3.15 -6.90 -2.08
CA LEU A 70 3.28 -8.15 -1.33
C LEU A 70 4.66 -8.75 -1.49
N ARG A 71 5.16 -8.92 -2.72
CA ARG A 71 6.46 -9.49 -2.99
C ARG A 71 7.61 -8.57 -2.56
N LEU A 72 7.38 -7.26 -2.45
CA LEU A 72 8.34 -6.29 -1.93
C LEU A 72 8.40 -6.26 -0.40
N SER A 73 7.52 -6.95 0.32
CA SER A 73 7.42 -6.90 1.78
C SER A 73 7.55 -8.31 2.38
N GLY A 74 6.84 -9.28 1.80
CA GLY A 74 7.19 -10.68 1.90
C GLY A 74 8.55 -10.97 1.26
N PRO A 75 9.09 -12.18 1.46
CA PRO A 75 10.46 -12.53 1.11
C PRO A 75 10.62 -12.79 -0.38
N SER A 76 11.88 -12.90 -0.78
CA SER A 76 12.26 -13.30 -2.10
C SER A 76 12.24 -14.83 -2.11
N SER A 77 11.07 -15.40 -2.38
CA SER A 77 10.68 -16.79 -2.17
C SER A 77 10.50 -17.06 -0.68
N GLY A 78 9.56 -17.94 -0.34
CA GLY A 78 9.67 -18.81 0.81
C GLY A 78 9.99 -20.18 0.27
N GLY A 1 14.95 22.65 7.85
CA GLY A 1 14.43 22.91 6.51
C GLY A 1 15.52 23.34 5.57
N SER A 2 15.27 23.19 4.26
CA SER A 2 16.12 23.59 3.14
C SER A 2 17.61 23.40 3.40
N SER A 3 17.99 22.19 3.82
CA SER A 3 19.36 21.74 3.97
C SER A 3 19.36 20.21 3.82
N GLY A 4 20.53 19.60 3.66
CA GLY A 4 20.64 18.18 3.36
C GLY A 4 20.87 18.02 1.87
N SER A 5 20.53 16.85 1.32
CA SER A 5 20.91 16.47 -0.03
C SER A 5 19.75 15.72 -0.71
N SER A 6 19.42 16.13 -1.93
CA SER A 6 18.44 15.51 -2.80
C SER A 6 19.13 14.40 -3.60
N GLY A 7 18.83 13.14 -3.27
CA GLY A 7 19.36 12.00 -3.98
C GLY A 7 18.96 10.72 -3.27
N VAL A 8 19.84 10.19 -2.42
CA VAL A 8 19.71 8.91 -1.70
C VAL A 8 18.75 9.00 -0.51
N ARG A 9 17.50 9.40 -0.77
CA ARG A 9 16.43 9.35 0.21
C ARG A 9 16.23 7.91 0.66
N VAL A 10 15.89 7.71 1.93
CA VAL A 10 15.49 6.40 2.46
C VAL A 10 14.03 6.14 2.08
N LEU A 11 13.65 4.87 1.98
CA LEU A 11 12.31 4.45 1.63
C LEU A 11 12.02 3.05 2.15
N SER A 12 11.59 2.96 3.40
CA SER A 12 11.01 1.72 3.92
C SER A 12 9.61 1.60 3.32
N TYR A 13 9.26 0.42 2.81
CA TYR A 13 7.87 0.12 2.48
C TYR A 13 7.11 0.10 3.80
N ASP A 14 6.29 1.12 4.03
CA ASP A 14 5.59 1.31 5.29
C ASP A 14 4.50 0.25 5.43
N LYS A 15 4.80 -0.79 6.20
CA LYS A 15 3.93 -1.97 6.29
C LYS A 15 3.01 -1.93 7.48
N GLU A 16 3.43 -1.34 8.59
CA GLU A 16 2.84 -1.49 9.91
C GLU A 16 1.94 -0.31 10.28
N LYS A 17 1.87 0.68 9.39
CA LYS A 17 1.12 1.90 9.60
C LYS A 17 0.15 2.05 8.44
N LEU A 18 -1.03 2.61 8.70
CA LEU A 18 -2.06 2.85 7.74
C LEU A 18 -1.61 3.89 6.73
N ASN A 19 -1.09 3.42 5.59
CA ASN A 19 -0.41 4.26 4.59
C ASN A 19 -0.81 3.97 3.14
N TRP A 20 -1.74 3.05 2.90
CA TRP A 20 -2.07 2.56 1.58
C TRP A 20 -3.58 2.61 1.36
N LEU A 21 -4.00 3.23 0.28
CA LEU A 21 -5.37 3.51 -0.11
C LEU A 21 -5.76 2.53 -1.24
N TYR A 22 -7.07 2.29 -1.45
CA TYR A 22 -7.57 1.50 -2.58
C TYR A 22 -8.96 2.01 -2.99
N LYS A 23 -9.50 1.61 -4.16
CA LYS A 23 -10.88 1.89 -4.58
C LYS A 23 -11.73 0.62 -4.55
N ASP A 24 -12.72 0.58 -3.68
CA ASP A 24 -13.71 -0.51 -3.63
C ASP A 24 -14.71 -0.33 -4.79
N PRO A 25 -15.53 -1.31 -5.14
CA PRO A 25 -16.48 -1.24 -6.26
C PRO A 25 -17.70 -0.38 -5.92
N GLN A 26 -17.78 0.10 -4.68
CA GLN A 26 -18.66 1.18 -4.27
C GLN A 26 -18.26 2.49 -4.96
N GLY A 27 -17.00 2.62 -5.40
CA GLY A 27 -16.46 3.88 -5.89
C GLY A 27 -16.15 4.83 -4.73
N LEU A 28 -15.81 4.30 -3.54
CA LEU A 28 -15.25 5.06 -2.43
C LEU A 28 -13.74 4.77 -2.37
N VAL A 29 -13.00 5.56 -1.61
CA VAL A 29 -11.58 5.37 -1.34
C VAL A 29 -11.46 5.13 0.16
N GLN A 30 -11.49 3.87 0.55
CA GLN A 30 -11.41 3.45 1.94
C GLN A 30 -10.01 3.76 2.48
N GLY A 31 -9.80 3.51 3.78
CA GLY A 31 -8.46 3.48 4.33
C GLY A 31 -7.99 4.84 4.83
N PRO A 32 -6.67 5.04 4.98
CA PRO A 32 -5.62 4.13 4.54
C PRO A 32 -5.49 2.89 5.41
N PHE A 33 -4.69 1.93 4.95
CA PHE A 33 -4.48 0.63 5.56
C PHE A 33 -3.00 0.30 5.58
N SER A 34 -2.59 -0.50 6.57
CA SER A 34 -1.26 -1.06 6.65
C SER A 34 -1.17 -2.21 5.66
N LEU A 35 0.01 -2.38 5.05
CA LEU A 35 0.27 -3.47 4.12
C LEU A 35 0.04 -4.82 4.77
N THR A 36 0.31 -4.97 6.06
CA THR A 36 0.14 -6.24 6.75
C THR A 36 -1.35 -6.57 6.92
N GLN A 37 -2.21 -5.56 7.11
CA GLN A 37 -3.66 -5.74 7.11
C GLN A 37 -4.12 -6.12 5.71
N LEU A 38 -3.68 -5.37 4.69
CA LEU A 38 -4.02 -5.67 3.28
C LEU A 38 -3.57 -7.08 2.89
N LYS A 39 -2.38 -7.51 3.32
CA LYS A 39 -1.89 -8.86 3.10
C LYS A 39 -2.82 -9.87 3.75
N ALA A 40 -3.20 -9.68 5.02
CA ALA A 40 -4.09 -10.60 5.70
C ALA A 40 -5.41 -10.75 4.94
N TRP A 41 -5.97 -9.66 4.41
CA TRP A 41 -7.20 -9.69 3.64
C TRP A 41 -6.99 -10.35 2.27
N SER A 42 -5.86 -10.12 1.60
CA SER A 42 -5.46 -10.84 0.40
C SER A 42 -5.40 -12.35 0.67
N ASP A 43 -4.77 -12.76 1.78
CA ASP A 43 -4.66 -14.13 2.25
C ASP A 43 -6.02 -14.73 2.65
N ALA A 44 -7.01 -13.89 2.88
CA ALA A 44 -8.41 -14.24 3.15
C ALA A 44 -9.29 -14.01 1.91
N GLU A 45 -8.65 -13.77 0.75
CA GLU A 45 -9.24 -13.72 -0.57
C GLU A 45 -10.31 -12.62 -0.72
N TYR A 46 -10.25 -11.58 0.12
CA TYR A 46 -11.16 -10.42 0.10
C TYR A 46 -10.88 -9.42 -1.03
N PHE A 47 -9.87 -9.64 -1.87
CA PHE A 47 -9.38 -8.66 -2.81
C PHE A 47 -9.20 -9.32 -4.16
N THR A 48 -9.25 -8.48 -5.19
CA THR A 48 -9.46 -8.89 -6.56
C THR A 48 -8.15 -9.41 -7.13
N LYS A 49 -8.20 -10.33 -8.10
CA LYS A 49 -7.00 -11.02 -8.56
C LYS A 49 -5.94 -10.14 -9.25
N GLN A 50 -6.20 -8.84 -9.47
CA GLN A 50 -5.22 -7.78 -9.66
C GLN A 50 -5.71 -6.52 -8.92
N PHE A 51 -5.68 -6.56 -7.59
CA PHE A 51 -5.99 -5.45 -6.71
C PHE A 51 -4.83 -4.44 -6.74
N ARG A 52 -5.03 -3.20 -7.18
CA ARG A 52 -4.01 -2.17 -7.05
C ARG A 52 -4.25 -1.33 -5.79
N VAL A 53 -3.18 -0.72 -5.28
CA VAL A 53 -3.20 0.19 -4.14
C VAL A 53 -2.27 1.37 -4.44
N TRP A 54 -2.49 2.51 -3.80
CA TRP A 54 -1.61 3.66 -3.90
C TRP A 54 -1.25 4.14 -2.50
N MET A 55 -0.16 4.89 -2.37
CA MET A 55 0.22 5.45 -1.08
C MET A 55 -0.73 6.58 -0.70
N THR A 56 -0.70 7.01 0.56
CA THR A 56 -1.45 8.17 0.96
C THR A 56 -0.97 9.41 0.19
N GLY A 57 -1.89 10.32 -0.08
CA GLY A 57 -1.68 11.53 -0.88
C GLY A 57 -1.58 11.27 -2.39
N GLU A 58 -0.98 10.16 -2.82
CA GLU A 58 -0.80 9.83 -4.24
C GLU A 58 -2.15 9.72 -4.96
N SER A 59 -2.12 9.79 -6.28
CA SER A 59 -3.29 9.53 -7.09
C SER A 59 -3.40 8.03 -7.36
N MET A 60 -4.60 7.58 -7.74
CA MET A 60 -4.86 6.19 -8.09
C MET A 60 -4.28 5.84 -9.46
N GLU A 61 -4.11 6.83 -10.35
CA GLU A 61 -3.29 6.69 -11.54
C GLU A 61 -1.79 6.54 -11.21
N SER A 62 -1.39 6.71 -9.94
CA SER A 62 -0.06 6.45 -9.39
C SER A 62 -0.08 5.14 -8.56
N ALA A 63 -1.14 4.33 -8.63
CA ALA A 63 -1.22 3.06 -7.91
C ALA A 63 -0.24 2.02 -8.48
N VAL A 64 -0.05 0.95 -7.71
CA VAL A 64 0.80 -0.19 -8.01
C VAL A 64 0.02 -1.47 -7.69
N LEU A 65 0.48 -2.61 -8.21
CA LEU A 65 -0.13 -3.90 -7.92
C LEU A 65 0.26 -4.28 -6.50
N LEU A 66 -0.75 -4.55 -5.65
CA LEU A 66 -0.56 -5.05 -4.29
C LEU A 66 0.37 -6.28 -4.30
N THR A 67 0.36 -7.12 -5.33
CA THR A 67 1.14 -8.35 -5.34
C THR A 67 2.64 -8.09 -5.48
N ASP A 68 3.03 -6.99 -6.13
CA ASP A 68 4.42 -6.53 -6.20
C ASP A 68 4.84 -6.02 -4.82
N VAL A 69 3.99 -5.20 -4.20
CA VAL A 69 4.21 -4.66 -2.87
C VAL A 69 4.27 -5.80 -1.82
N LEU A 70 3.54 -6.90 -2.03
CA LEU A 70 3.57 -8.12 -1.21
C LEU A 70 4.99 -8.68 -1.12
N ARG A 71 5.70 -8.73 -2.25
CA ARG A 71 7.11 -9.12 -2.33
C ARG A 71 7.97 -8.05 -1.66
N LEU A 72 7.82 -6.79 -2.10
CA LEU A 72 8.78 -5.73 -1.77
C LEU A 72 8.80 -5.42 -0.27
N SER A 73 7.66 -5.58 0.41
CA SER A 73 7.46 -5.14 1.79
C SER A 73 7.76 -6.28 2.78
N GLY A 74 8.90 -6.93 2.57
CA GLY A 74 9.36 -8.08 3.29
C GLY A 74 10.58 -8.66 2.56
N PRO A 75 11.15 -9.76 3.05
CA PRO A 75 12.11 -10.53 2.28
C PRO A 75 11.39 -11.21 1.11
N SER A 76 12.09 -11.37 -0.02
CA SER A 76 11.48 -12.02 -1.16
C SER A 76 11.33 -13.51 -0.89
N SER A 77 12.28 -14.13 -0.18
CA SER A 77 12.23 -15.50 0.32
C SER A 77 11.97 -16.50 -0.81
N GLY A 78 12.94 -16.61 -1.72
CA GLY A 78 12.90 -17.58 -2.80
C GLY A 78 12.81 -18.99 -2.26
N GLY A 1 0.87 21.50 19.23
CA GLY A 1 1.14 21.72 17.81
C GLY A 1 2.63 21.54 17.57
N SER A 2 3.02 20.78 16.56
CA SER A 2 4.42 20.41 16.34
C SER A 2 4.78 20.47 14.85
N SER A 3 6.07 20.33 14.56
CA SER A 3 6.56 20.07 13.21
C SER A 3 6.20 18.63 12.82
N GLY A 4 6.59 18.22 11.60
CA GLY A 4 6.24 16.94 11.05
C GLY A 4 6.80 16.82 9.65
N SER A 5 8.04 16.36 9.57
CA SER A 5 8.90 16.46 8.42
C SER A 5 9.59 15.11 8.16
N SER A 6 8.78 14.05 8.12
CA SER A 6 9.07 12.86 7.33
C SER A 6 9.20 13.23 5.84
N GLY A 7 9.52 12.28 4.96
CA GLY A 7 9.86 12.51 3.58
C GLY A 7 11.06 11.65 3.22
N VAL A 8 12.16 12.26 2.77
CA VAL A 8 13.43 11.63 2.45
C VAL A 8 13.30 10.76 1.20
N ARG A 9 14.41 10.57 0.49
CA ARG A 9 14.52 9.64 -0.63
C ARG A 9 14.97 8.28 -0.13
N VAL A 10 14.10 7.63 0.62
CA VAL A 10 14.22 6.22 0.96
C VAL A 10 12.95 5.56 0.45
N LEU A 11 13.09 4.35 -0.09
CA LEU A 11 11.96 3.52 -0.47
C LEU A 11 11.85 2.36 0.50
N SER A 12 11.46 2.72 1.72
CA SER A 12 10.89 1.79 2.67
C SER A 12 9.49 1.49 2.22
N TYR A 13 9.00 0.32 2.60
CA TYR A 13 7.60 0.01 2.67
C TYR A 13 7.37 -0.18 4.18
N ASP A 14 6.81 0.81 4.87
CA ASP A 14 6.30 0.61 6.24
C ASP A 14 5.17 -0.39 6.10
N LYS A 15 4.95 -1.26 7.10
CA LYS A 15 3.85 -2.23 7.03
C LYS A 15 2.92 -2.24 8.23
N GLU A 16 3.11 -1.31 9.17
CA GLU A 16 2.33 -1.24 10.41
C GLU A 16 1.48 0.02 10.43
N LYS A 17 2.08 1.19 10.20
CA LYS A 17 1.28 2.43 10.13
C LYS A 17 0.32 2.34 8.96
N LEU A 18 -0.76 3.12 9.00
CA LEU A 18 -1.78 3.09 7.97
C LEU A 18 -1.36 4.12 6.94
N ASN A 19 -0.93 3.66 5.76
CA ASN A 19 -0.28 4.52 4.78
C ASN A 19 -0.72 4.23 3.34
N TRP A 20 -1.60 3.25 3.12
CA TRP A 20 -2.00 2.81 1.79
C TRP A 20 -3.51 2.85 1.64
N LEU A 21 -3.98 3.52 0.60
CA LEU A 21 -5.39 3.68 0.24
C LEU A 21 -5.74 2.61 -0.81
N TYR A 22 -7.03 2.31 -0.97
CA TYR A 22 -7.50 1.53 -2.11
C TYR A 22 -8.88 2.02 -2.55
N LYS A 23 -9.18 1.89 -3.84
CA LYS A 23 -10.50 2.11 -4.40
C LYS A 23 -11.25 0.79 -4.37
N ASP A 24 -12.34 0.74 -3.62
CA ASP A 24 -13.20 -0.43 -3.54
C ASP A 24 -14.03 -0.57 -4.84
N PRO A 25 -14.81 -1.65 -5.01
CA PRO A 25 -15.58 -1.85 -6.24
C PRO A 25 -16.86 -1.00 -6.30
N GLN A 26 -17.21 -0.32 -5.20
CA GLN A 26 -18.29 0.65 -5.12
C GLN A 26 -17.79 2.04 -5.61
N GLY A 27 -16.50 2.17 -5.92
CA GLY A 27 -15.90 3.41 -6.40
C GLY A 27 -15.62 4.39 -5.26
N LEU A 28 -15.66 3.93 -4.01
CA LEU A 28 -15.23 4.71 -2.85
C LEU A 28 -13.75 4.44 -2.65
N VAL A 29 -12.98 5.46 -2.25
CA VAL A 29 -11.67 5.21 -1.66
C VAL A 29 -11.92 4.80 -0.21
N GLN A 30 -11.35 3.69 0.22
CA GLN A 30 -11.28 3.29 1.62
C GLN A 30 -9.84 3.51 2.09
N GLY A 31 -9.65 3.55 3.42
CA GLY A 31 -8.35 3.56 4.04
C GLY A 31 -7.93 4.94 4.53
N PRO A 32 -6.68 5.11 4.98
CA PRO A 32 -5.59 4.19 4.68
C PRO A 32 -5.58 2.94 5.57
N PHE A 33 -4.75 1.97 5.19
CA PHE A 33 -4.58 0.67 5.79
C PHE A 33 -3.09 0.37 5.92
N SER A 34 -2.77 -0.63 6.73
CA SER A 34 -1.43 -1.16 6.80
C SER A 34 -1.19 -2.15 5.67
N LEU A 35 0.08 -2.32 5.28
CA LEU A 35 0.45 -3.38 4.36
C LEU A 35 0.23 -4.74 4.99
N THR A 36 0.42 -4.90 6.30
CA THR A 36 0.15 -6.18 6.93
C THR A 36 -1.34 -6.52 6.80
N GLN A 37 -2.25 -5.58 7.07
CA GLN A 37 -3.67 -5.85 6.90
C GLN A 37 -4.02 -6.10 5.44
N LEU A 38 -3.51 -5.30 4.50
CA LEU A 38 -3.78 -5.50 3.07
C LEU A 38 -3.29 -6.88 2.60
N LYS A 39 -2.13 -7.30 3.08
CA LYS A 39 -1.58 -8.64 2.86
C LYS A 39 -2.51 -9.68 3.44
N ALA A 40 -2.78 -9.63 4.73
CA ALA A 40 -3.59 -10.62 5.43
C ALA A 40 -4.99 -10.73 4.83
N TRP A 41 -5.55 -9.64 4.28
CA TRP A 41 -6.84 -9.65 3.63
C TRP A 41 -6.78 -10.31 2.26
N SER A 42 -5.74 -10.07 1.45
CA SER A 42 -5.61 -10.81 0.21
C SER A 42 -5.40 -12.29 0.51
N ASP A 43 -4.60 -12.59 1.54
CA ASP A 43 -4.32 -13.92 2.03
C ASP A 43 -5.65 -14.59 2.40
N ALA A 44 -6.46 -13.90 3.21
CA ALA A 44 -7.81 -14.30 3.62
C ALA A 44 -8.87 -14.18 2.50
N GLU A 45 -8.50 -14.05 1.23
CA GLU A 45 -9.37 -14.09 0.05
C GLU A 45 -10.37 -12.93 -0.04
N TYR A 46 -10.21 -11.86 0.75
CA TYR A 46 -11.09 -10.68 0.71
C TYR A 46 -10.85 -9.77 -0.50
N PHE A 47 -9.79 -9.98 -1.30
CA PHE A 47 -9.42 -9.10 -2.41
C PHE A 47 -9.39 -9.87 -3.73
N THR A 48 -8.94 -9.22 -4.81
CA THR A 48 -9.10 -9.72 -6.17
C THR A 48 -7.75 -9.71 -6.89
N LYS A 49 -7.68 -10.36 -8.06
CA LYS A 49 -6.46 -10.39 -8.88
C LYS A 49 -6.07 -8.99 -9.38
N GLN A 50 -7.04 -8.10 -9.51
CA GLN A 50 -6.87 -6.77 -10.07
C GLN A 50 -6.99 -5.72 -8.97
N PHE A 51 -6.64 -6.07 -7.73
CA PHE A 51 -6.57 -5.12 -6.64
C PHE A 51 -5.27 -4.34 -6.72
N ARG A 52 -5.33 -3.03 -6.46
CA ARG A 52 -4.18 -2.14 -6.42
C ARG A 52 -4.23 -1.27 -5.18
N VAL A 53 -3.08 -0.73 -4.75
CA VAL A 53 -3.01 0.27 -3.70
C VAL A 53 -2.08 1.40 -4.11
N TRP A 54 -2.26 2.57 -3.50
CA TRP A 54 -1.40 3.74 -3.61
C TRP A 54 -1.19 4.31 -2.22
N MET A 55 -0.09 5.03 -1.98
CA MET A 55 0.15 5.64 -0.68
C MET A 55 -0.65 6.93 -0.51
N THR A 56 -0.77 7.42 0.74
CA THR A 56 -1.34 8.73 0.98
C THR A 56 -0.49 9.77 0.23
N GLY A 57 -1.10 10.87 -0.19
CA GLY A 57 -0.44 11.94 -0.93
C GLY A 57 -0.10 11.62 -2.39
N GLU A 58 0.00 10.35 -2.81
CA GLU A 58 0.25 9.97 -4.20
C GLU A 58 -1.02 10.14 -5.03
N SER A 59 -0.92 9.96 -6.34
CA SER A 59 -2.05 9.84 -7.24
C SER A 59 -2.63 8.42 -7.16
N MET A 60 -3.95 8.32 -7.27
CA MET A 60 -4.63 7.03 -7.38
C MET A 60 -4.16 6.30 -8.63
N GLU A 61 -3.98 7.00 -9.73
CA GLU A 61 -3.62 6.36 -10.98
C GLU A 61 -2.15 5.91 -10.99
N SER A 62 -1.34 6.37 -10.02
CA SER A 62 -0.01 5.84 -9.72
C SER A 62 -0.07 4.50 -8.96
N ALA A 63 -1.28 4.02 -8.62
CA ALA A 63 -1.46 2.80 -7.85
C ALA A 63 -0.80 1.62 -8.56
N VAL A 64 -0.25 0.71 -7.75
CA VAL A 64 0.51 -0.46 -8.16
C VAL A 64 -0.30 -1.72 -7.86
N LEU A 65 0.04 -2.89 -8.39
CA LEU A 65 -0.62 -4.14 -8.06
C LEU A 65 -0.32 -4.50 -6.61
N LEU A 66 -1.36 -4.87 -5.87
CA LEU A 66 -1.20 -5.30 -4.48
C LEU A 66 -0.25 -6.50 -4.37
N THR A 67 -0.16 -7.36 -5.39
CA THR A 67 0.76 -8.48 -5.34
C THR A 67 2.22 -8.03 -5.34
N ASP A 68 2.54 -7.01 -6.14
CA ASP A 68 3.88 -6.42 -6.24
C ASP A 68 4.26 -5.92 -4.87
N VAL A 69 3.38 -5.15 -4.23
CA VAL A 69 3.59 -4.62 -2.89
C VAL A 69 3.75 -5.77 -1.88
N LEU A 70 2.96 -6.84 -1.98
CA LEU A 70 3.10 -8.05 -1.14
C LEU A 70 4.41 -8.81 -1.36
N ARG A 71 5.14 -8.56 -2.46
CA ARG A 71 6.51 -9.01 -2.64
C ARG A 71 7.48 -7.99 -2.06
N LEU A 72 7.31 -6.71 -2.41
CA LEU A 72 8.19 -5.62 -1.99
C LEU A 72 8.23 -5.49 -0.46
N SER A 73 7.17 -5.91 0.22
CA SER A 73 7.06 -5.96 1.67
C SER A 73 7.70 -7.27 2.17
N GLY A 74 9.03 -7.31 2.25
CA GLY A 74 9.76 -8.45 2.81
C GLY A 74 10.91 -7.98 3.71
N PRO A 75 11.44 -8.85 4.58
CA PRO A 75 12.51 -8.52 5.50
C PRO A 75 13.87 -8.57 4.79
N SER A 76 14.20 -7.51 4.05
CA SER A 76 15.54 -7.21 3.58
C SER A 76 15.95 -5.88 4.18
N SER A 77 17.25 -5.70 4.41
CA SER A 77 17.88 -4.43 4.64
C SER A 77 19.31 -4.58 4.19
N GLY A 78 19.56 -4.26 2.92
CA GLY A 78 20.83 -4.57 2.30
C GLY A 78 21.83 -3.46 2.51
N GLY A 1 17.14 26.14 20.16
CA GLY A 1 17.23 24.92 20.97
C GLY A 1 17.62 23.80 20.03
N SER A 2 16.82 22.74 19.98
CA SER A 2 16.71 21.87 18.83
C SER A 2 16.35 22.67 17.57
N SER A 3 16.45 22.04 16.40
CA SER A 3 15.84 22.48 15.16
C SER A 3 15.33 21.26 14.39
N GLY A 4 14.77 21.48 13.20
CA GLY A 4 14.07 20.49 12.40
C GLY A 4 12.62 20.93 12.24
N SER A 5 12.10 20.83 11.02
CA SER A 5 10.68 21.01 10.70
C SER A 5 10.32 19.98 9.62
N SER A 6 11.09 19.89 8.54
CA SER A 6 11.08 18.74 7.64
C SER A 6 11.59 17.49 8.39
N GLY A 7 11.48 16.32 7.75
CA GLY A 7 11.91 15.04 8.29
C GLY A 7 12.21 14.07 7.16
N VAL A 8 13.49 13.92 6.82
CA VAL A 8 13.95 13.06 5.73
C VAL A 8 14.01 11.61 6.25
N ARG A 9 12.85 11.04 6.58
CA ARG A 9 12.75 9.61 6.93
C ARG A 9 13.14 8.76 5.73
N VAL A 10 13.68 7.56 6.00
CA VAL A 10 14.02 6.60 4.96
C VAL A 10 12.73 6.08 4.33
N LEU A 11 12.84 5.40 3.19
CA LEU A 11 11.71 4.71 2.60
C LEU A 11 11.63 3.25 3.02
N SER A 12 11.35 3.04 4.30
CA SER A 12 10.90 1.75 4.82
C SER A 12 9.45 1.58 4.40
N TYR A 13 9.08 0.40 3.89
CA TYR A 13 7.67 0.03 3.88
C TYR A 13 7.34 -0.33 5.32
N ASP A 14 6.69 0.60 6.03
CA ASP A 14 6.24 0.44 7.40
C ASP A 14 4.95 -0.38 7.35
N LYS A 15 4.97 -1.65 7.72
CA LYS A 15 3.77 -2.46 7.50
C LYS A 15 2.64 -2.06 8.43
N GLU A 16 2.92 -1.59 9.65
CA GLU A 16 1.93 -1.47 10.70
C GLU A 16 1.16 -0.17 10.53
N LYS A 17 1.85 0.89 10.10
CA LYS A 17 1.21 2.20 10.05
C LYS A 17 0.21 2.23 8.90
N LEU A 18 -0.94 2.87 9.08
CA LEU A 18 -1.96 2.89 8.05
C LEU A 18 -1.57 3.94 7.03
N ASN A 19 -1.11 3.54 5.84
CA ASN A 19 -0.60 4.49 4.84
C ASN A 19 -0.97 4.18 3.39
N TRP A 20 -1.77 3.15 3.13
CA TRP A 20 -2.10 2.70 1.79
C TRP A 20 -3.60 2.83 1.55
N LEU A 21 -3.97 3.63 0.57
CA LEU A 21 -5.32 3.92 0.13
C LEU A 21 -5.70 2.91 -0.96
N TYR A 22 -7.01 2.69 -1.16
CA TYR A 22 -7.50 1.97 -2.32
C TYR A 22 -8.94 2.40 -2.64
N LYS A 23 -9.42 2.05 -3.84
CA LYS A 23 -10.84 2.17 -4.20
C LYS A 23 -11.44 0.76 -4.27
N ASP A 24 -12.36 0.49 -3.36
CA ASP A 24 -13.15 -0.77 -3.31
C ASP A 24 -14.00 -0.87 -4.61
N PRO A 25 -14.71 -1.97 -4.87
CA PRO A 25 -15.66 -2.09 -5.96
C PRO A 25 -17.00 -1.40 -5.60
N GLN A 26 -16.93 -0.26 -4.92
CA GLN A 26 -18.05 0.54 -4.43
C GLN A 26 -17.95 2.00 -4.93
N GLY A 27 -16.78 2.42 -5.44
CA GLY A 27 -16.50 3.75 -5.97
C GLY A 27 -15.94 4.75 -4.95
N LEU A 28 -15.79 4.39 -3.68
CA LEU A 28 -15.33 5.21 -2.56
C LEU A 28 -13.84 4.95 -2.30
N VAL A 29 -13.08 5.98 -1.93
CA VAL A 29 -11.68 5.83 -1.49
C VAL A 29 -11.70 5.40 -0.03
N GLN A 30 -11.56 4.10 0.18
CA GLN A 30 -11.32 3.59 1.52
C GLN A 30 -9.87 3.90 1.89
N GLY A 31 -9.58 3.93 3.19
CA GLY A 31 -8.23 3.90 3.70
C GLY A 31 -7.81 5.19 4.39
N PRO A 32 -6.53 5.25 4.81
CA PRO A 32 -5.50 4.28 4.49
C PRO A 32 -5.54 3.04 5.39
N PHE A 33 -4.76 2.03 5.04
CA PHE A 33 -4.64 0.74 5.71
C PHE A 33 -3.17 0.36 5.85
N SER A 34 -2.89 -0.64 6.70
CA SER A 34 -1.57 -1.21 6.89
C SER A 34 -1.27 -2.21 5.78
N LEU A 35 0.01 -2.40 5.47
CA LEU A 35 0.41 -3.45 4.56
C LEU A 35 0.10 -4.82 5.16
N THR A 36 0.17 -4.97 6.47
CA THR A 36 -0.19 -6.21 7.14
C THR A 36 -1.66 -6.54 6.86
N GLN A 37 -2.59 -5.61 7.12
CA GLN A 37 -4.02 -5.82 6.88
C GLN A 37 -4.24 -6.12 5.40
N LEU A 38 -3.68 -5.31 4.50
CA LEU A 38 -3.82 -5.51 3.07
C LEU A 38 -3.32 -6.90 2.64
N LYS A 39 -2.16 -7.34 3.14
CA LYS A 39 -1.67 -8.68 2.85
C LYS A 39 -2.61 -9.74 3.39
N ALA A 40 -2.97 -9.69 4.67
CA ALA A 40 -3.80 -10.70 5.29
C ALA A 40 -5.17 -10.79 4.62
N TRP A 41 -5.68 -9.69 4.06
CA TRP A 41 -6.91 -9.67 3.29
C TRP A 41 -6.70 -10.32 1.93
N SER A 42 -5.60 -10.03 1.24
CA SER A 42 -5.28 -10.70 -0.02
C SER A 42 -5.10 -12.21 0.22
N ASP A 43 -4.41 -12.60 1.28
CA ASP A 43 -4.20 -13.97 1.75
C ASP A 43 -5.54 -14.69 1.93
N ALA A 44 -6.59 -13.95 2.28
CA ALA A 44 -7.92 -14.46 2.60
C ALA A 44 -8.90 -14.34 1.41
N GLU A 45 -8.42 -13.95 0.22
CA GLU A 45 -9.23 -13.74 -0.99
C GLU A 45 -10.27 -12.62 -0.84
N TYR A 46 -10.09 -11.70 0.11
CA TYR A 46 -10.97 -10.53 0.23
C TYR A 46 -10.68 -9.47 -0.83
N PHE A 47 -9.67 -9.65 -1.69
CA PHE A 47 -9.32 -8.72 -2.76
C PHE A 47 -9.26 -9.46 -4.09
N THR A 48 -9.14 -8.70 -5.17
CA THR A 48 -9.35 -9.18 -6.51
C THR A 48 -8.01 -9.45 -7.19
N LYS A 49 -8.01 -10.33 -8.18
CA LYS A 49 -6.84 -10.76 -8.95
C LYS A 49 -6.16 -9.60 -9.69
N GLN A 50 -6.77 -8.41 -9.75
CA GLN A 50 -6.20 -7.19 -10.31
C GLN A 50 -6.36 -6.00 -9.33
N PHE A 51 -6.30 -6.24 -8.02
CA PHE A 51 -6.40 -5.19 -7.02
C PHE A 51 -5.13 -4.33 -6.99
N ARG A 52 -5.26 -3.03 -6.78
CA ARG A 52 -4.14 -2.12 -6.58
C ARG A 52 -4.32 -1.25 -5.36
N VAL A 53 -3.21 -0.72 -4.86
CA VAL A 53 -3.15 0.19 -3.73
C VAL A 53 -2.22 1.33 -4.11
N TRP A 54 -2.46 2.52 -3.56
CA TRP A 54 -1.59 3.67 -3.70
C TRP A 54 -1.27 4.19 -2.31
N MET A 55 -0.16 4.91 -2.14
CA MET A 55 0.14 5.53 -0.85
C MET A 55 -0.68 6.80 -0.68
N THR A 56 -0.67 7.35 0.52
CA THR A 56 -1.41 8.57 0.83
C THR A 56 -0.91 9.75 -0.02
N GLY A 57 -1.77 10.73 -0.24
CA GLY A 57 -1.54 11.91 -1.07
C GLY A 57 -1.45 11.62 -2.57
N GLU A 58 -1.09 10.40 -2.96
CA GLU A 58 -0.85 10.06 -4.36
C GLU A 58 -2.16 9.96 -5.16
N SER A 59 -2.00 9.79 -6.47
CA SER A 59 -3.04 9.52 -7.43
C SER A 59 -3.34 8.03 -7.48
N MET A 60 -4.60 7.68 -7.78
CA MET A 60 -4.96 6.29 -8.06
C MET A 60 -4.28 5.77 -9.33
N GLU A 61 -3.89 6.65 -10.26
CA GLU A 61 -3.10 6.27 -11.43
C GLU A 61 -1.63 5.96 -11.05
N SER A 62 -1.25 6.24 -9.81
CA SER A 62 0.03 5.91 -9.20
C SER A 62 -0.19 4.75 -8.20
N ALA A 63 -1.20 3.89 -8.44
CA ALA A 63 -1.47 2.69 -7.66
C ALA A 63 -0.78 1.47 -8.30
N VAL A 64 -0.10 0.69 -7.49
CA VAL A 64 0.67 -0.48 -7.88
C VAL A 64 -0.11 -1.75 -7.57
N LEU A 65 0.23 -2.88 -8.20
CA LEU A 65 -0.36 -4.16 -7.92
C LEU A 65 -0.07 -4.51 -6.48
N LEU A 66 -1.13 -4.79 -5.73
CA LEU A 66 -1.00 -5.31 -4.39
C LEU A 66 -0.05 -6.53 -4.35
N THR A 67 -0.09 -7.37 -5.38
CA THR A 67 0.70 -8.58 -5.48
C THR A 67 2.20 -8.30 -5.73
N ASP A 68 2.54 -7.08 -6.17
CA ASP A 68 3.91 -6.58 -6.29
C ASP A 68 4.36 -6.15 -4.90
N VAL A 69 3.58 -5.26 -4.27
CA VAL A 69 3.83 -4.71 -2.95
C VAL A 69 4.08 -5.83 -1.92
N LEU A 70 3.34 -6.92 -1.99
CA LEU A 70 3.50 -8.12 -1.15
C LEU A 70 4.95 -8.63 -1.17
N ARG A 71 5.60 -8.71 -2.33
CA ARG A 71 7.01 -9.06 -2.48
C ARG A 71 7.90 -7.94 -1.96
N LEU A 72 7.61 -6.69 -2.35
CA LEU A 72 8.43 -5.53 -2.01
C LEU A 72 8.65 -5.44 -0.50
N SER A 73 7.58 -5.53 0.28
CA SER A 73 7.60 -5.52 1.74
C SER A 73 8.27 -6.77 2.30
N GLY A 74 9.55 -6.68 2.67
CA GLY A 74 10.27 -7.78 3.28
C GLY A 74 10.11 -7.79 4.80
N PRO A 75 10.26 -8.95 5.46
CA PRO A 75 10.60 -9.02 6.87
C PRO A 75 12.05 -8.60 7.03
N SER A 76 12.23 -7.33 7.38
CA SER A 76 13.54 -6.69 7.45
C SER A 76 13.51 -5.46 8.37
N SER A 77 14.69 -4.86 8.57
CA SER A 77 14.93 -3.56 9.20
C SER A 77 15.26 -2.47 8.17
N GLY A 78 15.54 -2.86 6.92
CA GLY A 78 15.45 -2.05 5.73
C GLY A 78 14.56 -2.84 4.80
N GLY A 1 1.67 29.85 6.56
CA GLY A 1 2.66 29.45 7.57
C GLY A 1 3.93 28.95 6.91
N SER A 2 4.91 29.82 6.74
CA SER A 2 6.15 29.53 6.02
C SER A 2 6.90 28.39 6.73
N SER A 3 6.88 27.22 6.12
CA SER A 3 7.39 25.96 6.65
C SER A 3 8.42 25.34 5.70
N GLY A 4 8.33 25.65 4.40
CA GLY A 4 9.39 25.42 3.41
C GLY A 4 9.83 23.96 3.23
N SER A 5 9.12 22.98 3.79
CA SER A 5 9.60 21.61 3.92
C SER A 5 8.83 20.73 2.94
N SER A 6 9.18 20.81 1.66
CA SER A 6 8.66 19.95 0.61
C SER A 6 9.84 19.67 -0.32
N GLY A 7 10.26 18.42 -0.44
CA GLY A 7 11.44 18.00 -1.16
C GLY A 7 11.50 16.49 -1.33
N VAL A 8 12.71 15.97 -1.55
CA VAL A 8 13.03 14.54 -1.65
C VAL A 8 12.71 13.79 -0.34
N ARG A 9 11.44 13.43 -0.19
CA ARG A 9 10.93 12.58 0.88
C ARG A 9 11.65 11.24 0.84
N VAL A 10 12.23 10.78 1.97
CA VAL A 10 12.34 9.36 2.21
C VAL A 10 10.93 8.77 2.18
N LEU A 11 10.81 7.50 1.84
CA LEU A 11 9.55 6.79 1.74
C LEU A 11 9.84 5.37 2.20
N SER A 12 9.15 4.90 3.22
CA SER A 12 9.37 3.62 3.88
C SER A 12 8.02 2.89 3.93
N TYR A 13 7.96 1.69 3.33
CA TYR A 13 6.74 0.91 3.19
C TYR A 13 6.23 0.52 4.58
N ASP A 14 5.20 1.21 5.07
CA ASP A 14 4.67 1.02 6.41
C ASP A 14 3.86 -0.26 6.50
N LYS A 15 4.30 -1.15 7.39
CA LYS A 15 3.64 -2.42 7.62
C LYS A 15 2.61 -2.33 8.71
N GLU A 16 2.75 -1.40 9.65
CA GLU A 16 1.92 -1.30 10.83
C GLU A 16 1.45 0.14 11.02
N LYS A 17 1.36 0.93 9.96
CA LYS A 17 0.66 2.20 9.98
C LYS A 17 -0.22 2.26 8.76
N LEU A 18 -1.35 2.94 8.88
CA LEU A 18 -2.33 3.08 7.85
C LEU A 18 -1.81 4.15 6.89
N ASN A 19 -1.16 3.70 5.83
CA ASN A 19 -0.38 4.57 4.94
C ASN A 19 -0.58 4.23 3.46
N TRP A 20 -1.54 3.37 3.14
CA TRP A 20 -1.92 3.00 1.78
C TRP A 20 -3.42 3.01 1.65
N LEU A 21 -3.93 3.20 0.44
CA LEU A 21 -5.31 3.42 0.09
C LEU A 21 -5.67 2.48 -1.06
N TYR A 22 -6.96 2.27 -1.29
CA TYR A 22 -7.47 1.65 -2.50
C TYR A 22 -8.86 2.22 -2.81
N LYS A 23 -9.33 2.06 -4.06
CA LYS A 23 -10.71 2.35 -4.42
C LYS A 23 -11.51 1.06 -4.46
N ASP A 24 -12.61 1.01 -3.72
CA ASP A 24 -13.53 -0.11 -3.77
C ASP A 24 -14.39 -0.02 -5.06
N PRO A 25 -15.15 -1.08 -5.40
CA PRO A 25 -15.98 -1.08 -6.61
C PRO A 25 -17.29 -0.30 -6.42
N GLN A 26 -17.65 0.08 -5.18
CA GLN A 26 -18.79 0.93 -4.90
C GLN A 26 -18.50 2.36 -5.38
N GLY A 27 -17.25 2.82 -5.27
CA GLY A 27 -16.81 4.13 -5.73
C GLY A 27 -16.03 4.90 -4.68
N LEU A 28 -15.69 4.30 -3.55
CA LEU A 28 -15.16 4.96 -2.36
C LEU A 28 -13.68 4.64 -2.24
N VAL A 29 -12.85 5.65 -1.98
CA VAL A 29 -11.49 5.43 -1.53
C VAL A 29 -11.62 5.00 -0.06
N GLN A 30 -11.35 3.73 0.22
CA GLN A 30 -11.34 3.22 1.58
C GLN A 30 -9.96 3.44 2.19
N GLY A 31 -9.90 3.31 3.52
CA GLY A 31 -8.66 3.25 4.25
C GLY A 31 -8.31 4.57 4.91
N PRO A 32 -7.02 4.90 5.05
CA PRO A 32 -5.92 4.03 4.66
C PRO A 32 -5.83 2.76 5.52
N PHE A 33 -4.95 1.85 5.13
CA PHE A 33 -4.72 0.57 5.78
C PHE A 33 -3.21 0.30 5.85
N SER A 34 -2.81 -0.56 6.79
CA SER A 34 -1.43 -1.01 7.00
C SER A 34 -1.13 -2.21 6.11
N LEU A 35 0.13 -2.38 5.68
CA LEU A 35 0.42 -3.42 4.69
C LEU A 35 0.19 -4.80 5.30
N THR A 36 0.33 -4.96 6.61
CA THR A 36 0.05 -6.21 7.28
C THR A 36 -1.44 -6.55 7.16
N GLN A 37 -2.33 -5.56 7.31
CA GLN A 37 -3.77 -5.74 7.15
C GLN A 37 -4.05 -6.07 5.69
N LEU A 38 -3.58 -5.24 4.75
CA LEU A 38 -3.85 -5.46 3.33
C LEU A 38 -3.36 -6.84 2.87
N LYS A 39 -2.17 -7.25 3.27
CA LYS A 39 -1.62 -8.56 2.96
C LYS A 39 -2.50 -9.64 3.53
N ALA A 40 -2.80 -9.58 4.82
CA ALA A 40 -3.57 -10.61 5.47
C ALA A 40 -5.00 -10.69 4.93
N TRP A 41 -5.53 -9.62 4.34
CA TRP A 41 -6.83 -9.62 3.69
C TRP A 41 -6.73 -10.14 2.24
N SER A 42 -5.60 -9.97 1.56
CA SER A 42 -5.30 -10.66 0.32
C SER A 42 -5.25 -12.17 0.59
N ASP A 43 -4.57 -12.57 1.68
CA ASP A 43 -4.45 -13.93 2.21
C ASP A 43 -5.81 -14.50 2.67
N ALA A 44 -6.80 -13.63 2.91
CA ALA A 44 -8.17 -13.99 3.29
C ALA A 44 -9.14 -13.74 2.15
N GLU A 45 -8.63 -13.40 0.97
CA GLU A 45 -9.38 -13.21 -0.27
C GLU A 45 -10.44 -12.11 -0.22
N TYR A 46 -10.40 -11.22 0.78
CA TYR A 46 -11.14 -9.96 0.83
C TYR A 46 -10.67 -8.93 -0.22
N PHE A 47 -9.84 -9.33 -1.19
CA PHE A 47 -9.40 -8.54 -2.32
C PHE A 47 -9.38 -9.43 -3.55
N THR A 48 -9.43 -8.79 -4.71
CA THR A 48 -9.51 -9.42 -6.00
C THR A 48 -8.11 -9.87 -6.45
N LYS A 49 -8.02 -10.69 -7.51
CA LYS A 49 -6.75 -11.26 -7.93
C LYS A 49 -5.82 -10.20 -8.56
N GLN A 50 -6.38 -9.20 -9.24
CA GLN A 50 -5.66 -8.13 -9.94
C GLN A 50 -5.76 -6.80 -9.17
N PHE A 51 -5.69 -6.83 -7.84
CA PHE A 51 -6.00 -5.67 -7.00
C PHE A 51 -4.83 -4.67 -6.98
N ARG A 52 -5.12 -3.37 -6.97
CA ARG A 52 -4.11 -2.32 -6.86
C ARG A 52 -4.35 -1.40 -5.67
N VAL A 53 -3.28 -0.75 -5.23
CA VAL A 53 -3.18 0.12 -4.06
C VAL A 53 -2.26 1.29 -4.39
N TRP A 54 -2.36 2.38 -3.63
CA TRP A 54 -1.42 3.50 -3.71
C TRP A 54 -1.15 4.02 -2.30
N MET A 55 -0.05 4.75 -2.08
CA MET A 55 0.27 5.35 -0.79
C MET A 55 -0.66 6.51 -0.48
N THR A 56 -0.78 6.86 0.80
CA THR A 56 -1.54 8.04 1.22
C THR A 56 -0.98 9.29 0.55
N GLY A 57 -1.87 10.17 0.11
CA GLY A 57 -1.55 11.37 -0.65
C GLY A 57 -1.34 11.09 -2.14
N GLU A 58 -0.84 9.91 -2.54
CA GLU A 58 -0.43 9.67 -3.91
C GLU A 58 -1.63 9.52 -4.85
N SER A 59 -1.37 9.53 -6.15
CA SER A 59 -2.34 9.33 -7.20
C SER A 59 -2.73 7.86 -7.28
N MET A 60 -4.03 7.60 -7.22
CA MET A 60 -4.63 6.32 -7.61
C MET A 60 -4.20 5.96 -9.03
N GLU A 61 -4.09 6.93 -9.92
CA GLU A 61 -3.67 6.68 -11.30
C GLU A 61 -2.21 6.21 -11.41
N SER A 62 -1.43 6.26 -10.34
CA SER A 62 -0.08 5.69 -10.28
C SER A 62 -0.02 4.55 -9.25
N ALA A 63 -1.17 3.99 -8.89
CA ALA A 63 -1.31 2.80 -8.06
C ALA A 63 -0.53 1.63 -8.66
N VAL A 64 -0.24 0.64 -7.84
CA VAL A 64 0.58 -0.51 -8.17
C VAL A 64 -0.16 -1.79 -7.80
N LEU A 65 0.22 -2.93 -8.40
CA LEU A 65 -0.32 -4.22 -8.02
C LEU A 65 0.06 -4.48 -6.57
N LEU A 66 -0.96 -4.66 -5.74
CA LEU A 66 -0.78 -5.08 -4.33
C LEU A 66 0.15 -6.30 -4.27
N THR A 67 0.05 -7.19 -5.24
CA THR A 67 0.79 -8.45 -5.26
C THR A 67 2.29 -8.23 -5.46
N ASP A 68 2.71 -7.10 -6.05
CA ASP A 68 4.12 -6.73 -6.11
C ASP A 68 4.53 -5.96 -4.87
N VAL A 69 3.62 -5.22 -4.23
CA VAL A 69 3.90 -4.66 -2.90
C VAL A 69 4.16 -5.81 -1.91
N LEU A 70 3.46 -6.94 -2.04
CA LEU A 70 3.73 -8.18 -1.30
C LEU A 70 5.11 -8.79 -1.58
N ARG A 71 5.71 -8.54 -2.76
CA ARG A 71 7.09 -8.90 -3.07
C ARG A 71 8.05 -7.87 -2.48
N LEU A 72 7.72 -6.58 -2.56
CA LEU A 72 8.55 -5.49 -2.04
C LEU A 72 8.61 -5.56 -0.52
N SER A 73 7.52 -5.97 0.14
CA SER A 73 7.48 -6.27 1.56
C SER A 73 8.31 -7.53 1.78
N GLY A 74 9.43 -7.37 2.47
CA GLY A 74 10.25 -8.45 3.00
C GLY A 74 10.97 -7.93 4.25
N PRO A 75 11.35 -8.81 5.19
CA PRO A 75 12.11 -8.43 6.36
C PRO A 75 13.56 -8.18 5.96
N SER A 76 13.87 -6.91 5.72
CA SER A 76 15.22 -6.48 5.38
C SER A 76 15.54 -5.15 6.08
N SER A 77 16.73 -5.07 6.68
CA SER A 77 17.25 -3.89 7.37
C SER A 77 18.48 -3.36 6.61
N GLY A 78 19.03 -2.20 6.97
CA GLY A 78 20.11 -1.55 6.23
C GLY A 78 20.95 -0.77 7.20
N GLY A 1 12.57 18.27 12.03
CA GLY A 1 12.12 18.73 10.70
C GLY A 1 13.07 18.26 9.63
N SER A 2 12.57 18.08 8.40
CA SER A 2 13.33 17.67 7.24
C SER A 2 14.39 18.73 6.90
N SER A 3 15.58 18.57 7.47
CA SER A 3 16.71 19.45 7.27
C SER A 3 17.58 18.90 6.12
N GLY A 4 18.63 19.64 5.77
CA GLY A 4 19.57 19.20 4.74
C GLY A 4 20.26 17.90 5.18
N SER A 5 20.17 16.87 4.35
CA SER A 5 21.01 15.68 4.37
C SER A 5 21.82 15.65 3.07
N SER A 6 22.75 14.70 2.93
CA SER A 6 23.69 14.68 1.82
C SER A 6 24.09 13.25 1.52
N GLY A 7 23.68 12.73 0.35
CA GLY A 7 23.98 11.36 -0.04
C GLY A 7 23.08 10.38 0.69
N VAL A 8 23.64 9.63 1.64
CA VAL A 8 23.11 8.40 2.21
C VAL A 8 21.67 8.59 2.67
N ARG A 9 20.77 7.99 1.92
CA ARG A 9 19.34 7.90 2.21
C ARG A 9 18.97 6.46 2.62
N VAL A 10 17.75 6.28 3.09
CA VAL A 10 17.08 4.99 3.16
C VAL A 10 15.62 5.18 2.75
N LEU A 11 15.03 4.13 2.18
CA LEU A 11 13.63 4.00 1.86
C LEU A 11 13.25 2.57 2.22
N SER A 12 12.33 2.38 3.15
CA SER A 12 11.77 1.08 3.48
C SER A 12 10.26 1.15 3.26
N TYR A 13 9.65 0.08 2.75
CA TYR A 13 8.20 0.05 2.59
C TYR A 13 7.57 -0.02 3.96
N ASP A 14 6.84 1.03 4.33
CA ASP A 14 5.97 0.98 5.49
C ASP A 14 4.97 -0.17 5.32
N LYS A 15 4.72 -0.91 6.40
CA LYS A 15 3.72 -1.96 6.43
C LYS A 15 2.83 -1.89 7.66
N GLU A 16 3.31 -1.33 8.77
CA GLU A 16 2.59 -1.29 10.03
C GLU A 16 1.75 -0.02 10.16
N LYS A 17 2.11 1.06 9.46
CA LYS A 17 1.40 2.32 9.58
C LYS A 17 0.25 2.33 8.60
N LEU A 18 -0.75 3.16 8.86
CA LEU A 18 -1.88 3.25 7.95
C LEU A 18 -1.49 4.24 6.86
N ASN A 19 -1.00 3.76 5.72
CA ASN A 19 -0.46 4.61 4.66
C ASN A 19 -0.93 4.22 3.25
N TRP A 20 -1.66 3.11 3.09
CA TRP A 20 -2.03 2.59 1.79
C TRP A 20 -3.54 2.71 1.58
N LEU A 21 -3.94 3.51 0.58
CA LEU A 21 -5.33 3.69 0.18
C LEU A 21 -5.62 2.64 -0.89
N TYR A 22 -6.91 2.26 -1.05
CA TYR A 22 -7.38 1.47 -2.19
C TYR A 22 -8.80 1.87 -2.52
N LYS A 23 -9.20 1.81 -3.79
CA LYS A 23 -10.60 1.99 -4.14
C LYS A 23 -11.26 0.62 -4.08
N ASP A 24 -12.37 0.55 -3.36
CA ASP A 24 -13.14 -0.67 -3.19
C ASP A 24 -14.05 -0.91 -4.41
N PRO A 25 -14.86 -1.98 -4.47
CA PRO A 25 -15.74 -2.24 -5.61
C PRO A 25 -17.03 -1.41 -5.57
N GLN A 26 -17.35 -0.77 -4.43
CA GLN A 26 -18.45 0.20 -4.36
C GLN A 26 -18.05 1.47 -5.09
N GLY A 27 -16.75 1.79 -5.13
CA GLY A 27 -16.17 2.98 -5.72
C GLY A 27 -15.77 4.00 -4.67
N LEU A 28 -15.73 3.65 -3.37
CA LEU A 28 -15.29 4.54 -2.31
C LEU A 28 -13.77 4.42 -2.18
N VAL A 29 -13.10 5.54 -1.92
CA VAL A 29 -11.69 5.58 -1.51
C VAL A 29 -11.67 5.11 -0.05
N GLN A 30 -11.24 3.88 0.19
CA GLN A 30 -11.09 3.37 1.55
C GLN A 30 -9.67 3.65 2.05
N GLY A 31 -9.52 3.72 3.37
CA GLY A 31 -8.24 3.65 4.05
C GLY A 31 -7.83 5.01 4.61
N PRO A 32 -6.53 5.20 4.88
CA PRO A 32 -5.44 4.29 4.55
C PRO A 32 -5.38 3.08 5.47
N PHE A 33 -4.53 2.11 5.12
CA PHE A 33 -4.37 0.83 5.79
C PHE A 33 -2.89 0.46 5.90
N SER A 34 -2.58 -0.47 6.79
CA SER A 34 -1.31 -1.17 6.86
C SER A 34 -1.23 -2.16 5.69
N LEU A 35 -0.02 -2.37 5.15
CA LEU A 35 0.21 -3.45 4.19
C LEU A 35 -0.16 -4.78 4.83
N THR A 36 0.10 -4.93 6.12
CA THR A 36 -0.19 -6.16 6.82
C THR A 36 -1.70 -6.42 6.86
N GLN A 37 -2.55 -5.38 7.01
CA GLN A 37 -4.00 -5.56 6.90
C GLN A 37 -4.37 -5.99 5.49
N LEU A 38 -3.83 -5.29 4.47
CA LEU A 38 -4.07 -5.60 3.07
C LEU A 38 -3.65 -7.02 2.74
N LYS A 39 -2.51 -7.50 3.24
CA LYS A 39 -2.03 -8.87 3.04
C LYS A 39 -3.06 -9.86 3.58
N ALA A 40 -3.55 -9.71 4.81
CA ALA A 40 -4.53 -10.64 5.38
C ALA A 40 -5.80 -10.66 4.55
N TRP A 41 -6.35 -9.49 4.19
CA TRP A 41 -7.55 -9.42 3.37
C TRP A 41 -7.33 -10.05 1.99
N SER A 42 -6.19 -9.78 1.36
CA SER A 42 -5.79 -10.35 0.09
C SER A 42 -5.69 -11.88 0.20
N ASP A 43 -5.10 -12.38 1.29
CA ASP A 43 -4.86 -13.78 1.57
C ASP A 43 -6.18 -14.53 1.84
N ALA A 44 -7.09 -13.88 2.56
CA ALA A 44 -8.48 -14.31 2.77
C ALA A 44 -9.37 -13.98 1.56
N GLU A 45 -8.78 -13.54 0.45
CA GLU A 45 -9.39 -13.37 -0.85
C GLU A 45 -10.59 -12.42 -0.87
N TYR A 46 -10.63 -11.45 0.04
CA TYR A 46 -11.58 -10.34 0.06
C TYR A 46 -11.45 -9.43 -1.18
N PHE A 47 -10.45 -9.62 -2.05
CA PHE A 47 -9.94 -8.67 -3.00
C PHE A 47 -9.83 -9.34 -4.38
N THR A 48 -9.51 -8.53 -5.37
CA THR A 48 -9.66 -8.86 -6.78
C THR A 48 -8.33 -9.41 -7.30
N LYS A 49 -8.35 -10.01 -8.48
CA LYS A 49 -7.16 -10.67 -9.02
C LYS A 49 -6.31 -9.72 -9.88
N GLN A 50 -6.65 -8.42 -9.93
CA GLN A 50 -5.73 -7.33 -10.25
C GLN A 50 -6.13 -6.17 -9.33
N PHE A 51 -5.85 -6.31 -8.03
CA PHE A 51 -6.10 -5.28 -7.03
C PHE A 51 -4.90 -4.34 -6.96
N ARG A 52 -5.14 -3.04 -6.82
CA ARG A 52 -4.10 -2.04 -6.72
C ARG A 52 -4.27 -1.15 -5.49
N VAL A 53 -3.18 -0.48 -5.09
CA VAL A 53 -3.07 0.35 -3.90
C VAL A 53 -2.16 1.54 -4.21
N TRP A 54 -2.34 2.66 -3.50
CA TRP A 54 -1.47 3.84 -3.62
C TRP A 54 -1.38 4.58 -2.29
N MET A 55 -0.31 5.36 -2.11
CA MET A 55 -0.04 6.04 -0.85
C MET A 55 -0.98 7.21 -0.62
N THR A 56 -1.05 7.63 0.62
CA THR A 56 -1.79 8.81 0.99
C THR A 56 -1.22 10.01 0.22
N GLY A 57 -2.07 10.75 -0.48
CA GLY A 57 -1.70 11.92 -1.26
C GLY A 57 -1.28 11.57 -2.69
N GLU A 58 -0.94 10.32 -2.98
CA GLU A 58 -0.59 9.90 -4.33
C GLU A 58 -1.81 9.98 -5.25
N SER A 59 -1.55 9.93 -6.56
CA SER A 59 -2.58 9.70 -7.54
C SER A 59 -2.94 8.22 -7.54
N MET A 60 -4.22 7.92 -7.76
CA MET A 60 -4.66 6.57 -8.04
C MET A 60 -3.97 6.00 -9.29
N GLU A 61 -3.64 6.86 -10.24
CA GLU A 61 -2.92 6.44 -11.44
C GLU A 61 -1.42 6.23 -11.19
N SER A 62 -0.90 6.60 -10.02
CA SER A 62 0.40 6.14 -9.54
C SER A 62 0.28 4.87 -8.68
N ALA A 63 -0.91 4.24 -8.59
CA ALA A 63 -1.10 3.00 -7.85
C ALA A 63 -0.29 1.86 -8.46
N VAL A 64 -0.14 0.79 -7.69
CA VAL A 64 0.64 -0.39 -8.04
C VAL A 64 -0.14 -1.64 -7.69
N LEU A 65 0.25 -2.78 -8.28
CA LEU A 65 -0.35 -4.07 -7.99
C LEU A 65 0.04 -4.46 -6.59
N LEU A 66 -0.96 -4.73 -5.76
CA LEU A 66 -0.76 -5.21 -4.39
C LEU A 66 0.16 -6.44 -4.36
N THR A 67 0.13 -7.28 -5.40
CA THR A 67 0.94 -8.49 -5.46
C THR A 67 2.44 -8.14 -5.43
N ASP A 68 2.82 -7.10 -6.16
CA ASP A 68 4.20 -6.66 -6.28
C ASP A 68 4.65 -6.04 -4.96
N VAL A 69 3.76 -5.32 -4.28
CA VAL A 69 4.01 -4.73 -2.97
C VAL A 69 4.10 -5.82 -1.89
N LEU A 70 3.38 -6.93 -2.06
CA LEU A 70 3.53 -8.14 -1.25
C LEU A 70 4.95 -8.66 -1.36
N ARG A 71 5.46 -8.81 -2.58
CA ARG A 71 6.84 -9.21 -2.84
C ARG A 71 7.84 -8.22 -2.23
N LEU A 72 7.64 -6.91 -2.43
CA LEU A 72 8.59 -5.89 -1.97
C LEU A 72 8.68 -5.85 -0.44
N SER A 73 7.56 -5.96 0.27
CA SER A 73 7.57 -6.08 1.73
C SER A 73 8.26 -7.38 2.16
N GLY A 74 8.08 -8.46 1.39
CA GLY A 74 8.59 -9.79 1.70
C GLY A 74 7.68 -10.50 2.71
N PRO A 75 8.05 -11.72 3.14
CA PRO A 75 7.21 -12.50 4.04
C PRO A 75 7.18 -11.86 5.44
N SER A 76 6.02 -11.33 5.83
CA SER A 76 5.64 -11.11 7.22
C SER A 76 4.11 -11.20 7.30
N SER A 77 3.61 -11.55 8.49
CA SER A 77 2.22 -11.65 8.89
C SER A 77 1.27 -12.04 7.76
N GLY A 78 1.28 -13.34 7.45
CA GLY A 78 0.42 -13.98 6.50
C GLY A 78 1.20 -15.17 5.99
N GLY A 1 18.86 20.83 7.91
CA GLY A 1 19.65 19.86 8.69
C GLY A 1 20.95 19.62 7.98
N SER A 2 21.09 18.50 7.28
CA SER A 2 22.24 18.24 6.42
C SER A 2 21.70 17.60 5.15
N SER A 3 21.98 18.20 4.00
CA SER A 3 21.51 17.78 2.68
C SER A 3 19.98 17.73 2.61
N GLY A 4 19.45 17.18 1.51
CA GLY A 4 18.02 17.13 1.20
C GLY A 4 17.43 18.51 1.30
N SER A 5 16.62 18.75 2.35
CA SER A 5 16.05 20.04 2.70
C SER A 5 15.20 20.66 1.57
N SER A 6 14.61 21.81 1.86
CA SER A 6 13.67 22.52 1.00
C SER A 6 12.50 21.62 0.55
N GLY A 7 12.23 20.51 1.24
CA GLY A 7 11.60 19.34 0.65
C GLY A 7 12.34 18.08 1.04
N VAL A 8 12.11 17.07 0.21
CA VAL A 8 12.77 15.79 0.16
C VAL A 8 12.43 14.92 1.39
N ARG A 9 12.11 13.64 1.15
CA ARG A 9 11.93 12.62 2.19
C ARG A 9 12.33 11.27 1.61
N VAL A 10 12.49 10.26 2.46
CA VAL A 10 12.57 8.89 2.00
C VAL A 10 11.19 8.47 1.46
N LEU A 11 11.17 7.41 0.67
CA LEU A 11 9.98 6.67 0.29
C LEU A 11 10.22 5.25 0.78
N SER A 12 9.59 4.91 1.90
CA SER A 12 9.67 3.65 2.59
C SER A 12 8.28 3.01 2.54
N TYR A 13 8.22 1.68 2.63
CA TYR A 13 6.99 0.91 2.58
C TYR A 13 6.66 0.51 4.01
N ASP A 14 5.71 1.20 4.64
CA ASP A 14 5.30 0.96 6.01
C ASP A 14 4.40 -0.28 6.02
N LYS A 15 4.75 -1.30 6.81
CA LYS A 15 3.88 -2.45 6.98
C LYS A 15 3.01 -2.35 8.21
N GLU A 16 3.28 -1.46 9.17
CA GLU A 16 2.46 -1.30 10.36
C GLU A 16 1.53 -0.10 10.24
N LYS A 17 2.05 1.09 9.88
CA LYS A 17 1.18 2.27 9.82
C LYS A 17 0.22 2.17 8.64
N LEU A 18 -0.84 2.97 8.71
CA LEU A 18 -1.82 3.07 7.66
C LEU A 18 -1.29 4.08 6.64
N ASN A 19 -0.76 3.61 5.52
CA ASN A 19 -0.21 4.50 4.49
C ASN A 19 -0.69 4.15 3.08
N TRP A 20 -1.53 3.12 2.93
CA TRP A 20 -1.91 2.60 1.62
C TRP A 20 -3.42 2.66 1.47
N LEU A 21 -3.89 3.39 0.48
CA LEU A 21 -5.29 3.55 0.09
C LEU A 21 -5.65 2.53 -0.99
N TYR A 22 -6.94 2.31 -1.24
CA TYR A 22 -7.44 1.65 -2.44
C TYR A 22 -8.84 2.17 -2.79
N LYS A 23 -9.28 1.98 -4.03
CA LYS A 23 -10.67 2.13 -4.45
C LYS A 23 -11.32 0.76 -4.58
N ASP A 24 -12.57 0.65 -4.14
CA ASP A 24 -13.33 -0.61 -4.13
C ASP A 24 -14.44 -0.56 -5.18
N PRO A 25 -15.19 -1.64 -5.44
CA PRO A 25 -16.34 -1.68 -6.34
C PRO A 25 -17.59 -1.10 -5.65
N GLN A 26 -17.38 0.02 -4.97
CA GLN A 26 -18.33 0.96 -4.41
C GLN A 26 -18.07 2.36 -4.97
N GLY A 27 -16.87 2.60 -5.52
CA GLY A 27 -16.43 3.89 -6.02
C GLY A 27 -16.11 4.88 -4.90
N LEU A 28 -15.99 4.40 -3.66
CA LEU A 28 -15.35 5.12 -2.57
C LEU A 28 -13.87 4.74 -2.56
N VAL A 29 -13.01 5.66 -2.14
CA VAL A 29 -11.68 5.32 -1.65
C VAL A 29 -11.87 4.81 -0.23
N GLN A 30 -11.12 3.79 0.17
CA GLN A 30 -11.08 3.29 1.53
C GLN A 30 -9.70 3.43 2.12
N GLY A 31 -9.64 3.26 3.43
CA GLY A 31 -8.41 3.28 4.18
C GLY A 31 -8.02 4.72 4.54
N PRO A 32 -6.76 4.93 4.92
CA PRO A 32 -5.65 4.04 4.60
C PRO A 32 -5.58 2.78 5.45
N PHE A 33 -4.73 1.88 4.99
CA PHE A 33 -4.46 0.57 5.55
C PHE A 33 -2.96 0.33 5.59
N SER A 34 -2.56 -0.62 6.41
CA SER A 34 -1.19 -1.09 6.50
C SER A 34 -0.96 -2.29 5.58
N LEU A 35 0.29 -2.52 5.16
CA LEU A 35 0.59 -3.68 4.33
C LEU A 35 0.35 -4.99 5.06
N THR A 36 0.47 -5.01 6.39
CA THR A 36 0.16 -6.21 7.17
C THR A 36 -1.33 -6.55 7.00
N GLN A 37 -2.23 -5.57 7.15
CA GLN A 37 -3.65 -5.77 6.96
C GLN A 37 -3.92 -6.24 5.53
N LEU A 38 -3.39 -5.53 4.54
CA LEU A 38 -3.68 -5.78 3.13
C LEU A 38 -3.22 -7.18 2.71
N LYS A 39 -2.02 -7.60 3.13
CA LYS A 39 -1.53 -8.96 2.94
C LYS A 39 -2.52 -9.98 3.48
N ALA A 40 -2.92 -9.80 4.74
CA ALA A 40 -3.79 -10.73 5.45
C ALA A 40 -5.18 -10.82 4.84
N TRP A 41 -5.70 -9.71 4.31
CA TRP A 41 -7.00 -9.65 3.67
C TRP A 41 -6.96 -10.23 2.26
N SER A 42 -5.84 -10.06 1.53
CA SER A 42 -5.62 -10.78 0.29
C SER A 42 -5.66 -12.29 0.59
N ASP A 43 -4.97 -12.74 1.65
CA ASP A 43 -4.94 -14.13 2.09
C ASP A 43 -6.36 -14.63 2.38
N ALA A 44 -7.12 -13.84 3.14
CA ALA A 44 -8.51 -14.07 3.49
C ALA A 44 -9.50 -13.91 2.32
N GLU A 45 -9.01 -13.81 1.08
CA GLU A 45 -9.79 -13.69 -0.16
C GLU A 45 -10.83 -12.56 -0.08
N TYR A 46 -10.48 -11.43 0.56
CA TYR A 46 -11.20 -10.18 0.36
C TYR A 46 -10.87 -9.58 -1.00
N PHE A 47 -9.63 -9.72 -1.45
CA PHE A 47 -9.10 -9.00 -2.60
C PHE A 47 -8.86 -9.93 -3.79
N THR A 48 -8.20 -9.42 -4.83
CA THR A 48 -8.08 -10.09 -6.10
C THR A 48 -6.63 -9.99 -6.59
N LYS A 49 -6.29 -10.81 -7.59
CA LYS A 49 -5.06 -10.76 -8.37
C LYS A 49 -4.90 -9.47 -9.18
N GLN A 50 -5.91 -8.60 -9.24
CA GLN A 50 -5.90 -7.35 -10.00
C GLN A 50 -6.27 -6.18 -9.07
N PHE A 51 -6.05 -6.35 -7.77
CA PHE A 51 -6.22 -5.32 -6.76
C PHE A 51 -4.99 -4.43 -6.73
N ARG A 52 -5.17 -3.12 -6.53
CA ARG A 52 -4.08 -2.16 -6.50
C ARG A 52 -4.18 -1.24 -5.29
N VAL A 53 -3.07 -0.61 -4.92
CA VAL A 53 -2.96 0.31 -3.79
C VAL A 53 -2.08 1.51 -4.15
N TRP A 54 -2.33 2.67 -3.56
CA TRP A 54 -1.51 3.88 -3.70
C TRP A 54 -1.22 4.49 -2.32
N MET A 55 -0.18 5.31 -2.21
CA MET A 55 0.19 5.93 -0.94
C MET A 55 -0.75 7.10 -0.62
N THR A 56 -0.85 7.46 0.66
CA THR A 56 -1.71 8.53 1.12
C THR A 56 -1.34 9.89 0.49
N GLY A 57 -2.25 10.50 -0.26
CA GLY A 57 -2.04 11.78 -0.93
C GLY A 57 -1.51 11.63 -2.36
N GLU A 58 -1.10 10.43 -2.76
CA GLU A 58 -0.76 10.16 -4.14
C GLU A 58 -2.03 9.94 -4.94
N SER A 59 -1.93 9.99 -6.26
CA SER A 59 -3.07 9.74 -7.13
C SER A 59 -3.26 8.24 -7.33
N MET A 60 -4.49 7.84 -7.58
CA MET A 60 -4.89 6.46 -7.86
C MET A 60 -4.20 5.91 -9.11
N GLU A 61 -3.86 6.77 -10.08
CA GLU A 61 -3.14 6.33 -11.27
C GLU A 61 -1.74 5.85 -10.91
N SER A 62 -1.15 6.40 -9.84
CA SER A 62 0.09 5.96 -9.24
C SER A 62 -0.09 4.67 -8.43
N ALA A 63 -1.29 4.08 -8.39
CA ALA A 63 -1.52 2.81 -7.73
C ALA A 63 -0.76 1.70 -8.44
N VAL A 64 -0.32 0.72 -7.65
CA VAL A 64 0.45 -0.41 -8.09
C VAL A 64 -0.26 -1.68 -7.68
N LEU A 65 0.08 -2.81 -8.30
CA LEU A 65 -0.44 -4.12 -7.97
C LEU A 65 -0.06 -4.43 -6.53
N LEU A 66 -1.07 -4.66 -5.69
CA LEU A 66 -0.87 -5.07 -4.30
C LEU A 66 0.02 -6.31 -4.23
N THR A 67 -0.03 -7.17 -5.24
CA THR A 67 0.73 -8.41 -5.29
C THR A 67 2.24 -8.15 -5.43
N ASP A 68 2.65 -6.99 -5.95
CA ASP A 68 4.06 -6.60 -5.98
C ASP A 68 4.44 -5.89 -4.70
N VAL A 69 3.57 -5.07 -4.12
CA VAL A 69 3.81 -4.49 -2.80
C VAL A 69 3.94 -5.57 -1.72
N LEU A 70 3.26 -6.72 -1.88
CA LEU A 70 3.46 -7.91 -1.06
C LEU A 70 4.90 -8.43 -1.19
N ARG A 71 5.45 -8.57 -2.39
CA ARG A 71 6.86 -8.93 -2.58
C ARG A 71 7.77 -7.87 -1.96
N LEU A 72 7.50 -6.59 -2.21
CA LEU A 72 8.34 -5.47 -1.80
C LEU A 72 8.31 -5.23 -0.29
N SER A 73 7.57 -6.02 0.49
CA SER A 73 7.65 -6.02 1.94
C SER A 73 7.39 -7.46 2.39
N GLY A 74 8.46 -8.27 2.44
CA GLY A 74 8.45 -9.63 2.95
C GLY A 74 9.25 -9.71 4.25
N PRO A 75 8.93 -10.64 5.16
CA PRO A 75 9.80 -10.94 6.30
C PRO A 75 11.05 -11.68 5.79
N SER A 76 12.09 -11.83 6.61
CA SER A 76 13.37 -12.36 6.14
C SER A 76 13.24 -13.83 5.72
N SER A 77 14.24 -14.33 4.99
CA SER A 77 14.14 -15.48 4.10
C SER A 77 12.95 -15.29 3.13
N GLY A 78 12.44 -16.36 2.50
CA GLY A 78 11.32 -16.38 1.56
C GLY A 78 11.24 -15.15 0.66
N GLY A 1 18.53 2.04 6.04
CA GLY A 1 17.71 3.13 5.50
C GLY A 1 18.55 4.39 5.34
N SER A 2 17.95 5.56 5.50
CA SER A 2 18.60 6.85 5.72
C SER A 2 17.57 7.87 6.17
N SER A 3 18.02 9.12 6.39
CA SER A 3 17.23 10.19 6.94
C SER A 3 17.50 11.42 6.07
N GLY A 4 16.62 11.68 5.11
CA GLY A 4 16.72 12.84 4.23
C GLY A 4 17.10 12.44 2.82
N SER A 5 18.39 12.24 2.54
CA SER A 5 18.99 12.24 1.20
C SER A 5 18.28 13.23 0.28
N SER A 6 18.49 14.53 0.55
CA SER A 6 17.78 15.64 -0.06
C SER A 6 17.88 15.56 -1.57
N GLY A 7 16.75 15.23 -2.19
CA GLY A 7 16.53 15.10 -3.61
C GLY A 7 15.03 15.19 -3.81
N VAL A 8 14.31 14.10 -3.57
CA VAL A 8 12.86 13.98 -3.74
C VAL A 8 12.23 13.51 -2.41
N ARG A 9 11.05 12.88 -2.45
CA ARG A 9 10.52 12.09 -1.34
C ARG A 9 11.35 10.84 -1.18
N VAL A 10 11.61 10.40 0.05
CA VAL A 10 11.85 9.01 0.32
C VAL A 10 10.49 8.32 0.35
N LEU A 11 10.47 7.05 -0.02
CA LEU A 11 9.29 6.22 -0.08
C LEU A 11 9.70 4.90 0.51
N SER A 12 8.99 4.46 1.53
CA SER A 12 9.24 3.21 2.25
C SER A 12 7.95 2.42 2.38
N TYR A 13 8.11 1.11 2.62
CA TYR A 13 7.01 0.19 2.89
C TYR A 13 6.99 -0.02 4.40
N ASP A 14 6.07 0.65 5.09
CA ASP A 14 5.88 0.55 6.54
C ASP A 14 4.62 -0.24 6.76
N LYS A 15 4.72 -1.33 7.51
CA LYS A 15 3.63 -2.30 7.69
C LYS A 15 2.93 -2.13 9.03
N GLU A 16 3.24 -1.06 9.74
CA GLU A 16 2.62 -0.70 11.01
C GLU A 16 1.59 0.38 10.70
N LYS A 17 2.05 1.59 10.38
CA LYS A 17 1.16 2.72 10.12
C LYS A 17 0.28 2.46 8.91
N LEU A 18 -0.96 2.95 8.97
CA LEU A 18 -1.81 3.04 7.83
C LEU A 18 -1.19 4.04 6.89
N ASN A 19 -0.86 3.62 5.67
CA ASN A 19 -0.24 4.51 4.69
C ASN A 19 -0.60 4.18 3.24
N TRP A 20 -1.50 3.22 3.01
CA TRP A 20 -1.89 2.77 1.68
C TRP A 20 -3.40 2.91 1.55
N LEU A 21 -3.85 3.57 0.50
CA LEU A 21 -5.22 3.81 0.10
C LEU A 21 -5.58 2.82 -1.01
N TYR A 22 -6.88 2.59 -1.20
CA TYR A 22 -7.39 1.85 -2.35
C TYR A 22 -8.83 2.28 -2.63
N LYS A 23 -9.37 1.92 -3.79
CA LYS A 23 -10.79 2.04 -4.14
C LYS A 23 -11.43 0.67 -4.06
N ASP A 24 -12.51 0.50 -3.32
CA ASP A 24 -13.23 -0.78 -3.28
C ASP A 24 -14.22 -0.85 -4.45
N PRO A 25 -14.82 -2.02 -4.74
CA PRO A 25 -15.84 -2.22 -5.77
C PRO A 25 -17.01 -1.24 -5.69
N GLN A 26 -17.28 -0.70 -4.49
CA GLN A 26 -18.29 0.30 -4.23
C GLN A 26 -18.01 1.63 -4.93
N GLY A 27 -16.77 1.88 -5.38
CA GLY A 27 -16.33 3.13 -5.94
C GLY A 27 -15.77 4.09 -4.89
N LEU A 28 -15.97 3.81 -3.60
CA LEU A 28 -15.44 4.61 -2.51
C LEU A 28 -13.94 4.34 -2.42
N VAL A 29 -13.14 5.40 -2.28
CA VAL A 29 -11.79 5.26 -1.75
C VAL A 29 -11.98 4.94 -0.26
N GLN A 30 -11.20 3.99 0.24
CA GLN A 30 -11.16 3.65 1.65
C GLN A 30 -9.75 3.94 2.16
N GLY A 31 -9.61 4.05 3.48
CA GLY A 31 -8.32 3.96 4.12
C GLY A 31 -7.78 5.30 4.63
N PRO A 32 -6.48 5.36 4.96
CA PRO A 32 -5.49 4.35 4.63
C PRO A 32 -5.56 3.09 5.51
N PHE A 33 -4.79 2.06 5.12
CA PHE A 33 -4.62 0.81 5.83
C PHE A 33 -3.14 0.44 5.87
N SER A 34 -2.77 -0.54 6.69
CA SER A 34 -1.42 -1.03 6.80
C SER A 34 -1.19 -2.11 5.75
N LEU A 35 0.08 -2.33 5.41
CA LEU A 35 0.48 -3.42 4.53
C LEU A 35 0.07 -4.78 5.11
N THR A 36 0.13 -4.94 6.43
CA THR A 36 -0.27 -6.15 7.14
C THR A 36 -1.76 -6.38 7.01
N GLN A 37 -2.60 -5.37 7.22
CA GLN A 37 -4.05 -5.54 7.09
C GLN A 37 -4.39 -5.92 5.64
N LEU A 38 -3.81 -5.22 4.67
CA LEU A 38 -4.04 -5.49 3.25
C LEU A 38 -3.55 -6.89 2.88
N LYS A 39 -2.37 -7.30 3.36
CA LYS A 39 -1.83 -8.64 3.13
C LYS A 39 -2.80 -9.70 3.61
N ALA A 40 -3.35 -9.55 4.81
CA ALA A 40 -4.29 -10.54 5.35
C ALA A 40 -5.54 -10.66 4.48
N TRP A 41 -6.15 -9.52 4.09
CA TRP A 41 -7.30 -9.54 3.21
C TRP A 41 -6.96 -10.21 1.87
N SER A 42 -5.74 -10.02 1.37
CA SER A 42 -5.29 -10.69 0.16
C SER A 42 -5.25 -12.21 0.38
N ASP A 43 -4.72 -12.68 1.50
CA ASP A 43 -4.47 -14.11 1.70
C ASP A 43 -5.75 -14.86 2.05
N ALA A 44 -6.82 -14.14 2.39
CA ALA A 44 -8.18 -14.64 2.52
C ALA A 44 -9.02 -14.34 1.27
N GLU A 45 -8.40 -13.78 0.22
CA GLU A 45 -8.99 -13.44 -1.08
C GLU A 45 -10.27 -12.60 -0.98
N TYR A 46 -10.19 -11.49 -0.25
CA TYR A 46 -11.20 -10.43 -0.22
C TYR A 46 -11.03 -9.43 -1.37
N PHE A 47 -10.21 -9.71 -2.39
CA PHE A 47 -9.77 -8.76 -3.42
C PHE A 47 -10.13 -9.27 -4.83
N THR A 48 -9.49 -8.71 -5.86
CA THR A 48 -9.82 -8.94 -7.27
C THR A 48 -8.56 -9.35 -8.03
N LYS A 49 -8.73 -9.94 -9.21
CA LYS A 49 -7.63 -10.36 -10.09
C LYS A 49 -6.81 -9.20 -10.67
N GLN A 50 -7.12 -7.93 -10.38
CA GLN A 50 -6.39 -6.76 -10.85
C GLN A 50 -6.41 -5.70 -9.73
N PHE A 51 -6.09 -6.10 -8.50
CA PHE A 51 -6.19 -5.21 -7.34
C PHE A 51 -4.92 -4.37 -7.22
N ARG A 52 -5.10 -3.08 -6.95
CA ARG A 52 -4.02 -2.12 -6.80
C ARG A 52 -4.18 -1.31 -5.53
N VAL A 53 -3.11 -0.66 -5.09
CA VAL A 53 -3.06 0.20 -3.92
C VAL A 53 -2.14 1.37 -4.24
N TRP A 54 -2.39 2.54 -3.66
CA TRP A 54 -1.53 3.71 -3.78
C TRP A 54 -1.20 4.25 -2.40
N MET A 55 -0.11 4.99 -2.24
CA MET A 55 0.20 5.59 -0.95
C MET A 55 -0.74 6.76 -0.66
N THR A 56 -0.76 7.21 0.59
CA THR A 56 -1.42 8.44 0.96
C THR A 56 -0.79 9.62 0.19
N GLY A 57 -1.55 10.70 0.02
CA GLY A 57 -1.15 11.87 -0.76
C GLY A 57 -1.10 11.64 -2.28
N GLU A 58 -0.89 10.41 -2.75
CA GLU A 58 -0.71 10.11 -4.17
C GLU A 58 -2.03 10.07 -4.93
N SER A 59 -1.93 10.18 -6.26
CA SER A 59 -3.03 9.94 -7.18
C SER A 59 -3.29 8.43 -7.24
N MET A 60 -4.52 8.07 -7.61
CA MET A 60 -4.88 6.70 -7.96
C MET A 60 -4.03 6.19 -9.13
N GLU A 61 -3.66 7.07 -10.06
CA GLU A 61 -2.89 6.66 -11.22
C GLU A 61 -1.54 6.08 -10.80
N SER A 62 -1.00 6.56 -9.68
CA SER A 62 0.23 6.11 -9.04
C SER A 62 0.05 4.77 -8.30
N ALA A 63 -1.12 4.12 -8.39
CA ALA A 63 -1.33 2.84 -7.73
C ALA A 63 -0.49 1.76 -8.41
N VAL A 64 -0.09 0.77 -7.62
CA VAL A 64 0.67 -0.38 -8.05
C VAL A 64 -0.09 -1.65 -7.72
N LEU A 65 0.24 -2.75 -8.39
CA LEU A 65 -0.33 -4.06 -8.13
C LEU A 65 -0.03 -4.43 -6.68
N LEU A 66 -1.08 -4.82 -5.98
CA LEU A 66 -0.95 -5.34 -4.63
C LEU A 66 0.03 -6.53 -4.59
N THR A 67 0.10 -7.33 -5.65
CA THR A 67 0.98 -8.50 -5.67
C THR A 67 2.46 -8.10 -5.65
N ASP A 68 2.78 -6.95 -6.24
CA ASP A 68 4.14 -6.42 -6.30
C ASP A 68 4.47 -5.90 -4.90
N VAL A 69 3.56 -5.13 -4.30
CA VAL A 69 3.68 -4.62 -2.95
C VAL A 69 3.91 -5.75 -1.92
N LEU A 70 3.17 -6.85 -2.05
CA LEU A 70 3.31 -8.04 -1.20
C LEU A 70 4.72 -8.63 -1.30
N ARG A 71 5.25 -8.78 -2.51
CA ARG A 71 6.61 -9.20 -2.77
C ARG A 71 7.60 -8.23 -2.10
N LEU A 72 7.46 -6.93 -2.34
CA LEU A 72 8.39 -5.93 -1.84
C LEU A 72 8.41 -5.87 -0.30
N SER A 73 7.26 -6.15 0.34
CA SER A 73 7.12 -6.15 1.80
C SER A 73 7.32 -7.55 2.40
N GLY A 74 8.07 -8.43 1.73
CA GLY A 74 8.34 -9.79 2.19
C GLY A 74 9.68 -9.88 2.93
N PRO A 75 10.07 -11.08 3.40
CA PRO A 75 11.28 -11.31 4.21
C PRO A 75 12.54 -11.39 3.34
N SER A 76 12.80 -10.33 2.58
CA SER A 76 13.99 -10.23 1.76
C SER A 76 14.62 -8.85 1.88
N SER A 77 15.84 -8.72 1.34
CA SER A 77 16.47 -7.43 1.14
C SER A 77 15.72 -6.65 0.05
N GLY A 78 16.11 -5.40 -0.13
CA GLY A 78 15.64 -4.45 -1.11
C GLY A 78 16.15 -3.09 -0.69
N GLY A 1 19.12 29.39 -2.11
CA GLY A 1 17.72 29.76 -1.86
C GLY A 1 16.91 28.50 -2.06
N SER A 2 15.87 28.55 -2.90
CA SER A 2 15.44 27.35 -3.62
C SER A 2 16.53 26.97 -4.63
N SER A 3 16.26 25.97 -5.47
CA SER A 3 17.04 25.61 -6.66
C SER A 3 16.07 25.06 -7.71
N GLY A 4 16.54 24.28 -8.68
CA GLY A 4 15.68 23.59 -9.64
C GLY A 4 15.33 22.23 -9.08
N SER A 5 14.12 22.07 -8.54
CA SER A 5 13.58 20.87 -7.92
C SER A 5 14.54 20.23 -6.90
N SER A 6 14.35 20.56 -5.61
CA SER A 6 15.13 20.01 -4.51
C SER A 6 14.19 19.37 -3.47
N GLY A 7 13.82 18.10 -3.70
CA GLY A 7 12.74 17.42 -2.97
C GLY A 7 12.93 15.91 -2.88
N VAL A 8 14.18 15.42 -2.77
CA VAL A 8 14.53 14.04 -2.54
C VAL A 8 13.96 13.65 -1.19
N ARG A 9 12.88 12.89 -1.23
CA ARG A 9 12.43 12.07 -0.12
C ARG A 9 12.68 10.60 -0.48
N VAL A 10 12.61 9.74 0.53
CA VAL A 10 12.60 8.31 0.39
C VAL A 10 11.15 7.84 0.34
N LEU A 11 10.90 6.61 -0.13
CA LEU A 11 9.57 6.02 -0.14
C LEU A 11 9.64 4.55 0.27
N SER A 12 9.82 4.34 1.57
CA SER A 12 9.79 3.02 2.20
C SER A 12 8.34 2.51 2.31
N TYR A 13 8.21 1.20 2.48
CA TYR A 13 6.95 0.46 2.44
C TYR A 13 6.37 0.33 3.83
N ASP A 14 5.35 1.14 4.14
CA ASP A 14 4.69 1.15 5.44
C ASP A 14 3.85 -0.10 5.62
N LYS A 15 4.40 -1.07 6.33
CA LYS A 15 3.67 -2.25 6.76
C LYS A 15 3.08 -2.08 8.16
N GLU A 16 3.38 -0.99 8.88
CA GLU A 16 2.94 -0.79 10.25
C GLU A 16 2.18 0.52 10.46
N LYS A 17 2.24 1.49 9.55
CA LYS A 17 1.38 2.67 9.63
C LYS A 17 0.35 2.61 8.52
N LEU A 18 -0.81 3.20 8.76
CA LEU A 18 -1.87 3.26 7.79
C LEU A 18 -1.48 4.31 6.76
N ASN A 19 -0.95 3.86 5.62
CA ASN A 19 -0.54 4.76 4.55
C ASN A 19 -1.07 4.32 3.19
N TRP A 20 -1.62 3.11 3.05
CA TRP A 20 -1.98 2.57 1.75
C TRP A 20 -3.48 2.65 1.56
N LEU A 21 -3.90 3.44 0.59
CA LEU A 21 -5.28 3.63 0.18
C LEU A 21 -5.58 2.59 -0.91
N TYR A 22 -6.86 2.23 -1.07
CA TYR A 22 -7.35 1.51 -2.22
C TYR A 22 -8.70 2.05 -2.62
N LYS A 23 -9.14 1.78 -3.86
CA LYS A 23 -10.52 1.90 -4.29
C LYS A 23 -11.14 0.51 -4.32
N ASP A 24 -12.43 0.41 -4.06
CA ASP A 24 -13.16 -0.87 -3.98
C ASP A 24 -14.27 -0.89 -5.05
N PRO A 25 -15.07 -1.96 -5.21
CA PRO A 25 -16.16 -2.03 -6.18
C PRO A 25 -17.33 -1.14 -5.76
N GLN A 26 -17.33 -0.64 -4.51
CA GLN A 26 -18.24 0.40 -4.04
C GLN A 26 -17.99 1.71 -4.79
N GLY A 27 -16.79 1.89 -5.36
CA GLY A 27 -16.29 3.11 -5.97
C GLY A 27 -15.67 4.06 -4.96
N LEU A 28 -15.76 3.77 -3.66
CA LEU A 28 -15.12 4.56 -2.62
C LEU A 28 -13.64 4.26 -2.61
N VAL A 29 -12.82 5.28 -2.42
CA VAL A 29 -11.50 5.16 -1.82
C VAL A 29 -11.75 4.79 -0.35
N GLN A 30 -11.01 3.81 0.15
CA GLN A 30 -11.02 3.36 1.53
C GLN A 30 -9.63 3.53 2.12
N GLY A 31 -9.54 3.33 3.43
CA GLY A 31 -8.28 3.34 4.14
C GLY A 31 -7.91 4.76 4.57
N PRO A 32 -6.64 5.02 4.89
CA PRO A 32 -5.52 4.16 4.55
C PRO A 32 -5.41 2.94 5.47
N PHE A 33 -4.52 2.04 5.08
CA PHE A 33 -4.31 0.73 5.66
C PHE A 33 -2.82 0.44 5.73
N SER A 34 -2.42 -0.50 6.57
CA SER A 34 -1.08 -1.04 6.56
C SER A 34 -0.97 -2.19 5.56
N LEU A 35 0.24 -2.43 5.04
CA LEU A 35 0.45 -3.53 4.10
C LEU A 35 0.19 -4.90 4.70
N THR A 36 0.29 -5.07 6.03
CA THR A 36 0.03 -6.37 6.64
C THR A 36 -1.48 -6.64 6.72
N GLN A 37 -2.28 -5.60 6.98
CA GLN A 37 -3.74 -5.71 6.88
C GLN A 37 -4.11 -6.16 5.46
N LEU A 38 -3.55 -5.47 4.47
CA LEU A 38 -3.82 -5.76 3.06
C LEU A 38 -3.38 -7.17 2.67
N LYS A 39 -2.27 -7.69 3.22
CA LYS A 39 -1.90 -9.11 3.07
C LYS A 39 -3.00 -10.00 3.65
N ALA A 40 -3.39 -9.80 4.90
CA ALA A 40 -4.33 -10.68 5.57
C ALA A 40 -5.66 -10.74 4.83
N TRP A 41 -6.14 -9.60 4.33
CA TRP A 41 -7.35 -9.54 3.54
C TRP A 41 -7.17 -10.26 2.21
N SER A 42 -6.03 -10.10 1.54
CA SER A 42 -5.76 -10.83 0.31
C SER A 42 -5.69 -12.36 0.58
N ASP A 43 -5.12 -12.77 1.71
CA ASP A 43 -5.02 -14.15 2.19
C ASP A 43 -6.42 -14.72 2.49
N ALA A 44 -7.35 -13.86 2.90
CA ALA A 44 -8.77 -14.17 3.08
C ALA A 44 -9.60 -13.94 1.80
N GLU A 45 -8.95 -13.73 0.66
CA GLU A 45 -9.56 -13.49 -0.65
C GLU A 45 -10.59 -12.35 -0.64
N TYR A 46 -10.42 -11.33 0.21
CA TYR A 46 -11.20 -10.09 0.12
C TYR A 46 -11.02 -9.45 -1.27
N PHE A 47 -9.84 -9.63 -1.87
CA PHE A 47 -9.37 -8.83 -2.98
C PHE A 47 -9.03 -9.72 -4.17
N THR A 48 -8.82 -9.10 -5.33
CA THR A 48 -8.72 -9.76 -6.62
C THR A 48 -7.27 -9.72 -7.13
N LYS A 49 -6.99 -10.38 -8.25
CA LYS A 49 -5.67 -10.39 -8.90
C LYS A 49 -5.25 -9.04 -9.49
N GLN A 50 -6.12 -8.01 -9.48
CA GLN A 50 -5.87 -6.68 -10.05
C GLN A 50 -6.06 -5.57 -9.00
N PHE A 51 -5.78 -5.86 -7.74
CA PHE A 51 -6.08 -4.93 -6.66
C PHE A 51 -4.92 -3.95 -6.50
N ARG A 52 -5.03 -2.70 -6.97
CA ARG A 52 -3.99 -1.71 -6.75
C ARG A 52 -4.15 -0.99 -5.43
N VAL A 53 -3.05 -0.40 -4.95
CA VAL A 53 -2.93 0.42 -3.76
C VAL A 53 -2.00 1.58 -4.06
N TRP A 54 -2.14 2.70 -3.35
CA TRP A 54 -1.26 3.85 -3.46
C TRP A 54 -1.04 4.45 -2.07
N MET A 55 0.06 5.16 -1.86
CA MET A 55 0.32 5.84 -0.60
C MET A 55 -0.61 7.06 -0.48
N THR A 56 -0.87 7.53 0.73
CA THR A 56 -1.55 8.80 0.91
C THR A 56 -0.68 9.91 0.30
N GLY A 57 -1.31 10.98 -0.18
CA GLY A 57 -0.60 12.04 -0.89
C GLY A 57 -0.42 11.73 -2.37
N GLU A 58 -0.36 10.46 -2.78
CA GLU A 58 -0.15 10.07 -4.16
C GLU A 58 -1.48 9.83 -4.88
N SER A 59 -1.43 9.68 -6.20
CA SER A 59 -2.59 9.56 -7.06
C SER A 59 -2.94 8.09 -7.28
N MET A 60 -4.19 7.86 -7.66
CA MET A 60 -4.76 6.56 -7.93
C MET A 60 -4.27 6.01 -9.27
N GLU A 61 -4.07 6.88 -10.26
CA GLU A 61 -3.46 6.49 -11.52
C GLU A 61 -2.04 5.96 -11.30
N SER A 62 -1.30 6.58 -10.39
CA SER A 62 0.02 6.20 -9.92
C SER A 62 0.00 4.96 -9.02
N ALA A 63 -1.18 4.39 -8.68
CA ALA A 63 -1.27 3.24 -7.81
C ALA A 63 -0.56 2.02 -8.41
N VAL A 64 0.08 1.22 -7.56
CA VAL A 64 0.82 0.02 -7.91
C VAL A 64 0.02 -1.21 -7.47
N LEU A 65 0.38 -2.41 -7.92
CA LEU A 65 -0.37 -3.60 -7.59
C LEU A 65 -0.03 -4.03 -6.18
N LEU A 66 -1.05 -4.35 -5.39
CA LEU A 66 -0.89 -4.93 -4.06
C LEU A 66 -0.11 -6.25 -4.15
N THR A 67 -0.26 -7.03 -5.22
CA THR A 67 0.50 -8.28 -5.37
C THR A 67 2.00 -8.03 -5.50
N ASP A 68 2.38 -6.93 -6.14
CA ASP A 68 3.77 -6.50 -6.28
C ASP A 68 4.28 -6.05 -4.92
N VAL A 69 3.55 -5.13 -4.28
CA VAL A 69 3.94 -4.60 -2.98
C VAL A 69 3.96 -5.72 -1.92
N LEU A 70 3.19 -6.79 -2.09
CA LEU A 70 3.25 -8.00 -1.27
C LEU A 70 4.63 -8.67 -1.38
N ARG A 71 5.25 -8.70 -2.56
CA ARG A 71 6.61 -9.18 -2.74
C ARG A 71 7.58 -8.23 -2.04
N LEU A 72 7.42 -6.92 -2.23
CA LEU A 72 8.36 -5.92 -1.71
C LEU A 72 8.34 -5.91 -0.18
N SER A 73 7.17 -5.79 0.45
CA SER A 73 6.98 -5.97 1.89
C SER A 73 6.89 -7.47 2.22
N GLY A 74 7.82 -8.28 1.71
CA GLY A 74 7.90 -9.70 1.97
C GLY A 74 9.34 -10.08 2.32
N PRO A 75 9.58 -10.79 3.44
CA PRO A 75 10.87 -11.40 3.71
C PRO A 75 11.13 -12.47 2.67
N SER A 76 12.00 -12.14 1.72
CA SER A 76 12.59 -13.04 0.76
C SER A 76 13.96 -12.44 0.47
N SER A 77 15.02 -13.01 1.05
CA SER A 77 16.38 -12.46 0.92
C SER A 77 16.99 -12.74 -0.45
N GLY A 78 16.52 -13.80 -1.12
CA GLY A 78 17.00 -14.33 -2.37
C GLY A 78 16.19 -15.59 -2.61
N GLY A 1 13.93 2.26 14.93
CA GLY A 1 14.51 2.96 16.09
C GLY A 1 13.75 4.24 16.39
N SER A 2 14.45 5.26 16.90
CA SER A 2 13.94 6.62 16.81
C SER A 2 13.92 7.04 15.34
N SER A 3 13.26 8.15 15.02
CA SER A 3 13.32 8.79 13.71
C SER A 3 14.11 10.11 13.84
N GLY A 4 13.97 11.00 12.86
CA GLY A 4 14.62 12.29 12.79
C GLY A 4 14.21 12.93 11.47
N SER A 5 15.09 13.76 10.91
CA SER A 5 14.94 14.37 9.59
C SER A 5 15.01 13.30 8.49
N SER A 6 15.27 13.69 7.24
CA SER A 6 15.01 12.91 6.02
C SER A 6 15.49 11.46 6.06
N GLY A 7 16.57 11.17 6.77
CA GLY A 7 17.37 9.97 6.60
C GLY A 7 18.49 10.27 5.60
N VAL A 8 19.43 9.33 5.49
CA VAL A 8 20.57 9.41 4.58
C VAL A 8 20.24 8.60 3.31
N ARG A 9 19.14 8.97 2.65
CA ARG A 9 18.55 8.31 1.48
C ARG A 9 18.22 6.85 1.78
N VAL A 10 17.22 6.67 2.63
CA VAL A 10 16.69 5.37 3.06
C VAL A 10 15.18 5.54 3.28
N LEU A 11 14.36 4.61 2.78
CA LEU A 11 12.92 4.56 2.96
C LEU A 11 12.47 3.10 2.99
N SER A 12 11.89 2.64 4.08
CA SER A 12 11.08 1.42 4.10
C SER A 12 9.73 1.75 3.44
N TYR A 13 9.12 0.76 2.80
CA TYR A 13 7.69 0.79 2.52
C TYR A 13 6.98 0.73 3.85
N ASP A 14 5.90 1.49 4.00
CA ASP A 14 5.17 1.53 5.26
C ASP A 14 4.26 0.31 5.33
N LYS A 15 4.68 -0.75 6.03
CA LYS A 15 3.84 -1.95 6.17
C LYS A 15 3.12 -2.00 7.51
N GLU A 16 3.53 -1.24 8.52
CA GLU A 16 2.98 -1.36 9.88
C GLU A 16 2.36 -0.04 10.35
N LYS A 17 2.16 0.94 9.45
CA LYS A 17 1.34 2.11 9.71
C LYS A 17 0.34 2.22 8.55
N LEU A 18 -0.84 2.78 8.80
CA LEU A 18 -1.89 2.95 7.83
C LEU A 18 -1.50 4.04 6.84
N ASN A 19 -0.90 3.61 5.73
CA ASN A 19 -0.31 4.53 4.74
C ASN A 19 -0.73 4.24 3.29
N TRP A 20 -1.63 3.26 3.08
CA TRP A 20 -2.02 2.83 1.73
C TRP A 20 -3.54 2.84 1.59
N LEU A 21 -4.02 3.60 0.62
CA LEU A 21 -5.41 3.78 0.23
C LEU A 21 -5.75 2.75 -0.86
N TYR A 22 -7.05 2.48 -1.06
CA TYR A 22 -7.55 1.77 -2.23
C TYR A 22 -8.97 2.22 -2.58
N LYS A 23 -9.47 1.90 -3.78
CA LYS A 23 -10.88 2.03 -4.17
C LYS A 23 -11.50 0.66 -4.36
N ASP A 24 -12.55 0.34 -3.59
CA ASP A 24 -13.35 -0.89 -3.75
C ASP A 24 -14.27 -0.73 -4.98
N PRO A 25 -15.13 -1.71 -5.33
CA PRO A 25 -16.14 -1.59 -6.37
C PRO A 25 -17.43 -0.97 -5.79
N GLN A 26 -17.26 0.03 -4.91
CA GLN A 26 -18.34 0.85 -4.36
C GLN A 26 -18.12 2.32 -4.72
N GLY A 27 -16.98 2.66 -5.37
CA GLY A 27 -16.58 3.99 -5.77
C GLY A 27 -16.09 4.86 -4.61
N LEU A 28 -16.05 4.33 -3.39
CA LEU A 28 -15.47 4.96 -2.21
C LEU A 28 -13.98 4.63 -2.20
N VAL A 29 -13.10 5.63 -2.05
CA VAL A 29 -11.77 5.38 -1.52
C VAL A 29 -11.97 4.89 -0.08
N GLN A 30 -11.37 3.75 0.26
CA GLN A 30 -11.25 3.26 1.62
C GLN A 30 -9.82 3.50 2.11
N GLY A 31 -9.67 3.49 3.43
CA GLY A 31 -8.39 3.44 4.10
C GLY A 31 -8.01 4.80 4.68
N PRO A 32 -6.71 4.99 5.01
CA PRO A 32 -5.63 4.09 4.66
C PRO A 32 -5.56 2.84 5.55
N PHE A 33 -4.76 1.88 5.11
CA PHE A 33 -4.51 0.60 5.75
C PHE A 33 -3.01 0.34 5.74
N SER A 34 -2.55 -0.47 6.69
CA SER A 34 -1.20 -1.01 6.65
C SER A 34 -1.10 -2.09 5.57
N LEU A 35 0.07 -2.23 4.93
CA LEU A 35 0.30 -3.33 3.99
C LEU A 35 0.13 -4.68 4.67
N THR A 36 0.45 -4.78 5.96
CA THR A 36 0.24 -6.00 6.71
C THR A 36 -1.24 -6.39 6.71
N GLN A 37 -2.14 -5.42 6.97
CA GLN A 37 -3.58 -5.66 6.93
C GLN A 37 -4.05 -5.99 5.51
N LEU A 38 -3.56 -5.27 4.51
CA LEU A 38 -3.91 -5.51 3.10
C LEU A 38 -3.47 -6.91 2.66
N LYS A 39 -2.27 -7.37 3.06
CA LYS A 39 -1.82 -8.74 2.82
C LYS A 39 -2.76 -9.73 3.48
N ALA A 40 -3.14 -9.49 4.73
CA ALA A 40 -3.99 -10.43 5.46
C ALA A 40 -5.34 -10.62 4.77
N TRP A 41 -5.88 -9.55 4.21
CA TRP A 41 -7.09 -9.60 3.41
C TRP A 41 -6.85 -10.35 2.10
N SER A 42 -5.74 -10.06 1.42
CA SER A 42 -5.40 -10.67 0.14
C SER A 42 -5.29 -12.19 0.33
N ASP A 43 -4.69 -12.64 1.43
CA ASP A 43 -4.60 -14.03 1.88
C ASP A 43 -5.98 -14.70 1.97
N ALA A 44 -7.00 -13.90 2.26
CA ALA A 44 -8.36 -14.32 2.56
C ALA A 44 -9.31 -14.13 1.37
N GLU A 45 -8.81 -13.68 0.21
CA GLU A 45 -9.54 -13.49 -1.07
C GLU A 45 -10.51 -12.28 -1.03
N TYR A 46 -10.34 -11.32 -0.11
CA TYR A 46 -11.17 -10.12 -0.05
C TYR A 46 -10.93 -9.13 -1.22
N PHE A 47 -9.98 -9.40 -2.14
CA PHE A 47 -9.57 -8.57 -3.27
C PHE A 47 -9.51 -9.44 -4.53
N THR A 48 -9.14 -8.82 -5.65
CA THR A 48 -9.16 -9.41 -6.98
C THR A 48 -7.73 -9.76 -7.43
N LYS A 49 -7.59 -10.59 -8.46
CA LYS A 49 -6.31 -11.03 -9.02
C LYS A 49 -5.54 -9.92 -9.75
N GLN A 50 -6.00 -8.67 -9.69
CA GLN A 50 -5.45 -7.50 -10.39
C GLN A 50 -5.53 -6.27 -9.47
N PHE A 51 -5.49 -6.44 -8.15
CA PHE A 51 -5.78 -5.35 -7.22
C PHE A 51 -4.58 -4.43 -7.05
N ARG A 52 -4.82 -3.12 -6.89
CA ARG A 52 -3.78 -2.12 -6.64
C ARG A 52 -4.05 -1.31 -5.38
N VAL A 53 -3.01 -0.60 -4.92
CA VAL A 53 -3.03 0.34 -3.82
C VAL A 53 -2.19 1.56 -4.19
N TRP A 54 -2.45 2.71 -3.55
CA TRP A 54 -1.61 3.89 -3.67
C TRP A 54 -1.44 4.52 -2.30
N MET A 55 -0.40 5.34 -2.15
CA MET A 55 -0.05 6.01 -0.91
C MET A 55 -1.08 7.06 -0.54
N THR A 56 -1.12 7.37 0.75
CA THR A 56 -1.88 8.46 1.30
C THR A 56 -1.49 9.76 0.60
N GLY A 57 -2.34 10.22 -0.32
CA GLY A 57 -2.19 11.48 -1.01
C GLY A 57 -1.60 11.35 -2.42
N GLU A 58 -1.16 10.18 -2.87
CA GLU A 58 -0.77 9.97 -4.26
C GLU A 58 -2.02 9.96 -5.15
N SER A 59 -1.82 10.03 -6.47
CA SER A 59 -2.86 9.85 -7.45
C SER A 59 -3.13 8.37 -7.68
N MET A 60 -4.41 8.02 -7.78
CA MET A 60 -4.88 6.67 -7.99
C MET A 60 -4.35 6.01 -9.27
N GLU A 61 -4.00 6.83 -10.25
CA GLU A 61 -3.45 6.36 -11.51
C GLU A 61 -2.01 5.86 -11.39
N SER A 62 -1.32 6.21 -10.31
CA SER A 62 0.01 5.71 -9.95
C SER A 62 -0.08 4.54 -8.95
N ALA A 63 -1.25 3.92 -8.79
CA ALA A 63 -1.45 2.77 -7.92
C ALA A 63 -0.66 1.56 -8.43
N VAL A 64 0.10 0.89 -7.56
CA VAL A 64 0.91 -0.27 -7.90
C VAL A 64 0.15 -1.55 -7.56
N LEU A 65 0.55 -2.68 -8.15
CA LEU A 65 0.02 -4.00 -7.84
C LEU A 65 0.28 -4.28 -6.38
N LEU A 66 -0.81 -4.50 -5.65
CA LEU A 66 -0.73 -4.98 -4.28
C LEU A 66 0.13 -6.24 -4.20
N THR A 67 0.10 -7.09 -5.23
CA THR A 67 0.87 -8.33 -5.24
C THR A 67 2.38 -8.07 -5.34
N ASP A 68 2.79 -7.01 -6.04
CA ASP A 68 4.20 -6.63 -6.17
C ASP A 68 4.72 -6.18 -4.81
N VAL A 69 3.94 -5.32 -4.15
CA VAL A 69 4.20 -4.82 -2.80
C VAL A 69 4.22 -5.98 -1.79
N LEU A 70 3.33 -6.96 -1.92
CA LEU A 70 3.29 -8.15 -1.07
C LEU A 70 4.59 -8.95 -1.12
N ARG A 71 5.22 -9.05 -2.30
CA ARG A 71 6.57 -9.58 -2.42
C ARG A 71 7.53 -8.63 -1.70
N LEU A 72 7.57 -7.37 -2.11
CA LEU A 72 8.62 -6.43 -1.73
C LEU A 72 8.73 -6.25 -0.22
N SER A 73 7.61 -6.01 0.46
CA SER A 73 7.53 -5.83 1.89
C SER A 73 7.57 -7.17 2.63
N GLY A 74 8.66 -7.89 2.44
CA GLY A 74 9.13 -8.94 3.32
C GLY A 74 10.66 -8.90 3.38
N PRO A 75 11.25 -9.60 4.35
CA PRO A 75 12.68 -9.62 4.56
C PRO A 75 13.35 -10.39 3.42
N SER A 76 14.35 -9.76 2.82
CA SER A 76 15.17 -10.44 1.85
C SER A 76 15.90 -11.58 2.56
N SER A 77 15.93 -12.75 1.93
CA SER A 77 16.57 -13.95 2.46
C SER A 77 16.77 -15.02 1.39
N GLY A 78 16.04 -14.98 0.27
CA GLY A 78 16.14 -15.89 -0.84
C GLY A 78 15.39 -15.24 -1.97
N GLY A 1 13.94 16.58 20.81
CA GLY A 1 13.80 15.33 20.03
C GLY A 1 14.27 15.56 18.61
N SER A 2 13.93 14.66 17.70
CA SER A 2 14.42 14.66 16.34
C SER A 2 13.99 15.94 15.61
N SER A 3 14.92 16.86 15.35
CA SER A 3 14.67 18.09 14.61
C SER A 3 15.91 18.41 13.77
N GLY A 4 15.73 18.52 12.46
CA GLY A 4 16.76 18.86 11.48
C GLY A 4 16.63 17.90 10.31
N SER A 5 16.50 18.42 9.08
CA SER A 5 16.54 17.62 7.87
C SER A 5 17.16 18.47 6.75
N SER A 6 17.56 17.79 5.67
CA SER A 6 18.04 18.37 4.43
C SER A 6 17.68 17.48 3.23
N GLY A 7 16.98 16.35 3.47
CA GLY A 7 16.58 15.36 2.48
C GLY A 7 15.98 14.17 3.19
N VAL A 8 15.58 13.15 2.43
CA VAL A 8 15.08 11.87 2.94
C VAL A 8 16.11 10.83 2.53
N ARG A 9 16.90 10.36 3.49
CA ARG A 9 17.70 9.14 3.35
C ARG A 9 16.80 7.95 3.69
N VAL A 10 17.24 6.75 3.30
CA VAL A 10 16.52 5.48 3.39
C VAL A 10 15.19 5.52 2.60
N LEU A 11 14.71 4.34 2.21
CA LEU A 11 13.37 4.08 1.69
C LEU A 11 12.97 2.72 2.25
N SER A 12 11.89 2.66 3.01
CA SER A 12 11.20 1.43 3.40
C SER A 12 9.74 1.57 2.98
N TYR A 13 9.07 0.45 2.74
CA TYR A 13 7.63 0.39 2.55
C TYR A 13 7.07 0.14 3.93
N ASP A 14 6.52 1.17 4.57
CA ASP A 14 5.98 0.99 5.91
C ASP A 14 4.78 0.05 5.83
N LYS A 15 4.88 -1.08 6.53
CA LYS A 15 3.86 -2.10 6.60
C LYS A 15 3.06 -2.03 7.88
N GLU A 16 3.53 -1.31 8.90
CA GLU A 16 2.82 -1.24 10.17
C GLU A 16 1.83 -0.07 10.14
N LYS A 17 2.22 1.07 9.57
CA LYS A 17 1.41 2.28 9.62
C LYS A 17 0.38 2.29 8.50
N LEU A 18 -0.70 3.04 8.70
CA LEU A 18 -1.77 3.16 7.72
C LEU A 18 -1.34 4.14 6.65
N ASN A 19 -0.58 3.64 5.68
CA ASN A 19 0.07 4.46 4.67
C ASN A 19 -0.38 4.14 3.25
N TRP A 20 -1.35 3.23 3.08
CA TRP A 20 -1.80 2.77 1.78
C TRP A 20 -3.31 2.88 1.69
N LEU A 21 -3.80 3.19 0.50
CA LEU A 21 -5.18 3.46 0.16
C LEU A 21 -5.59 2.51 -0.96
N TYR A 22 -6.89 2.23 -1.10
CA TYR A 22 -7.40 1.50 -2.25
C TYR A 22 -8.78 2.03 -2.65
N LYS A 23 -9.12 1.93 -3.94
CA LYS A 23 -10.45 2.23 -4.44
C LYS A 23 -11.22 0.93 -4.51
N ASP A 24 -12.37 0.86 -3.84
CA ASP A 24 -13.22 -0.32 -3.78
C ASP A 24 -14.04 -0.46 -5.08
N PRO A 25 -14.86 -1.53 -5.24
CA PRO A 25 -15.68 -1.73 -6.43
C PRO A 25 -17.02 -0.97 -6.41
N GLN A 26 -17.33 -0.22 -5.35
CA GLN A 26 -18.47 0.70 -5.30
C GLN A 26 -18.06 2.02 -5.97
N GLY A 27 -16.80 2.43 -5.79
CA GLY A 27 -16.26 3.68 -6.27
C GLY A 27 -15.78 4.59 -5.14
N LEU A 28 -15.52 4.06 -3.94
CA LEU A 28 -15.10 4.82 -2.77
C LEU A 28 -13.63 4.48 -2.48
N VAL A 29 -12.84 5.46 -2.03
CA VAL A 29 -11.50 5.20 -1.51
C VAL A 29 -11.65 4.80 -0.05
N GLN A 30 -11.36 3.54 0.27
CA GLN A 30 -11.34 3.08 1.65
C GLN A 30 -9.94 3.31 2.23
N GLY A 31 -9.83 3.20 3.55
CA GLY A 31 -8.56 3.23 4.24
C GLY A 31 -8.24 4.61 4.78
N PRO A 32 -6.97 4.88 5.10
CA PRO A 32 -5.84 4.03 4.77
C PRO A 32 -5.77 2.76 5.62
N PHE A 33 -4.97 1.81 5.16
CA PHE A 33 -4.68 0.56 5.83
C PHE A 33 -3.17 0.35 5.81
N SER A 34 -2.71 -0.50 6.72
CA SER A 34 -1.34 -0.96 6.79
C SER A 34 -1.13 -2.10 5.79
N LEU A 35 0.08 -2.26 5.23
CA LEU A 35 0.36 -3.40 4.35
C LEU A 35 0.13 -4.72 5.09
N THR A 36 0.40 -4.76 6.39
CA THR A 36 0.13 -5.92 7.23
C THR A 36 -1.36 -6.26 7.29
N GLN A 37 -2.26 -5.27 7.16
CA GLN A 37 -3.69 -5.54 7.11
C GLN A 37 -4.07 -6.01 5.71
N LEU A 38 -3.68 -5.25 4.69
CA LEU A 38 -4.01 -5.54 3.29
C LEU A 38 -3.52 -6.94 2.91
N LYS A 39 -2.30 -7.31 3.33
CA LYS A 39 -1.76 -8.64 3.11
C LYS A 39 -2.66 -9.72 3.71
N ALA A 40 -2.98 -9.61 5.00
CA ALA A 40 -3.70 -10.64 5.70
C ALA A 40 -5.11 -10.83 5.13
N TRP A 41 -5.77 -9.76 4.70
CA TRP A 41 -7.03 -9.82 3.97
C TRP A 41 -6.81 -10.51 2.61
N SER A 42 -5.74 -10.17 1.88
CA SER A 42 -5.46 -10.71 0.56
C SER A 42 -5.21 -12.21 0.65
N ASP A 43 -4.57 -12.71 1.71
CA ASP A 43 -4.41 -14.15 1.94
C ASP A 43 -5.78 -14.81 2.04
N ALA A 44 -6.65 -14.25 2.88
CA ALA A 44 -8.05 -14.62 3.04
C ALA A 44 -8.94 -14.25 1.84
N GLU A 45 -8.35 -13.90 0.69
CA GLU A 45 -8.95 -13.74 -0.62
C GLU A 45 -9.89 -12.53 -0.77
N TYR A 46 -9.99 -11.67 0.25
CA TYR A 46 -10.95 -10.56 0.31
C TYR A 46 -10.76 -9.44 -0.73
N PHE A 47 -9.88 -9.60 -1.75
CA PHE A 47 -9.65 -8.64 -2.82
C PHE A 47 -9.81 -9.30 -4.19
N THR A 48 -9.63 -8.51 -5.24
CA THR A 48 -9.94 -8.84 -6.61
C THR A 48 -8.66 -9.22 -7.38
N LYS A 49 -8.78 -9.80 -8.58
CA LYS A 49 -7.64 -10.27 -9.38
C LYS A 49 -6.72 -9.13 -9.80
N GLN A 50 -7.23 -7.90 -9.88
CA GLN A 50 -6.46 -6.72 -10.27
C GLN A 50 -6.73 -5.65 -9.21
N PHE A 51 -6.44 -5.97 -7.95
CA PHE A 51 -6.52 -5.04 -6.84
C PHE A 51 -5.24 -4.21 -6.81
N ARG A 52 -5.32 -2.89 -7.03
CA ARG A 52 -4.19 -2.03 -6.80
C ARG A 52 -4.28 -1.34 -5.44
N VAL A 53 -3.19 -0.72 -5.02
CA VAL A 53 -3.09 0.18 -3.88
C VAL A 53 -2.16 1.32 -4.25
N TRP A 54 -2.28 2.47 -3.59
CA TRP A 54 -1.34 3.58 -3.69
C TRP A 54 -1.06 4.12 -2.30
N MET A 55 0.00 4.91 -2.16
CA MET A 55 0.35 5.47 -0.86
C MET A 55 -0.54 6.66 -0.52
N THR A 56 -0.61 7.02 0.76
CA THR A 56 -1.32 8.19 1.22
C THR A 56 -0.72 9.44 0.59
N GLY A 57 -1.56 10.44 0.27
CA GLY A 57 -1.14 11.69 -0.33
C GLY A 57 -0.82 11.58 -1.82
N GLU A 58 -0.74 10.37 -2.38
CA GLU A 58 -0.38 10.18 -3.78
C GLU A 58 -1.60 10.20 -4.69
N SER A 59 -1.31 10.10 -5.98
CA SER A 59 -2.24 10.00 -7.07
C SER A 59 -2.74 8.56 -7.18
N MET A 60 -4.07 8.40 -7.22
CA MET A 60 -4.70 7.12 -7.42
C MET A 60 -4.21 6.48 -8.72
N GLU A 61 -4.06 7.26 -9.80
CA GLU A 61 -3.63 6.71 -11.07
C GLU A 61 -2.23 6.10 -11.00
N SER A 62 -1.38 6.48 -10.04
CA SER A 62 -0.07 5.87 -9.86
C SER A 62 -0.13 4.58 -9.01
N ALA A 63 -1.32 4.09 -8.63
CA ALA A 63 -1.49 2.86 -7.88
C ALA A 63 -0.80 1.68 -8.57
N VAL A 64 -0.32 0.73 -7.78
CA VAL A 64 0.40 -0.45 -8.21
C VAL A 64 -0.36 -1.70 -7.77
N LEU A 65 -0.08 -2.84 -8.41
CA LEU A 65 -0.72 -4.11 -8.13
C LEU A 65 -0.33 -4.54 -6.72
N LEU A 66 -1.31 -4.79 -5.87
CA LEU A 66 -1.07 -5.20 -4.48
C LEU A 66 -0.14 -6.42 -4.40
N THR A 67 -0.17 -7.32 -5.39
CA THR A 67 0.60 -8.57 -5.29
C THR A 67 2.10 -8.31 -5.45
N ASP A 68 2.48 -7.18 -6.05
CA ASP A 68 3.85 -6.72 -6.18
C ASP A 68 4.26 -6.00 -4.90
N VAL A 69 3.36 -5.21 -4.31
CA VAL A 69 3.61 -4.55 -3.03
C VAL A 69 3.87 -5.59 -1.93
N LEU A 70 3.19 -6.74 -1.99
CA LEU A 70 3.50 -7.90 -1.15
C LEU A 70 4.97 -8.28 -1.28
N ARG A 71 5.46 -8.55 -2.51
CA ARG A 71 6.85 -8.92 -2.77
C ARG A 71 7.82 -7.85 -2.30
N LEU A 72 7.48 -6.58 -2.51
CA LEU A 72 8.30 -5.46 -2.08
C LEU A 72 8.40 -5.47 -0.54
N SER A 73 7.28 -5.70 0.15
CA SER A 73 7.19 -5.76 1.61
C SER A 73 7.32 -7.21 2.12
N GLY A 74 8.27 -7.97 1.59
CA GLY A 74 8.72 -9.24 2.13
C GLY A 74 8.55 -10.40 1.15
N PRO A 75 9.13 -11.57 1.45
CA PRO A 75 9.07 -12.72 0.58
C PRO A 75 7.67 -13.37 0.60
N SER A 76 6.73 -12.81 -0.15
CA SER A 76 5.42 -13.38 -0.41
C SER A 76 4.97 -12.90 -1.80
N SER A 77 4.44 -13.81 -2.64
CA SER A 77 3.92 -13.52 -3.97
C SER A 77 2.49 -14.02 -4.16
N GLY A 78 1.94 -14.76 -3.19
CA GLY A 78 1.09 -15.91 -3.51
C GLY A 78 2.00 -16.90 -4.22
N GLY A 1 10.22 24.93 8.61
CA GLY A 1 9.62 24.02 7.64
C GLY A 1 10.15 24.32 6.25
N SER A 2 10.23 23.30 5.40
CA SER A 2 10.67 23.41 4.01
C SER A 2 10.35 22.11 3.29
N SER A 3 10.34 22.13 1.95
CA SER A 3 10.43 20.92 1.15
C SER A 3 11.90 20.63 0.85
N GLY A 4 12.24 19.36 0.68
CA GLY A 4 13.58 18.89 0.38
C GLY A 4 13.53 17.39 0.21
N SER A 5 14.00 16.88 -0.92
CA SER A 5 13.92 15.47 -1.28
C SER A 5 15.18 15.12 -2.09
N SER A 6 16.23 14.58 -1.48
CA SER A 6 17.38 14.03 -2.18
C SER A 6 17.94 12.83 -1.42
N GLY A 7 17.36 11.66 -1.65
CA GLY A 7 17.83 10.39 -1.09
C GLY A 7 17.88 10.45 0.43
N VAL A 8 16.72 10.64 1.04
CA VAL A 8 16.51 10.83 2.48
C VAL A 8 16.72 9.47 3.18
N ARG A 9 17.97 9.02 3.22
CA ARG A 9 18.42 7.67 3.54
C ARG A 9 17.60 6.59 2.83
N VAL A 10 17.64 5.38 3.36
CA VAL A 10 16.85 4.23 2.94
C VAL A 10 15.38 4.51 3.30
N LEU A 11 14.45 3.79 2.66
CA LEU A 11 13.04 3.84 2.98
C LEU A 11 12.36 2.51 2.67
N SER A 12 12.37 1.59 3.65
CA SER A 12 11.65 0.32 3.54
C SER A 12 10.15 0.57 3.70
N TYR A 13 9.35 -0.23 2.99
CA TYR A 13 7.92 0.00 2.79
C TYR A 13 7.15 0.09 4.12
N ASP A 14 6.22 1.03 4.18
CA ASP A 14 5.32 1.27 5.31
C ASP A 14 4.29 0.16 5.37
N LYS A 15 4.48 -0.84 6.24
CA LYS A 15 3.54 -1.96 6.38
C LYS A 15 2.82 -1.97 7.72
N GLU A 16 3.32 -1.24 8.72
CA GLU A 16 2.85 -1.29 10.11
C GLU A 16 2.23 0.04 10.57
N LYS A 17 2.17 1.03 9.66
CA LYS A 17 1.39 2.24 9.81
C LYS A 17 0.29 2.23 8.76
N LEU A 18 -0.75 3.04 8.93
CA LEU A 18 -1.80 3.17 7.94
C LEU A 18 -1.28 4.15 6.89
N ASN A 19 -0.87 3.65 5.73
CA ASN A 19 -0.23 4.48 4.70
C ASN A 19 -0.71 4.17 3.29
N TRP A 20 -1.66 3.24 3.12
CA TRP A 20 -2.06 2.74 1.81
C TRP A 20 -3.57 2.82 1.65
N LEU A 21 -3.99 3.57 0.64
CA LEU A 21 -5.36 3.78 0.22
C LEU A 21 -5.72 2.73 -0.83
N TYR A 22 -7.01 2.44 -0.99
CA TYR A 22 -7.47 1.60 -2.08
C TYR A 22 -8.91 1.98 -2.48
N LYS A 23 -9.31 1.66 -3.71
CA LYS A 23 -10.70 1.75 -4.19
C LYS A 23 -11.33 0.36 -4.11
N ASP A 24 -12.37 0.20 -3.30
CA ASP A 24 -13.25 -0.99 -3.39
C ASP A 24 -14.23 -0.75 -4.57
N PRO A 25 -15.09 -1.70 -4.94
CA PRO A 25 -15.90 -1.62 -6.15
C PRO A 25 -17.08 -0.66 -6.04
N GLN A 26 -17.41 -0.16 -4.84
CA GLN A 26 -18.30 1.00 -4.70
C GLN A 26 -17.67 2.26 -5.30
N GLY A 27 -16.34 2.35 -5.33
CA GLY A 27 -15.63 3.52 -5.81
C GLY A 27 -15.25 4.49 -4.69
N LEU A 28 -15.60 4.19 -3.43
CA LEU A 28 -15.07 4.85 -2.25
C LEU A 28 -13.58 4.54 -2.17
N VAL A 29 -12.76 5.55 -1.90
CA VAL A 29 -11.37 5.40 -1.51
C VAL A 29 -11.37 5.08 -0.02
N GLN A 30 -11.34 3.80 0.29
CA GLN A 30 -11.26 3.34 1.66
C GLN A 30 -9.84 3.54 2.18
N GLY A 31 -9.69 3.46 3.49
CA GLY A 31 -8.41 3.51 4.16
C GLY A 31 -8.02 4.93 4.56
N PRO A 32 -6.76 5.14 4.95
CA PRO A 32 -5.65 4.26 4.66
C PRO A 32 -5.57 3.04 5.58
N PHE A 33 -4.73 2.07 5.19
CA PHE A 33 -4.55 0.78 5.86
C PHE A 33 -3.05 0.46 5.94
N SER A 34 -2.70 -0.47 6.82
CA SER A 34 -1.38 -1.07 6.88
C SER A 34 -1.28 -2.17 5.82
N LEU A 35 -0.09 -2.33 5.22
CA LEU A 35 0.10 -3.40 4.24
C LEU A 35 -0.07 -4.77 4.88
N THR A 36 0.24 -4.95 6.16
CA THR A 36 0.02 -6.24 6.81
C THR A 36 -1.49 -6.55 6.83
N GLN A 37 -2.35 -5.55 7.03
CA GLN A 37 -3.79 -5.73 6.95
C GLN A 37 -4.20 -6.05 5.51
N LEU A 38 -3.71 -5.26 4.54
CA LEU A 38 -4.07 -5.45 3.13
C LEU A 38 -3.60 -6.83 2.62
N LYS A 39 -2.42 -7.30 3.06
CA LYS A 39 -1.96 -8.66 2.82
C LYS A 39 -2.89 -9.67 3.47
N ALA A 40 -3.27 -9.50 4.73
CA ALA A 40 -4.14 -10.44 5.43
C ALA A 40 -5.49 -10.57 4.73
N TRP A 41 -6.03 -9.49 4.18
CA TRP A 41 -7.27 -9.46 3.42
C TRP A 41 -7.09 -10.03 2.02
N SER A 42 -5.89 -9.92 1.43
CA SER A 42 -5.54 -10.68 0.25
C SER A 42 -5.50 -12.18 0.59
N ASP A 43 -5.15 -12.54 1.83
CA ASP A 43 -5.09 -13.92 2.32
C ASP A 43 -6.47 -14.49 2.67
N ALA A 44 -7.48 -13.62 2.76
CA ALA A 44 -8.88 -13.95 3.04
C ALA A 44 -9.76 -13.79 1.80
N GLU A 45 -9.19 -13.35 0.68
CA GLU A 45 -9.85 -12.96 -0.55
C GLU A 45 -10.96 -11.94 -0.30
N TYR A 46 -10.56 -10.73 0.09
CA TYR A 46 -11.36 -9.51 0.05
C TYR A 46 -10.91 -8.60 -1.11
N PHE A 47 -10.06 -9.09 -2.03
CA PHE A 47 -9.41 -8.31 -3.08
C PHE A 47 -9.32 -9.16 -4.34
N THR A 48 -9.25 -8.47 -5.48
CA THR A 48 -9.50 -9.04 -6.79
C THR A 48 -8.28 -9.79 -7.34
N LYS A 49 -8.44 -10.50 -8.47
CA LYS A 49 -7.35 -11.08 -9.23
C LYS A 49 -6.29 -10.08 -9.73
N GLN A 50 -6.59 -8.78 -9.78
CA GLN A 50 -5.72 -7.78 -10.39
C GLN A 50 -5.78 -6.50 -9.53
N PHE A 51 -5.60 -6.64 -8.22
CA PHE A 51 -5.89 -5.53 -7.32
C PHE A 51 -4.70 -4.57 -7.24
N ARG A 52 -4.97 -3.27 -7.07
CA ARG A 52 -3.95 -2.26 -6.86
C ARG A 52 -4.22 -1.41 -5.62
N VAL A 53 -3.19 -0.77 -5.09
CA VAL A 53 -3.21 0.13 -3.95
C VAL A 53 -2.29 1.31 -4.25
N TRP A 54 -2.48 2.44 -3.57
CA TRP A 54 -1.60 3.60 -3.69
C TRP A 54 -1.34 4.19 -2.29
N MET A 55 -0.27 4.97 -2.14
CA MET A 55 0.03 5.60 -0.87
C MET A 55 -0.95 6.72 -0.56
N THR A 56 -1.04 7.05 0.72
CA THR A 56 -1.73 8.23 1.21
C THR A 56 -1.26 9.46 0.41
N GLY A 57 -2.18 10.15 -0.24
CA GLY A 57 -1.94 11.39 -0.96
C GLY A 57 -1.95 11.21 -2.47
N GLU A 58 -1.68 10.00 -2.98
CA GLU A 58 -1.33 9.83 -4.38
C GLU A 58 -2.56 9.82 -5.29
N SER A 59 -2.31 9.94 -6.60
CA SER A 59 -3.31 9.64 -7.61
C SER A 59 -3.52 8.14 -7.62
N MET A 60 -4.75 7.75 -7.89
CA MET A 60 -5.14 6.36 -8.14
C MET A 60 -4.36 5.79 -9.32
N GLU A 61 -3.98 6.65 -10.25
CA GLU A 61 -3.19 6.35 -11.43
C GLU A 61 -1.78 5.87 -11.03
N SER A 62 -1.20 6.41 -9.94
CA SER A 62 0.07 5.94 -9.38
C SER A 62 -0.05 4.60 -8.66
N ALA A 63 -1.24 4.01 -8.54
CA ALA A 63 -1.45 2.76 -7.83
C ALA A 63 -0.63 1.65 -8.46
N VAL A 64 -0.06 0.79 -7.62
CA VAL A 64 0.80 -0.33 -7.96
C VAL A 64 0.06 -1.63 -7.67
N LEU A 65 0.52 -2.76 -8.23
CA LEU A 65 -0.11 -4.05 -7.99
C LEU A 65 0.12 -4.42 -6.54
N LEU A 66 -0.97 -4.73 -5.85
CA LEU A 66 -0.93 -5.30 -4.50
C LEU A 66 0.03 -6.49 -4.45
N THR A 67 0.09 -7.31 -5.49
CA THR A 67 0.96 -8.48 -5.54
C THR A 67 2.45 -8.11 -5.59
N ASP A 68 2.76 -6.92 -6.11
CA ASP A 68 4.13 -6.41 -6.20
C ASP A 68 4.53 -5.81 -4.86
N VAL A 69 3.62 -5.11 -4.20
CA VAL A 69 3.83 -4.59 -2.85
C VAL A 69 3.99 -5.74 -1.85
N LEU A 70 3.27 -6.85 -2.07
CA LEU A 70 3.45 -8.12 -1.39
C LEU A 70 4.85 -8.71 -1.62
N ARG A 71 5.51 -8.41 -2.74
CA ARG A 71 6.92 -8.73 -2.94
C ARG A 71 7.76 -7.72 -2.17
N LEU A 72 7.65 -6.43 -2.50
CA LEU A 72 8.57 -5.38 -2.10
C LEU A 72 8.66 -5.21 -0.60
N SER A 73 7.60 -5.54 0.14
CA SER A 73 7.55 -5.51 1.59
C SER A 73 7.48 -6.96 2.11
N GLY A 74 8.51 -7.76 1.84
CA GLY A 74 8.66 -9.12 2.33
C GLY A 74 9.15 -9.14 3.78
N PRO A 75 9.10 -10.28 4.49
CA PRO A 75 9.42 -10.33 5.90
C PRO A 75 10.93 -10.26 6.14
N SER A 76 11.48 -9.07 6.40
CA SER A 76 12.85 -8.94 6.88
C SER A 76 12.98 -7.65 7.68
N SER A 77 13.83 -7.67 8.72
CA SER A 77 14.44 -6.46 9.25
C SER A 77 15.39 -5.89 8.19
N GLY A 78 15.92 -4.69 8.47
CA GLY A 78 17.11 -4.19 7.82
C GLY A 78 18.25 -5.11 8.17
N GLY A 1 19.85 11.57 6.11
CA GLY A 1 19.17 10.29 5.85
C GLY A 1 19.77 9.21 6.73
N SER A 2 20.31 8.15 6.10
CA SER A 2 20.79 6.94 6.75
C SER A 2 19.65 6.25 7.51
N SER A 3 19.40 6.57 8.77
CA SER A 3 18.31 6.03 9.56
C SER A 3 17.77 7.17 10.43
N GLY A 4 16.51 7.55 10.23
CA GLY A 4 15.85 8.62 10.96
C GLY A 4 15.25 9.64 10.01
N SER A 5 14.41 10.53 10.55
CA SER A 5 13.84 11.66 9.84
C SER A 5 14.91 12.74 9.73
N SER A 6 15.80 12.57 8.76
CA SER A 6 16.79 13.54 8.36
C SER A 6 17.01 13.39 6.86
N GLY A 7 17.41 14.48 6.20
CA GLY A 7 17.35 14.57 4.74
C GLY A 7 15.90 14.84 4.35
N VAL A 8 15.35 14.11 3.39
CA VAL A 8 14.16 14.48 2.64
C VAL A 8 13.12 13.37 2.72
N ARG A 9 12.34 13.14 1.64
CA ARG A 9 11.43 12.02 1.51
C ARG A 9 12.18 10.71 1.81
N VAL A 10 11.45 9.69 2.24
CA VAL A 10 11.99 8.42 2.69
C VAL A 10 11.56 7.35 1.69
N LEU A 11 12.29 6.22 1.63
CA LEU A 11 11.86 5.03 0.92
C LEU A 11 11.82 3.90 1.95
N SER A 12 10.69 3.78 2.62
CA SER A 12 10.35 2.70 3.54
C SER A 12 8.90 2.34 3.18
N TYR A 13 8.65 1.14 2.65
CA TYR A 13 7.30 0.76 2.27
C TYR A 13 6.58 0.45 3.58
N ASP A 14 5.75 1.39 4.03
CA ASP A 14 5.14 1.39 5.35
C ASP A 14 4.25 0.16 5.51
N LYS A 15 4.75 -0.88 6.17
CA LYS A 15 3.97 -2.06 6.48
C LYS A 15 3.25 -1.94 7.80
N GLU A 16 3.71 -1.08 8.71
CA GLU A 16 3.22 -1.05 10.08
C GLU A 16 2.12 0.00 10.20
N LYS A 17 2.38 1.24 9.80
CA LYS A 17 1.36 2.29 9.86
C LYS A 17 0.37 2.17 8.70
N LEU A 18 -0.81 2.76 8.85
CA LEU A 18 -1.78 2.89 7.81
C LEU A 18 -1.26 3.91 6.82
N ASN A 19 -0.85 3.48 5.63
CA ASN A 19 -0.25 4.40 4.65
C ASN A 19 -0.63 4.11 3.21
N TRP A 20 -1.56 3.17 2.99
CA TRP A 20 -1.94 2.71 1.66
C TRP A 20 -3.46 2.80 1.53
N LEU A 21 -3.94 3.56 0.56
CA LEU A 21 -5.34 3.75 0.20
C LEU A 21 -5.73 2.71 -0.85
N TYR A 22 -7.02 2.48 -1.06
CA TYR A 22 -7.52 1.76 -2.22
C TYR A 22 -8.90 2.29 -2.62
N LYS A 23 -9.35 1.99 -3.84
CA LYS A 23 -10.71 2.24 -4.30
C LYS A 23 -11.46 0.91 -4.28
N ASP A 24 -12.67 0.91 -3.76
CA ASP A 24 -13.49 -0.28 -3.61
C ASP A 24 -14.40 -0.49 -4.84
N PRO A 25 -15.14 -1.61 -4.94
CA PRO A 25 -15.97 -1.91 -6.10
C PRO A 25 -17.28 -1.10 -6.10
N GLN A 26 -17.58 -0.36 -5.03
CA GLN A 26 -18.64 0.64 -4.98
C GLN A 26 -18.11 2.00 -5.47
N GLY A 27 -16.79 2.15 -5.60
CA GLY A 27 -16.05 3.31 -6.07
C GLY A 27 -15.69 4.29 -4.96
N LEU A 28 -15.89 3.92 -3.70
CA LEU A 28 -15.45 4.71 -2.55
C LEU A 28 -13.95 4.53 -2.46
N VAL A 29 -13.21 5.61 -2.19
CA VAL A 29 -11.86 5.47 -1.68
C VAL A 29 -12.01 4.99 -0.23
N GLN A 30 -11.08 4.15 0.22
CA GLN A 30 -11.07 3.55 1.55
C GLN A 30 -9.69 3.78 2.15
N GLY A 31 -9.61 3.67 3.47
CA GLY A 31 -8.35 3.58 4.18
C GLY A 31 -7.89 4.92 4.75
N PRO A 32 -6.60 5.07 5.03
CA PRO A 32 -5.56 4.13 4.65
C PRO A 32 -5.56 2.85 5.49
N PHE A 33 -4.76 1.89 5.04
CA PHE A 33 -4.53 0.59 5.66
C PHE A 33 -3.02 0.33 5.64
N SER A 34 -2.59 -0.65 6.42
CA SER A 34 -1.20 -1.09 6.47
C SER A 34 -1.00 -2.32 5.59
N LEU A 35 0.24 -2.54 5.11
CA LEU A 35 0.51 -3.67 4.22
C LEU A 35 0.33 -5.01 4.91
N THR A 36 0.46 -5.08 6.24
CA THR A 36 0.19 -6.31 6.97
C THR A 36 -1.31 -6.63 6.88
N GLN A 37 -2.17 -5.67 7.20
CA GLN A 37 -3.62 -5.80 7.09
C GLN A 37 -4.02 -6.16 5.65
N LEU A 38 -3.48 -5.43 4.67
CA LEU A 38 -3.81 -5.63 3.27
C LEU A 38 -3.36 -7.01 2.77
N LYS A 39 -2.18 -7.50 3.16
CA LYS A 39 -1.77 -8.85 2.81
C LYS A 39 -2.76 -9.85 3.37
N ALA A 40 -3.09 -9.74 4.66
CA ALA A 40 -3.96 -10.70 5.29
C ALA A 40 -5.29 -10.81 4.54
N TRP A 41 -5.88 -9.67 4.18
CA TRP A 41 -7.12 -9.64 3.43
C TRP A 41 -6.97 -10.08 1.98
N SER A 42 -5.82 -9.86 1.34
CA SER A 42 -5.53 -10.40 0.02
C SER A 42 -5.51 -11.93 0.11
N ASP A 43 -4.98 -12.49 1.20
CA ASP A 43 -4.77 -13.93 1.37
C ASP A 43 -6.08 -14.61 1.77
N ALA A 44 -6.81 -14.04 2.72
CA ALA A 44 -8.17 -14.42 3.12
C ALA A 44 -9.25 -14.01 2.09
N GLU A 45 -8.83 -13.51 0.92
CA GLU A 45 -9.65 -13.23 -0.25
C GLU A 45 -10.85 -12.30 0.03
N TYR A 46 -10.63 -11.23 0.79
CA TYR A 46 -11.56 -10.10 0.86
C TYR A 46 -11.45 -9.18 -0.35
N PHE A 47 -10.40 -9.32 -1.15
CA PHE A 47 -9.98 -8.40 -2.20
C PHE A 47 -10.07 -9.11 -3.54
N THR A 48 -9.36 -8.65 -4.57
CA THR A 48 -9.50 -9.12 -5.94
C THR A 48 -8.15 -9.57 -6.45
N LYS A 49 -8.13 -10.40 -7.50
CA LYS A 49 -6.89 -10.80 -8.15
C LYS A 49 -6.19 -9.65 -8.91
N GLN A 50 -6.74 -8.44 -8.86
CA GLN A 50 -6.27 -7.25 -9.58
C GLN A 50 -6.30 -6.05 -8.61
N PHE A 51 -6.07 -6.31 -7.32
CA PHE A 51 -6.21 -5.29 -6.29
C PHE A 51 -4.95 -4.42 -6.30
N ARG A 52 -5.02 -3.21 -6.87
CA ARG A 52 -3.95 -2.22 -6.70
C ARG A 52 -4.18 -1.42 -5.42
N VAL A 53 -3.17 -0.70 -4.98
CA VAL A 53 -3.16 0.21 -3.85
C VAL A 53 -2.28 1.41 -4.21
N TRP A 54 -2.51 2.57 -3.60
CA TRP A 54 -1.64 3.73 -3.76
C TRP A 54 -1.37 4.34 -2.40
N MET A 55 -0.26 5.05 -2.26
CA MET A 55 0.14 5.67 -1.01
C MET A 55 -0.72 6.90 -0.72
N THR A 56 -0.75 7.27 0.56
CA THR A 56 -1.46 8.41 1.10
C THR A 56 -0.92 9.73 0.50
N GLY A 57 -1.62 10.29 -0.47
CA GLY A 57 -1.20 11.51 -1.16
C GLY A 57 -0.45 11.21 -2.45
N GLU A 58 -0.48 9.98 -2.96
CA GLU A 58 -0.10 9.69 -4.34
C GLU A 58 -1.35 9.68 -5.22
N SER A 59 -1.15 9.61 -6.54
CA SER A 59 -2.22 9.49 -7.50
C SER A 59 -2.75 8.07 -7.48
N MET A 60 -4.07 7.93 -7.67
CA MET A 60 -4.70 6.63 -7.90
C MET A 60 -4.19 6.00 -9.20
N GLU A 61 -3.86 6.82 -10.20
CA GLU A 61 -3.25 6.32 -11.42
C GLU A 61 -1.87 5.72 -11.12
N SER A 62 -1.16 6.19 -10.10
CA SER A 62 0.10 5.59 -9.65
C SER A 62 -0.12 4.37 -8.75
N ALA A 63 -1.35 3.86 -8.64
CA ALA A 63 -1.62 2.66 -7.85
C ALA A 63 -0.86 1.46 -8.43
N VAL A 64 -0.05 0.85 -7.57
CA VAL A 64 0.76 -0.31 -7.89
C VAL A 64 -0.02 -1.56 -7.45
N LEU A 65 0.36 -2.75 -7.91
CA LEU A 65 -0.29 -3.97 -7.51
C LEU A 65 -0.03 -4.16 -6.02
N LEU A 66 -1.07 -4.47 -5.27
CA LEU A 66 -0.91 -4.99 -3.92
C LEU A 66 -0.04 -6.25 -3.97
N THR A 67 -0.19 -7.10 -4.99
CA THR A 67 0.59 -8.32 -5.08
C THR A 67 2.08 -8.03 -5.37
N ASP A 68 2.41 -6.87 -5.96
CA ASP A 68 3.81 -6.45 -6.10
C ASP A 68 4.34 -6.02 -4.75
N VAL A 69 3.64 -5.08 -4.10
CA VAL A 69 4.02 -4.52 -2.82
C VAL A 69 4.15 -5.61 -1.75
N LEU A 70 3.33 -6.67 -1.82
CA LEU A 70 3.39 -7.87 -0.98
C LEU A 70 4.73 -8.59 -1.07
N ARG A 71 5.44 -8.46 -2.19
CA ARG A 71 6.80 -8.95 -2.41
C ARG A 71 7.83 -7.86 -2.09
N LEU A 72 7.58 -6.60 -2.45
CA LEU A 72 8.53 -5.52 -2.22
C LEU A 72 8.77 -5.38 -0.71
N SER A 73 7.71 -5.26 0.08
CA SER A 73 7.77 -5.32 1.53
C SER A 73 8.14 -6.75 1.95
N GLY A 74 8.80 -6.88 3.09
CA GLY A 74 9.16 -8.16 3.67
C GLY A 74 10.23 -7.99 4.74
N PRO A 75 10.67 -9.10 5.36
CA PRO A 75 11.71 -9.10 6.39
C PRO A 75 13.11 -8.95 5.78
N SER A 76 13.38 -7.80 5.18
CA SER A 76 14.71 -7.40 4.70
C SER A 76 14.83 -5.88 4.82
N SER A 77 16.02 -5.33 4.60
CA SER A 77 16.23 -3.88 4.67
C SER A 77 15.96 -3.22 3.31
N GLY A 78 16.05 -3.98 2.21
CA GLY A 78 16.37 -3.44 0.91
C GLY A 78 17.86 -3.29 0.88
N GLY A 1 -2.72 23.08 1.96
CA GLY A 1 -1.26 23.26 1.98
C GLY A 1 -0.61 22.72 0.72
N SER A 2 -0.66 23.45 -0.39
CA SER A 2 -0.19 22.97 -1.69
C SER A 2 1.21 23.51 -2.01
N SER A 3 1.88 22.88 -2.99
CA SER A 3 3.25 23.13 -3.39
C SER A 3 4.26 22.95 -2.22
N GLY A 4 5.51 23.35 -2.43
CA GLY A 4 6.68 22.99 -1.65
C GLY A 4 7.87 22.80 -2.57
N SER A 5 9.02 22.42 -2.03
CA SER A 5 10.23 22.16 -2.78
C SER A 5 10.75 20.77 -2.43
N SER A 6 10.95 19.90 -3.41
CA SER A 6 11.33 18.51 -3.19
C SER A 6 12.06 17.94 -4.41
N GLY A 7 12.39 16.66 -4.34
CA GLY A 7 12.96 15.84 -5.38
C GLY A 7 12.32 14.47 -5.25
N VAL A 8 12.92 13.42 -5.83
CA VAL A 8 12.60 12.07 -5.45
C VAL A 8 13.16 11.92 -4.04
N ARG A 9 12.25 11.89 -3.06
CA ARG A 9 12.55 11.56 -1.67
C ARG A 9 12.97 10.08 -1.61
N VAL A 10 13.40 9.61 -0.44
CA VAL A 10 13.35 8.20 -0.15
C VAL A 10 11.89 7.77 -0.15
N LEU A 11 11.62 6.50 -0.42
CA LEU A 11 10.34 5.88 -0.26
C LEU A 11 10.61 4.59 0.50
N SER A 12 9.83 4.37 1.52
CA SER A 12 9.96 3.33 2.51
C SER A 12 8.56 2.75 2.72
N TYR A 13 8.36 1.54 2.23
CA TYR A 13 7.13 0.78 2.45
C TYR A 13 7.05 0.49 3.94
N ASP A 14 6.23 1.24 4.65
CA ASP A 14 5.87 0.91 6.01
C ASP A 14 4.74 -0.11 5.93
N LYS A 15 4.90 -1.28 6.56
CA LYS A 15 3.84 -2.29 6.59
C LYS A 15 2.94 -2.19 7.81
N GLU A 16 3.23 -1.29 8.73
CA GLU A 16 2.58 -1.17 10.02
C GLU A 16 1.82 0.17 10.06
N LYS A 17 2.43 1.31 9.69
CA LYS A 17 1.71 2.58 9.62
C LYS A 17 0.66 2.54 8.52
N LEU A 18 -0.50 3.16 8.76
CA LEU A 18 -1.63 3.19 7.86
C LEU A 18 -1.32 4.22 6.78
N ASN A 19 -0.76 3.77 5.65
CA ASN A 19 -0.19 4.63 4.62
C ASN A 19 -0.66 4.30 3.21
N TRP A 20 -1.52 3.28 3.05
CA TRP A 20 -1.88 2.73 1.77
C TRP A 20 -3.39 2.74 1.60
N LEU A 21 -3.87 3.24 0.48
CA LEU A 21 -5.28 3.42 0.14
C LEU A 21 -5.65 2.39 -0.92
N TYR A 22 -6.95 2.08 -1.03
CA TYR A 22 -7.50 1.40 -2.19
C TYR A 22 -8.85 2.00 -2.53
N LYS A 23 -9.26 1.89 -3.79
CA LYS A 23 -10.63 2.16 -4.21
C LYS A 23 -11.35 0.83 -4.20
N ASP A 24 -12.49 0.75 -3.54
CA ASP A 24 -13.33 -0.43 -3.58
C ASP A 24 -14.21 -0.42 -4.85
N PRO A 25 -14.87 -1.55 -5.18
CA PRO A 25 -15.79 -1.64 -6.30
C PRO A 25 -17.09 -0.84 -6.13
N GLN A 26 -17.45 -0.41 -4.91
CA GLN A 26 -18.59 0.50 -4.70
C GLN A 26 -18.27 1.90 -5.23
N GLY A 27 -16.99 2.21 -5.42
CA GLY A 27 -16.51 3.46 -5.97
C GLY A 27 -16.09 4.42 -4.86
N LEU A 28 -15.57 3.91 -3.73
CA LEU A 28 -15.17 4.67 -2.56
C LEU A 28 -13.68 4.40 -2.29
N VAL A 29 -12.91 5.43 -1.96
CA VAL A 29 -11.55 5.25 -1.47
C VAL A 29 -11.67 4.87 0.00
N GLN A 30 -11.23 3.66 0.34
CA GLN A 30 -11.20 3.17 1.70
C GLN A 30 -9.80 3.40 2.28
N GLY A 31 -9.71 3.36 3.60
CA GLY A 31 -8.45 3.35 4.32
C GLY A 31 -8.06 4.72 4.86
N PRO A 32 -6.75 5.00 5.04
CA PRO A 32 -5.65 4.13 4.68
C PRO A 32 -5.51 2.95 5.65
N PHE A 33 -4.71 1.97 5.26
CA PHE A 33 -4.48 0.72 5.94
C PHE A 33 -2.98 0.43 5.96
N SER A 34 -2.57 -0.52 6.81
CA SER A 34 -1.22 -1.03 6.86
C SER A 34 -1.03 -2.06 5.73
N LEU A 35 0.21 -2.37 5.36
CA LEU A 35 0.44 -3.48 4.43
C LEU A 35 0.16 -4.82 5.10
N THR A 36 0.20 -4.89 6.42
CA THR A 36 -0.09 -6.12 7.16
C THR A 36 -1.60 -6.41 7.09
N GLN A 37 -2.44 -5.37 7.19
CA GLN A 37 -3.88 -5.47 6.98
C GLN A 37 -4.13 -5.92 5.53
N LEU A 38 -3.54 -5.20 4.58
CA LEU A 38 -3.72 -5.47 3.15
C LEU A 38 -3.28 -6.88 2.77
N LYS A 39 -2.11 -7.34 3.23
CA LYS A 39 -1.63 -8.69 2.93
C LYS A 39 -2.57 -9.73 3.53
N ALA A 40 -3.01 -9.56 4.79
CA ALA A 40 -3.91 -10.52 5.41
C ALA A 40 -5.21 -10.67 4.60
N TRP A 41 -5.75 -9.56 4.11
CA TRP A 41 -6.94 -9.57 3.26
C TRP A 41 -6.68 -10.21 1.91
N SER A 42 -5.50 -10.02 1.31
CA SER A 42 -5.18 -10.69 0.06
C SER A 42 -5.00 -12.19 0.30
N ASP A 43 -4.38 -12.60 1.41
CA ASP A 43 -4.25 -14.00 1.83
C ASP A 43 -5.67 -14.58 1.98
N ALA A 44 -6.57 -13.84 2.64
CA ALA A 44 -7.97 -14.17 2.84
C ALA A 44 -8.82 -14.12 1.56
N GLU A 45 -8.23 -13.73 0.42
CA GLU A 45 -8.88 -13.63 -0.90
C GLU A 45 -10.02 -12.59 -0.94
N TYR A 46 -9.97 -11.56 -0.09
CA TYR A 46 -10.83 -10.37 -0.24
C TYR A 46 -10.56 -9.74 -1.60
N PHE A 47 -9.27 -9.55 -1.90
CA PHE A 47 -8.78 -8.79 -3.04
C PHE A 47 -8.55 -9.69 -4.23
N THR A 48 -8.26 -9.07 -5.37
CA THR A 48 -8.47 -9.67 -6.67
C THR A 48 -7.14 -9.97 -7.37
N LYS A 49 -7.21 -10.75 -8.45
CA LYS A 49 -6.11 -11.08 -9.33
C LYS A 49 -5.57 -9.87 -10.11
N GLN A 50 -6.14 -8.67 -9.96
CA GLN A 50 -5.61 -7.43 -10.53
C GLN A 50 -5.85 -6.27 -9.55
N PHE A 51 -5.68 -6.49 -8.24
CA PHE A 51 -5.92 -5.44 -7.26
C PHE A 51 -4.74 -4.45 -7.22
N ARG A 52 -5.00 -3.18 -6.88
CA ARG A 52 -3.98 -2.15 -6.74
C ARG A 52 -4.16 -1.34 -5.47
N VAL A 53 -3.10 -0.66 -5.04
CA VAL A 53 -3.07 0.29 -3.93
C VAL A 53 -2.15 1.45 -4.29
N TRP A 54 -2.33 2.61 -3.65
CA TRP A 54 -1.45 3.76 -3.77
C TRP A 54 -1.18 4.33 -2.38
N MET A 55 -0.10 5.11 -2.22
CA MET A 55 0.20 5.75 -0.96
C MET A 55 -0.73 6.94 -0.73
N THR A 56 -0.91 7.32 0.54
CA THR A 56 -1.64 8.52 0.90
C THR A 56 -0.97 9.76 0.30
N GLY A 57 -1.75 10.74 -0.14
CA GLY A 57 -1.24 11.99 -0.70
C GLY A 57 -0.76 11.84 -2.15
N GLU A 58 -0.97 10.69 -2.79
CA GLU A 58 -0.62 10.45 -4.19
C GLU A 58 -1.90 10.18 -4.98
N SER A 59 -1.81 10.20 -6.31
CA SER A 59 -2.91 9.97 -7.22
C SER A 59 -3.18 8.48 -7.33
N MET A 60 -4.45 8.15 -7.57
CA MET A 60 -4.91 6.79 -7.77
C MET A 60 -4.30 6.16 -9.02
N GLU A 61 -4.04 6.97 -10.03
CA GLU A 61 -3.50 6.50 -11.31
C GLU A 61 -2.06 6.00 -11.16
N SER A 62 -1.32 6.49 -10.17
CA SER A 62 -0.01 5.99 -9.80
C SER A 62 -0.09 4.72 -8.93
N ALA A 63 -1.28 4.11 -8.73
CA ALA A 63 -1.41 2.90 -7.94
C ALA A 63 -0.61 1.75 -8.56
N VAL A 64 0.09 1.01 -7.71
CA VAL A 64 0.91 -0.15 -8.06
C VAL A 64 0.09 -1.43 -7.85
N LEU A 65 0.54 -2.56 -8.41
CA LEU A 65 -0.12 -3.84 -8.23
C LEU A 65 0.07 -4.24 -6.79
N LEU A 66 -1.03 -4.47 -6.07
CA LEU A 66 -0.96 -4.93 -4.69
C LEU A 66 -0.13 -6.21 -4.56
N THR A 67 -0.15 -7.08 -5.57
CA THR A 67 0.59 -8.34 -5.55
C THR A 67 2.11 -8.12 -5.57
N ASP A 68 2.56 -6.98 -6.10
CA ASP A 68 3.96 -6.56 -6.11
C ASP A 68 4.29 -6.15 -4.68
N VAL A 69 3.51 -5.22 -4.14
CA VAL A 69 3.65 -4.66 -2.79
C VAL A 69 3.66 -5.76 -1.72
N LEU A 70 2.83 -6.81 -1.87
CA LEU A 70 2.84 -7.98 -0.99
C LEU A 70 4.22 -8.62 -0.95
N ARG A 71 4.82 -8.90 -2.11
CA ARG A 71 6.17 -9.46 -2.20
C ARG A 71 7.19 -8.48 -1.65
N LEU A 72 7.07 -7.18 -1.94
CA LEU A 72 8.01 -6.20 -1.41
C LEU A 72 7.95 -6.22 0.13
N SER A 73 6.76 -6.40 0.71
CA SER A 73 6.53 -6.61 2.13
C SER A 73 6.67 -8.10 2.53
N GLY A 74 7.44 -8.89 1.78
CA GLY A 74 7.68 -10.30 2.04
C GLY A 74 9.17 -10.53 2.37
N PRO A 75 9.49 -11.66 3.02
CA PRO A 75 10.86 -12.10 3.18
C PRO A 75 11.43 -12.55 1.84
N SER A 76 12.76 -12.60 1.78
CA SER A 76 13.51 -12.96 0.59
C SER A 76 13.53 -14.48 0.42
N SER A 77 12.39 -15.05 0.01
CA SER A 77 12.17 -16.47 -0.15
C SER A 77 11.07 -16.64 -1.20
N GLY A 78 11.46 -16.80 -2.46
CA GLY A 78 10.57 -16.83 -3.61
C GLY A 78 9.96 -18.20 -3.84
N GLY A 1 4.24 23.62 7.81
CA GLY A 1 4.95 23.65 6.52
C GLY A 1 5.90 22.47 6.41
N SER A 2 5.93 21.79 5.26
CA SER A 2 6.89 20.77 4.87
C SER A 2 6.80 20.63 3.34
N SER A 3 7.79 20.01 2.70
CA SER A 3 7.62 19.43 1.37
C SER A 3 8.69 18.35 1.14
N GLY A 4 8.55 17.56 0.07
CA GLY A 4 9.53 16.59 -0.35
C GLY A 4 10.70 17.25 -1.10
N SER A 5 11.55 16.42 -1.67
CA SER A 5 12.73 16.74 -2.47
C SER A 5 13.79 17.54 -1.72
N SER A 6 14.56 16.84 -0.90
CA SER A 6 15.77 17.33 -0.26
C SER A 6 16.91 16.30 -0.24
N GLY A 7 16.71 15.07 -0.71
CA GLY A 7 17.76 14.05 -0.78
C GLY A 7 17.21 12.67 -0.46
N VAL A 8 18.08 11.67 -0.46
CA VAL A 8 17.74 10.27 -0.22
C VAL A 8 17.71 9.98 1.29
N ARG A 9 16.65 10.43 1.95
CA ARG A 9 16.37 9.99 3.32
C ARG A 9 15.99 8.51 3.34
N VAL A 10 16.19 7.90 4.51
CA VAL A 10 15.68 6.59 4.86
C VAL A 10 14.19 6.56 4.52
N LEU A 11 13.76 5.52 3.82
CA LEU A 11 12.40 5.26 3.44
C LEU A 11 12.26 3.75 3.48
N SER A 12 11.20 3.28 4.11
CA SER A 12 10.80 1.88 4.19
C SER A 12 9.29 1.82 3.97
N TYR A 13 8.83 0.73 3.34
CA TYR A 13 7.45 0.57 2.90
C TYR A 13 6.53 0.58 4.12
N ASP A 14 5.43 1.32 4.03
CA ASP A 14 4.62 1.68 5.17
C ASP A 14 3.72 0.50 5.50
N LYS A 15 4.09 -0.32 6.48
CA LYS A 15 3.45 -1.61 6.69
C LYS A 15 2.73 -1.72 8.01
N GLU A 16 3.23 -1.09 9.06
CA GLU A 16 2.62 -1.13 10.38
C GLU A 16 1.78 0.13 10.62
N LYS A 17 1.90 1.13 9.74
CA LYS A 17 1.15 2.39 9.79
C LYS A 17 0.17 2.36 8.63
N LEU A 18 -1.05 2.89 8.79
CA LEU A 18 -1.95 2.98 7.67
C LEU A 18 -1.45 4.05 6.73
N ASN A 19 -1.10 3.67 5.50
CA ASN A 19 -0.55 4.64 4.53
C ASN A 19 -0.87 4.27 3.08
N TRP A 20 -1.75 3.29 2.85
CA TRP A 20 -2.11 2.80 1.52
C TRP A 20 -3.62 2.85 1.36
N LEU A 21 -4.10 3.36 0.23
CA LEU A 21 -5.50 3.56 -0.11
C LEU A 21 -5.89 2.53 -1.18
N TYR A 22 -7.15 2.09 -1.16
CA TYR A 22 -7.75 1.28 -2.21
C TYR A 22 -9.18 1.76 -2.45
N LYS A 23 -9.62 1.78 -3.70
CA LYS A 23 -10.99 2.17 -4.02
C LYS A 23 -11.81 0.89 -3.94
N ASP A 24 -12.85 0.87 -3.11
CA ASP A 24 -13.77 -0.27 -3.11
C ASP A 24 -14.52 -0.31 -4.46
N PRO A 25 -15.21 -1.42 -4.80
CA PRO A 25 -15.87 -1.51 -6.09
C PRO A 25 -17.16 -0.69 -6.13
N GLN A 26 -17.67 -0.23 -4.99
CA GLN A 26 -18.80 0.68 -4.88
C GLN A 26 -18.43 2.08 -5.35
N GLY A 27 -17.15 2.42 -5.38
CA GLY A 27 -16.60 3.65 -5.94
C GLY A 27 -15.84 4.49 -4.92
N LEU A 28 -15.76 4.04 -3.66
CA LEU A 28 -15.42 4.84 -2.49
C LEU A 28 -13.95 4.62 -2.13
N VAL A 29 -13.24 5.70 -1.80
CA VAL A 29 -11.85 5.69 -1.36
C VAL A 29 -11.83 5.31 0.12
N GLN A 30 -11.61 4.03 0.41
CA GLN A 30 -11.53 3.51 1.76
C GLN A 30 -10.12 3.70 2.33
N GLY A 31 -9.96 3.42 3.62
CA GLY A 31 -8.65 3.37 4.24
C GLY A 31 -8.24 4.73 4.79
N PRO A 32 -6.93 4.98 4.96
CA PRO A 32 -5.85 4.10 4.54
C PRO A 32 -5.73 2.85 5.40
N PHE A 33 -4.89 1.92 4.96
CA PHE A 33 -4.63 0.63 5.57
C PHE A 33 -3.13 0.36 5.63
N SER A 34 -2.74 -0.57 6.50
CA SER A 34 -1.38 -1.06 6.67
C SER A 34 -1.14 -2.16 5.63
N LEU A 35 0.10 -2.28 5.13
CA LEU A 35 0.41 -3.36 4.18
C LEU A 35 0.18 -4.73 4.81
N THR A 36 0.42 -4.88 6.12
CA THR A 36 0.21 -6.16 6.78
C THR A 36 -1.28 -6.52 6.79
N GLN A 37 -2.18 -5.55 6.98
CA GLN A 37 -3.62 -5.76 6.90
C GLN A 37 -4.01 -6.09 5.47
N LEU A 38 -3.54 -5.30 4.49
CA LEU A 38 -3.84 -5.53 3.08
C LEU A 38 -3.38 -6.92 2.63
N LYS A 39 -2.18 -7.35 3.02
CA LYS A 39 -1.74 -8.73 2.82
C LYS A 39 -2.72 -9.68 3.48
N ALA A 40 -2.94 -9.57 4.79
CA ALA A 40 -3.72 -10.55 5.55
C ALA A 40 -5.13 -10.72 4.97
N TRP A 41 -5.73 -9.66 4.46
CA TRP A 41 -7.02 -9.69 3.80
C TRP A 41 -6.91 -10.37 2.43
N SER A 42 -5.89 -10.06 1.62
CA SER A 42 -5.61 -10.80 0.39
C SER A 42 -5.47 -12.30 0.68
N ASP A 43 -4.72 -12.62 1.72
CA ASP A 43 -4.36 -13.94 2.24
C ASP A 43 -5.52 -14.65 2.92
N ALA A 44 -6.68 -13.98 3.00
CA ALA A 44 -7.95 -14.53 3.46
C ALA A 44 -9.01 -14.51 2.34
N GLU A 45 -8.63 -14.19 1.11
CA GLU A 45 -9.49 -14.00 -0.07
C GLU A 45 -10.56 -12.92 0.14
N TYR A 46 -10.21 -11.82 0.80
CA TYR A 46 -11.03 -10.61 0.76
C TYR A 46 -10.89 -9.90 -0.60
N PHE A 47 -9.74 -10.02 -1.28
CA PHE A 47 -9.34 -9.19 -2.41
C PHE A 47 -8.95 -10.06 -3.59
N THR A 48 -8.83 -9.42 -4.76
CA THR A 48 -8.61 -10.05 -6.04
C THR A 48 -7.14 -9.91 -6.46
N LYS A 49 -6.72 -10.66 -7.47
CA LYS A 49 -5.31 -10.67 -7.88
C LYS A 49 -4.92 -9.47 -8.76
N GLN A 50 -5.86 -8.67 -9.28
CA GLN A 50 -5.58 -7.37 -9.90
C GLN A 50 -5.85 -6.20 -8.92
N PHE A 51 -5.79 -6.44 -7.61
CA PHE A 51 -6.00 -5.38 -6.62
C PHE A 51 -4.78 -4.45 -6.62
N ARG A 52 -4.88 -3.28 -7.27
CA ARG A 52 -3.90 -2.22 -7.12
C ARG A 52 -4.23 -1.36 -5.90
N VAL A 53 -3.24 -0.65 -5.36
CA VAL A 53 -3.39 0.35 -4.31
C VAL A 53 -2.43 1.50 -4.58
N TRP A 54 -2.62 2.65 -3.94
CA TRP A 54 -1.71 3.79 -4.03
C TRP A 54 -1.44 4.33 -2.63
N MET A 55 -0.37 5.11 -2.49
CA MET A 55 -0.02 5.73 -1.22
C MET A 55 -0.96 6.87 -0.88
N THR A 56 -1.08 7.18 0.41
CA THR A 56 -1.81 8.35 0.88
C THR A 56 -1.15 9.62 0.35
N GLY A 57 -1.96 10.56 -0.14
CA GLY A 57 -1.46 11.81 -0.67
C GLY A 57 -0.88 11.69 -2.08
N GLU A 58 -0.72 10.47 -2.61
CA GLU A 58 -0.34 10.23 -4.00
C GLU A 58 -1.57 10.14 -4.90
N SER A 59 -1.33 10.12 -6.21
CA SER A 59 -2.35 9.92 -7.21
C SER A 59 -2.78 8.46 -7.22
N MET A 60 -4.07 8.23 -7.47
CA MET A 60 -4.57 6.91 -7.80
C MET A 60 -3.95 6.38 -9.09
N GLU A 61 -3.73 7.27 -10.06
CA GLU A 61 -3.05 6.94 -11.31
C GLU A 61 -1.59 6.51 -11.09
N SER A 62 -0.99 6.77 -9.92
CA SER A 62 0.35 6.31 -9.53
C SER A 62 0.25 5.10 -8.58
N ALA A 63 -0.85 4.33 -8.65
CA ALA A 63 -0.98 3.06 -7.97
C ALA A 63 0.09 2.04 -8.40
N VAL A 64 0.13 0.94 -7.66
CA VAL A 64 0.98 -0.23 -7.85
C VAL A 64 0.11 -1.47 -7.59
N LEU A 65 0.55 -2.65 -8.01
CA LEU A 65 -0.12 -3.90 -7.67
C LEU A 65 0.20 -4.24 -6.22
N LEU A 66 -0.83 -4.59 -5.44
CA LEU A 66 -0.66 -5.17 -4.10
C LEU A 66 0.27 -6.39 -4.15
N THR A 67 0.26 -7.16 -5.24
CA THR A 67 1.07 -8.37 -5.35
C THR A 67 2.56 -8.07 -5.52
N ASP A 68 2.91 -6.93 -6.12
CA ASP A 68 4.30 -6.44 -6.19
C ASP A 68 4.73 -6.15 -4.77
N VAL A 69 3.93 -5.35 -4.07
CA VAL A 69 4.24 -4.90 -2.73
C VAL A 69 4.31 -6.07 -1.74
N LEU A 70 3.50 -7.12 -1.92
CA LEU A 70 3.60 -8.35 -1.14
C LEU A 70 4.89 -9.11 -1.44
N ARG A 71 5.35 -9.16 -2.70
CA ARG A 71 6.66 -9.71 -3.04
C ARG A 71 7.76 -8.85 -2.40
N LEU A 72 7.58 -7.54 -2.26
CA LEU A 72 8.61 -6.67 -1.72
C LEU A 72 8.69 -6.79 -0.19
N SER A 73 7.60 -6.61 0.54
CA SER A 73 7.66 -6.28 1.97
C SER A 73 7.50 -7.52 2.86
N GLY A 74 8.18 -8.60 2.50
CA GLY A 74 8.05 -9.90 3.14
C GLY A 74 8.88 -10.05 4.43
N PRO A 75 8.64 -11.13 5.17
CA PRO A 75 9.52 -11.65 6.21
C PRO A 75 10.74 -12.32 5.59
N SER A 76 11.51 -13.07 6.39
CA SER A 76 12.64 -13.79 5.88
C SER A 76 12.17 -15.04 5.14
N SER A 77 12.19 -14.99 3.80
CA SER A 77 11.91 -16.08 2.86
C SER A 77 10.43 -16.51 2.80
N GLY A 78 10.08 -17.14 1.68
CA GLY A 78 8.75 -17.61 1.35
C GLY A 78 8.54 -17.45 -0.13
N GLY A 1 4.67 14.90 17.68
CA GLY A 1 5.46 16.07 17.25
C GLY A 1 6.56 16.42 18.24
N SER A 2 7.77 15.92 18.01
CA SER A 2 9.00 16.31 18.69
C SER A 2 10.11 16.43 17.64
N SER A 3 11.23 17.05 18.02
CA SER A 3 12.39 17.24 17.15
C SER A 3 13.43 16.15 17.38
N GLY A 4 14.35 16.00 16.43
CA GLY A 4 15.42 15.01 16.42
C GLY A 4 16.01 14.98 15.02
N SER A 5 17.11 14.25 14.81
CA SER A 5 17.83 14.19 13.55
C SER A 5 17.13 13.25 12.54
N SER A 6 15.88 13.55 12.16
CA SER A 6 15.24 12.85 11.05
C SER A 6 15.82 13.41 9.75
N GLY A 7 16.67 12.64 9.08
CA GLY A 7 17.20 12.98 7.76
C GLY A 7 16.14 12.74 6.67
N VAL A 8 16.45 13.13 5.44
CA VAL A 8 15.60 13.02 4.27
C VAL A 8 16.35 12.25 3.20
N ARG A 9 15.81 12.20 1.98
CA ARG A 9 16.24 11.34 0.89
C ARG A 9 16.34 9.89 1.38
N VAL A 10 15.25 9.44 1.98
CA VAL A 10 15.00 8.08 2.47
C VAL A 10 13.62 7.69 1.97
N LEU A 11 13.39 6.39 1.82
CA LEU A 11 12.11 5.75 1.72
C LEU A 11 12.28 4.37 2.38
N SER A 12 11.19 3.90 2.97
CA SER A 12 10.89 2.55 3.36
C SER A 12 9.45 2.26 2.95
N TYR A 13 9.05 1.00 2.83
CA TYR A 13 7.67 0.65 2.57
C TYR A 13 7.11 0.21 3.92
N ASP A 14 6.38 1.09 4.61
CA ASP A 14 5.92 0.77 5.97
C ASP A 14 4.71 -0.14 5.86
N LYS A 15 4.76 -1.27 6.56
CA LYS A 15 3.73 -2.28 6.52
C LYS A 15 2.74 -2.18 7.68
N GLU A 16 3.06 -1.44 8.73
CA GLU A 16 2.29 -1.43 9.98
C GLU A 16 1.54 -0.11 10.15
N LYS A 17 2.08 1.02 9.71
CA LYS A 17 1.32 2.26 9.75
C LYS A 17 0.34 2.27 8.59
N LEU A 18 -0.81 2.90 8.80
CA LEU A 18 -1.87 3.00 7.83
C LEU A 18 -1.44 4.01 6.78
N ASN A 19 -0.93 3.53 5.64
CA ASN A 19 -0.29 4.40 4.64
C ASN A 19 -0.67 4.05 3.20
N TRP A 20 -1.54 3.06 2.99
CA TRP A 20 -1.89 2.56 1.67
C TRP A 20 -3.40 2.63 1.51
N LEU A 21 -3.84 3.41 0.52
CA LEU A 21 -5.23 3.63 0.13
C LEU A 21 -5.58 2.67 -1.01
N TYR A 22 -6.88 2.48 -1.26
CA TYR A 22 -7.39 1.75 -2.43
C TYR A 22 -8.79 2.28 -2.78
N LYS A 23 -9.37 1.91 -3.94
CA LYS A 23 -10.79 2.12 -4.32
C LYS A 23 -11.52 0.77 -4.30
N ASP A 24 -12.63 0.63 -3.57
CA ASP A 24 -13.41 -0.61 -3.47
C ASP A 24 -14.37 -0.72 -4.66
N PRO A 25 -15.15 -1.80 -4.85
CA PRO A 25 -16.11 -1.88 -5.95
C PRO A 25 -17.25 -0.86 -5.79
N GLN A 26 -17.45 -0.32 -4.58
CA GLN A 26 -18.44 0.74 -4.35
C GLN A 26 -18.10 2.04 -5.09
N GLY A 27 -16.86 2.22 -5.55
CA GLY A 27 -16.41 3.45 -6.19
C GLY A 27 -16.04 4.53 -5.18
N LEU A 28 -15.79 4.16 -3.93
CA LEU A 28 -15.28 5.03 -2.88
C LEU A 28 -13.84 4.62 -2.62
N VAL A 29 -13.02 5.57 -2.18
CA VAL A 29 -11.75 5.29 -1.53
C VAL A 29 -12.07 4.75 -0.13
N GLN A 30 -11.14 4.03 0.50
CA GLN A 30 -11.21 3.60 1.89
C GLN A 30 -9.81 3.73 2.47
N GLY A 31 -9.71 3.69 3.79
CA GLY A 31 -8.43 3.49 4.46
C GLY A 31 -7.88 4.79 5.04
N PRO A 32 -6.57 4.98 5.03
CA PRO A 32 -5.56 4.04 4.58
C PRO A 32 -5.50 2.82 5.51
N PHE A 33 -4.76 1.81 5.08
CA PHE A 33 -4.54 0.57 5.78
C PHE A 33 -3.04 0.25 5.81
N SER A 34 -2.65 -0.65 6.69
CA SER A 34 -1.31 -1.23 6.71
C SER A 34 -1.18 -2.26 5.60
N LEU A 35 0.04 -2.49 5.12
CA LEU A 35 0.31 -3.60 4.21
C LEU A 35 -0.01 -4.93 4.89
N THR A 36 0.27 -5.06 6.19
CA THR A 36 -0.06 -6.25 6.94
C THR A 36 -1.55 -6.58 6.82
N GLN A 37 -2.43 -5.60 7.08
CA GLN A 37 -3.87 -5.78 7.00
C GLN A 37 -4.29 -6.13 5.56
N LEU A 38 -3.85 -5.34 4.58
CA LEU A 38 -4.19 -5.56 3.18
C LEU A 38 -3.74 -6.94 2.69
N LYS A 39 -2.55 -7.38 3.10
CA LYS A 39 -2.06 -8.72 2.80
C LYS A 39 -2.97 -9.75 3.43
N ALA A 40 -3.30 -9.58 4.71
CA ALA A 40 -4.08 -10.56 5.44
C ALA A 40 -5.50 -10.69 4.88
N TRP A 41 -6.05 -9.63 4.29
CA TRP A 41 -7.34 -9.65 3.61
C TRP A 41 -7.24 -10.26 2.21
N SER A 42 -6.12 -10.06 1.50
CA SER A 42 -5.86 -10.79 0.26
C SER A 42 -5.80 -12.30 0.56
N ASP A 43 -5.26 -12.66 1.73
CA ASP A 43 -5.20 -14.02 2.27
C ASP A 43 -6.62 -14.56 2.45
N ALA A 44 -7.53 -13.77 3.00
CA ALA A 44 -8.96 -14.05 3.14
C ALA A 44 -9.76 -13.81 1.85
N GLU A 45 -9.07 -13.59 0.72
CA GLU A 45 -9.62 -13.44 -0.63
C GLU A 45 -10.55 -12.23 -0.81
N TYR A 46 -10.59 -11.28 0.13
CA TYR A 46 -11.46 -10.11 0.18
C TYR A 46 -11.21 -9.08 -0.94
N PHE A 47 -10.38 -9.39 -1.93
CA PHE A 47 -9.85 -8.48 -2.93
C PHE A 47 -9.77 -9.22 -4.27
N THR A 48 -9.50 -8.48 -5.34
CA THR A 48 -9.51 -9.00 -6.70
C THR A 48 -8.11 -9.50 -7.05
N LYS A 49 -7.97 -10.50 -7.93
CA LYS A 49 -6.67 -11.14 -8.15
C LYS A 49 -5.65 -10.23 -8.84
N GLN A 50 -6.04 -9.05 -9.31
CA GLN A 50 -5.18 -7.90 -9.50
C GLN A 50 -5.83 -6.74 -8.73
N PHE A 51 -5.52 -6.64 -7.44
CA PHE A 51 -5.94 -5.54 -6.59
C PHE A 51 -4.82 -4.52 -6.55
N ARG A 52 -5.10 -3.24 -6.76
CA ARG A 52 -4.07 -2.20 -6.74
C ARG A 52 -4.21 -1.32 -5.50
N VAL A 53 -3.12 -0.67 -5.08
CA VAL A 53 -3.07 0.23 -3.93
C VAL A 53 -2.19 1.42 -4.29
N TRP A 54 -2.34 2.55 -3.60
CA TRP A 54 -1.47 3.71 -3.76
C TRP A 54 -1.19 4.31 -2.39
N MET A 55 -0.07 5.01 -2.24
CA MET A 55 0.29 5.60 -0.95
C MET A 55 -0.51 6.87 -0.67
N THR A 56 -0.60 7.23 0.61
CA THR A 56 -1.33 8.39 1.08
C THR A 56 -0.70 9.69 0.57
N GLY A 57 -1.34 10.32 -0.41
CA GLY A 57 -0.92 11.55 -1.06
C GLY A 57 -0.64 11.34 -2.53
N GLU A 58 -0.50 10.10 -3.00
CA GLU A 58 -0.36 9.82 -4.43
C GLU A 58 -1.70 10.05 -5.14
N SER A 59 -1.68 9.96 -6.47
CA SER A 59 -2.88 9.84 -7.28
C SER A 59 -3.19 8.36 -7.47
N MET A 60 -4.44 8.08 -7.82
CA MET A 60 -4.92 6.73 -8.03
C MET A 60 -4.27 6.09 -9.26
N GLU A 61 -3.96 6.88 -10.30
CA GLU A 61 -3.23 6.36 -11.45
C GLU A 61 -1.82 5.88 -11.08
N SER A 62 -1.22 6.44 -10.03
CA SER A 62 0.05 5.96 -9.50
C SER A 62 -0.11 4.65 -8.72
N ALA A 63 -1.30 4.05 -8.66
CA ALA A 63 -1.49 2.80 -7.93
C ALA A 63 -0.66 1.69 -8.56
N VAL A 64 -0.24 0.74 -7.73
CA VAL A 64 0.58 -0.40 -8.09
C VAL A 64 -0.16 -1.67 -7.66
N LEU A 65 0.16 -2.80 -8.28
CA LEU A 65 -0.40 -4.09 -7.90
C LEU A 65 0.01 -4.35 -6.47
N LEU A 66 -0.95 -4.64 -5.61
CA LEU A 66 -0.68 -5.09 -4.26
C LEU A 66 0.26 -6.31 -4.25
N THR A 67 0.24 -7.15 -5.29
CA THR A 67 1.11 -8.31 -5.38
C THR A 67 2.59 -7.87 -5.53
N ASP A 68 2.86 -6.73 -6.17
CA ASP A 68 4.20 -6.18 -6.31
C ASP A 68 4.70 -5.74 -4.94
N VAL A 69 3.87 -4.96 -4.25
CA VAL A 69 4.14 -4.41 -2.93
C VAL A 69 4.36 -5.53 -1.91
N LEU A 70 3.60 -6.64 -2.03
CA LEU A 70 3.78 -7.87 -1.25
C LEU A 70 5.22 -8.37 -1.32
N ARG A 71 5.78 -8.53 -2.52
CA ARG A 71 7.15 -8.94 -2.71
C ARG A 71 8.11 -7.89 -2.13
N LEU A 72 7.89 -6.61 -2.43
CA LEU A 72 8.78 -5.54 -2.00
C LEU A 72 8.84 -5.41 -0.46
N SER A 73 7.76 -5.70 0.25
CA SER A 73 7.67 -5.64 1.71
C SER A 73 8.12 -6.95 2.38
N GLY A 74 8.61 -7.93 1.62
CA GLY A 74 9.19 -9.16 2.15
C GLY A 74 10.68 -9.22 1.82
N PRO A 75 11.49 -9.99 2.58
CA PRO A 75 12.85 -10.33 2.18
C PRO A 75 12.83 -11.21 0.93
N SER A 76 14.00 -11.38 0.32
CA SER A 76 14.18 -12.24 -0.82
C SER A 76 13.66 -13.63 -0.47
N SER A 77 12.91 -14.26 -1.36
CA SER A 77 12.48 -15.64 -1.15
C SER A 77 13.69 -16.51 -1.45
N GLY A 78 14.52 -16.75 -0.43
CA GLY A 78 15.91 -17.12 -0.62
C GLY A 78 16.65 -15.86 -0.97
N GLY A 1 2.33 19.47 -2.39
CA GLY A 1 2.20 20.19 -3.65
C GLY A 1 2.99 19.41 -4.68
N SER A 2 4.00 20.01 -5.29
CA SER A 2 5.02 19.27 -6.00
C SER A 2 6.31 20.08 -6.01
N SER A 3 7.41 19.40 -6.33
CA SER A 3 8.71 19.96 -6.59
C SER A 3 9.35 19.11 -7.69
N GLY A 4 10.34 19.64 -8.38
CA GLY A 4 11.12 18.92 -9.37
C GLY A 4 12.51 18.75 -8.79
N SER A 5 12.63 17.82 -7.85
CA SER A 5 13.82 17.43 -7.12
C SER A 5 13.62 15.97 -6.78
N SER A 6 14.61 15.12 -7.08
CA SER A 6 14.53 13.69 -6.80
C SER A 6 14.63 13.45 -5.28
N GLY A 7 13.93 12.45 -4.78
CA GLY A 7 13.97 12.05 -3.39
C GLY A 7 13.34 13.08 -2.48
N VAL A 8 12.02 13.20 -2.50
CA VAL A 8 11.23 13.98 -1.56
C VAL A 8 11.24 13.31 -0.17
N ARG A 9 12.43 13.21 0.42
CA ARG A 9 12.84 12.33 1.52
C ARG A 9 12.61 10.86 1.17
N VAL A 10 13.10 9.95 2.02
CA VAL A 10 12.88 8.53 1.85
C VAL A 10 11.39 8.26 1.93
N LEU A 11 10.91 7.21 1.25
CA LEU A 11 9.51 6.80 1.29
C LEU A 11 9.49 5.30 1.55
N SER A 12 9.87 4.94 2.77
CA SER A 12 10.13 3.57 3.18
C SER A 12 8.77 2.87 3.30
N TYR A 13 8.66 1.65 2.76
CA TYR A 13 7.41 0.87 2.80
C TYR A 13 7.19 0.42 4.24
N ASP A 14 6.30 1.09 4.96
CA ASP A 14 5.94 0.77 6.33
C ASP A 14 4.97 -0.41 6.35
N LYS A 15 4.87 -1.10 7.50
CA LYS A 15 4.12 -2.36 7.63
C LYS A 15 2.87 -2.21 8.49
N GLU A 16 2.82 -1.23 9.39
CA GLU A 16 1.92 -1.26 10.55
C GLU A 16 1.07 -0.01 10.70
N LYS A 17 1.52 1.13 10.16
CA LYS A 17 0.73 2.36 10.15
C LYS A 17 -0.21 2.30 8.95
N LEU A 18 -1.30 3.07 9.02
CA LEU A 18 -2.26 3.11 7.94
C LEU A 18 -1.73 4.11 6.93
N ASN A 19 -1.17 3.61 5.82
CA ASN A 19 -0.51 4.46 4.81
C ASN A 19 -0.91 4.15 3.37
N TRP A 20 -1.71 3.09 3.15
CA TRP A 20 -2.01 2.56 1.83
C TRP A 20 -3.52 2.60 1.60
N LEU A 21 -3.95 3.36 0.60
CA LEU A 21 -5.33 3.50 0.17
C LEU A 21 -5.64 2.49 -0.94
N TYR A 22 -6.91 2.12 -1.09
CA TYR A 22 -7.41 1.41 -2.25
C TYR A 22 -8.78 1.98 -2.63
N LYS A 23 -9.13 1.87 -3.91
CA LYS A 23 -10.47 2.20 -4.38
C LYS A 23 -11.30 0.93 -4.29
N ASP A 24 -12.30 0.89 -3.42
CA ASP A 24 -13.18 -0.26 -3.29
C ASP A 24 -14.03 -0.39 -4.57
N PRO A 25 -14.67 -1.55 -4.83
CA PRO A 25 -15.44 -1.75 -6.04
C PRO A 25 -16.78 -1.00 -6.02
N GLN A 26 -17.16 -0.35 -4.90
CA GLN A 26 -18.29 0.56 -4.85
C GLN A 26 -17.92 1.92 -5.44
N GLY A 27 -16.63 2.26 -5.53
CA GLY A 27 -16.11 3.49 -6.12
C GLY A 27 -15.41 4.39 -5.11
N LEU A 28 -15.25 3.96 -3.86
CA LEU A 28 -14.87 4.80 -2.73
C LEU A 28 -13.40 4.56 -2.41
N VAL A 29 -12.61 5.63 -2.22
CA VAL A 29 -11.22 5.53 -1.79
C VAL A 29 -11.20 5.25 -0.29
N GLN A 30 -11.14 3.97 0.04
CA GLN A 30 -11.16 3.54 1.42
C GLN A 30 -9.77 3.61 2.03
N GLY A 31 -9.76 3.63 3.36
CA GLY A 31 -8.54 3.51 4.13
C GLY A 31 -8.05 4.89 4.58
N PRO A 32 -6.76 5.04 4.85
CA PRO A 32 -5.74 4.06 4.53
C PRO A 32 -5.80 2.83 5.44
N PHE A 33 -5.05 1.81 5.07
CA PHE A 33 -4.84 0.57 5.77
C PHE A 33 -3.32 0.33 5.83
N SER A 34 -2.86 -0.56 6.70
CA SER A 34 -1.45 -0.96 6.71
C SER A 34 -1.20 -2.11 5.72
N LEU A 35 0.06 -2.36 5.38
CA LEU A 35 0.47 -3.50 4.58
C LEU A 35 0.16 -4.80 5.30
N THR A 36 0.19 -4.84 6.63
CA THR A 36 -0.13 -6.06 7.37
C THR A 36 -1.64 -6.31 7.32
N GLN A 37 -2.47 -5.26 7.42
CA GLN A 37 -3.91 -5.40 7.27
C GLN A 37 -4.25 -5.91 5.86
N LEU A 38 -3.68 -5.26 4.84
CA LEU A 38 -3.96 -5.54 3.43
C LEU A 38 -3.44 -6.92 3.04
N LYS A 39 -2.22 -7.27 3.45
CA LYS A 39 -1.69 -8.61 3.22
C LYS A 39 -2.59 -9.65 3.85
N ALA A 40 -3.05 -9.47 5.09
CA ALA A 40 -3.89 -10.47 5.73
C ALA A 40 -5.16 -10.73 4.92
N TRP A 41 -5.72 -9.68 4.33
CA TRP A 41 -6.90 -9.79 3.48
C TRP A 41 -6.56 -10.45 2.15
N SER A 42 -5.43 -10.11 1.52
CA SER A 42 -4.96 -10.74 0.29
C SER A 42 -4.75 -12.24 0.52
N ASP A 43 -4.09 -12.59 1.62
CA ASP A 43 -3.74 -13.95 2.04
C ASP A 43 -5.01 -14.81 2.04
N ALA A 44 -6.00 -14.35 2.79
CA ALA A 44 -7.35 -14.91 2.93
C ALA A 44 -8.29 -14.62 1.76
N GLU A 45 -7.80 -14.11 0.62
CA GLU A 45 -8.56 -13.82 -0.60
C GLU A 45 -9.84 -12.98 -0.37
N TYR A 46 -9.81 -12.01 0.55
CA TYR A 46 -10.89 -11.03 0.74
C TYR A 46 -11.03 -10.05 -0.44
N PHE A 47 -10.06 -9.97 -1.36
CA PHE A 47 -9.97 -8.96 -2.39
C PHE A 47 -10.12 -9.62 -3.76
N THR A 48 -9.46 -9.08 -4.78
CA THR A 48 -9.50 -9.57 -6.14
C THR A 48 -8.06 -9.78 -6.62
N LYS A 49 -7.87 -10.59 -7.66
CA LYS A 49 -6.57 -10.76 -8.30
C LYS A 49 -6.10 -9.41 -8.84
N GLN A 50 -6.93 -8.74 -9.66
CA GLN A 50 -6.57 -7.53 -10.39
C GLN A 50 -6.65 -6.24 -9.52
N PHE A 51 -6.30 -6.32 -8.23
CA PHE A 51 -6.49 -5.28 -7.22
C PHE A 51 -5.24 -4.39 -7.12
N ARG A 52 -5.41 -3.10 -6.82
CA ARG A 52 -4.32 -2.13 -6.70
C ARG A 52 -4.38 -1.31 -5.42
N VAL A 53 -3.27 -0.67 -5.08
CA VAL A 53 -3.09 0.15 -3.88
C VAL A 53 -2.16 1.33 -4.20
N TRP A 54 -2.28 2.43 -3.45
CA TRP A 54 -1.37 3.58 -3.54
C TRP A 54 -1.21 4.23 -2.17
N MET A 55 -0.13 4.98 -1.98
CA MET A 55 0.12 5.71 -0.74
C MET A 55 -0.80 6.93 -0.60
N THR A 56 -0.96 7.42 0.64
CA THR A 56 -1.71 8.63 0.90
C THR A 56 -1.08 9.83 0.18
N GLY A 57 -1.88 10.86 -0.13
CA GLY A 57 -1.48 12.08 -0.82
C GLY A 57 -1.27 11.89 -2.32
N GLU A 58 -0.75 10.74 -2.75
CA GLU A 58 -0.40 10.49 -4.14
C GLU A 58 -1.63 10.35 -5.05
N SER A 59 -1.41 10.30 -6.36
CA SER A 59 -2.48 10.05 -7.30
C SER A 59 -2.89 8.59 -7.21
N MET A 60 -4.19 8.35 -7.40
CA MET A 60 -4.76 7.02 -7.54
C MET A 60 -4.15 6.28 -8.73
N GLU A 61 -3.93 6.99 -9.83
CA GLU A 61 -3.38 6.38 -11.04
C GLU A 61 -1.94 5.94 -10.86
N SER A 62 -1.20 6.54 -9.92
CA SER A 62 0.13 6.09 -9.54
C SER A 62 0.09 4.80 -8.70
N ALA A 63 -1.09 4.18 -8.47
CA ALA A 63 -1.22 2.90 -7.82
C ALA A 63 -0.47 1.80 -8.56
N VAL A 64 -0.22 0.70 -7.85
CA VAL A 64 0.48 -0.49 -8.34
C VAL A 64 -0.35 -1.72 -7.97
N LEU A 65 0.01 -2.88 -8.51
CA LEU A 65 -0.64 -4.15 -8.22
C LEU A 65 -0.34 -4.51 -6.77
N LEU A 66 -1.38 -4.82 -6.00
CA LEU A 66 -1.21 -5.30 -4.62
C LEU A 66 -0.28 -6.51 -4.55
N THR A 67 -0.27 -7.35 -5.59
CA THR A 67 0.57 -8.54 -5.65
C THR A 67 2.05 -8.17 -5.68
N ASP A 68 2.41 -7.03 -6.30
CA ASP A 68 3.77 -6.51 -6.33
C ASP A 68 4.13 -6.06 -4.93
N VAL A 69 3.29 -5.25 -4.29
CA VAL A 69 3.52 -4.73 -2.94
C VAL A 69 3.80 -5.87 -1.96
N LEU A 70 3.07 -6.97 -2.04
CA LEU A 70 3.33 -8.19 -1.26
C LEU A 70 4.77 -8.69 -1.40
N ARG A 71 5.29 -8.79 -2.63
CA ARG A 71 6.67 -9.20 -2.90
C ARG A 71 7.67 -8.12 -2.51
N LEU A 72 7.33 -6.84 -2.67
CA LEU A 72 8.21 -5.73 -2.36
C LEU A 72 8.41 -5.61 -0.85
N SER A 73 7.37 -5.89 -0.06
CA SER A 73 7.45 -5.91 1.37
C SER A 73 8.28 -7.11 1.85
N GLY A 74 8.69 -7.12 3.12
CA GLY A 74 9.30 -8.29 3.72
C GLY A 74 9.69 -8.06 5.18
N PRO A 75 10.14 -9.12 5.87
CA PRO A 75 10.63 -9.04 7.23
C PRO A 75 11.99 -8.33 7.26
N SER A 76 12.30 -7.66 8.36
CA SER A 76 13.48 -6.83 8.44
C SER A 76 14.74 -7.71 8.42
N SER A 77 15.66 -7.41 7.49
CA SER A 77 16.99 -7.99 7.41
C SER A 77 17.80 -6.97 6.62
N GLY A 78 19.05 -6.75 7.02
CA GLY A 78 19.85 -5.63 6.54
C GLY A 78 19.40 -4.34 7.18
N GLY A 1 0.88 13.47 8.44
CA GLY A 1 2.15 14.12 8.77
C GLY A 1 2.99 13.22 9.64
N SER A 2 4.01 13.78 10.31
CA SER A 2 5.14 13.04 10.86
C SER A 2 5.95 12.41 9.72
N SER A 3 6.17 13.21 8.68
CA SER A 3 6.69 12.81 7.38
C SER A 3 7.69 13.88 6.90
N GLY A 4 8.37 13.64 5.79
CA GLY A 4 9.41 14.52 5.29
C GLY A 4 10.72 14.20 5.99
N SER A 5 11.13 15.03 6.96
CA SER A 5 12.46 15.09 7.57
C SER A 5 13.57 14.87 6.54
N SER A 6 14.09 13.66 6.36
CA SER A 6 15.14 13.36 5.40
C SER A 6 14.98 11.95 4.83
N GLY A 7 15.77 11.61 3.82
CA GLY A 7 15.66 10.38 3.05
C GLY A 7 16.13 10.70 1.66
N VAL A 8 17.44 10.58 1.40
CA VAL A 8 18.06 11.02 0.15
C VAL A 8 17.70 10.03 -0.98
N ARG A 9 16.55 10.31 -1.61
CA ARG A 9 15.61 9.43 -2.33
C ARG A 9 15.26 8.12 -1.65
N VAL A 10 15.68 7.95 -0.40
CA VAL A 10 15.29 6.83 0.43
C VAL A 10 13.83 7.02 0.78
N LEU A 11 13.02 6.01 0.45
CA LEU A 11 11.63 5.92 0.83
C LEU A 11 11.32 4.48 1.23
N SER A 12 11.54 4.12 2.49
CA SER A 12 11.28 2.78 2.98
C SER A 12 9.77 2.56 3.15
N TYR A 13 9.35 1.29 3.20
CA TYR A 13 7.95 0.88 3.16
C TYR A 13 7.49 0.51 4.59
N ASP A 14 6.75 1.42 5.23
CA ASP A 14 6.28 1.29 6.61
C ASP A 14 5.13 0.28 6.62
N LYS A 15 5.30 -0.94 7.16
CA LYS A 15 4.22 -1.94 7.17
C LYS A 15 3.19 -1.76 8.28
N GLU A 16 3.55 -1.06 9.35
CA GLU A 16 2.83 -1.08 10.63
C GLU A 16 2.01 0.19 10.80
N LYS A 17 2.12 1.14 9.87
CA LYS A 17 1.31 2.35 9.84
C LYS A 17 0.36 2.32 8.67
N LEU A 18 -0.80 2.95 8.82
CA LEU A 18 -1.83 2.99 7.81
C LEU A 18 -1.42 4.06 6.80
N ASN A 19 -0.71 3.63 5.76
CA ASN A 19 -0.03 4.50 4.81
C ASN A 19 -0.36 4.15 3.37
N TRP A 20 -1.27 3.18 3.16
CA TRP A 20 -1.70 2.77 1.84
C TRP A 20 -3.20 2.96 1.75
N LEU A 21 -3.65 3.32 0.56
CA LEU A 21 -5.03 3.51 0.18
C LEU A 21 -5.33 2.47 -0.90
N TYR A 22 -6.59 2.09 -1.01
CA TYR A 22 -7.15 1.40 -2.16
C TYR A 22 -8.49 2.03 -2.51
N LYS A 23 -8.87 1.91 -3.79
CA LYS A 23 -10.22 2.08 -4.28
C LYS A 23 -10.87 0.72 -4.24
N ASP A 24 -12.02 0.62 -3.59
CA ASP A 24 -12.83 -0.58 -3.57
C ASP A 24 -13.53 -0.75 -4.93
N PRO A 25 -14.37 -1.79 -5.16
CA PRO A 25 -15.02 -1.98 -6.46
C PRO A 25 -16.23 -1.04 -6.61
N GLN A 26 -16.82 -0.59 -5.51
CA GLN A 26 -17.92 0.37 -5.46
C GLN A 26 -17.44 1.75 -5.96
N GLY A 27 -16.14 2.02 -5.90
CA GLY A 27 -15.51 3.26 -6.35
C GLY A 27 -15.15 4.17 -5.18
N LEU A 28 -15.33 3.72 -3.94
CA LEU A 28 -14.97 4.48 -2.77
C LEU A 28 -13.48 4.30 -2.52
N VAL A 29 -12.77 5.39 -2.28
CA VAL A 29 -11.48 5.34 -1.61
C VAL A 29 -11.81 5.06 -0.14
N GLN A 30 -11.41 3.88 0.33
CA GLN A 30 -11.59 3.48 1.74
C GLN A 30 -10.45 4.10 2.58
N GLY A 31 -10.14 3.55 3.75
CA GLY A 31 -8.76 3.54 4.24
C GLY A 31 -8.31 4.84 4.91
N PRO A 32 -6.99 4.99 5.19
CA PRO A 32 -5.90 4.09 4.78
C PRO A 32 -5.81 2.80 5.62
N PHE A 33 -4.89 1.90 5.23
CA PHE A 33 -4.62 0.61 5.83
C PHE A 33 -3.11 0.32 5.87
N SER A 34 -2.70 -0.67 6.66
CA SER A 34 -1.31 -1.12 6.72
C SER A 34 -1.07 -2.25 5.71
N LEU A 35 0.18 -2.39 5.26
CA LEU A 35 0.65 -3.49 4.40
C LEU A 35 0.28 -4.83 5.02
N THR A 36 0.49 -4.99 6.31
CA THR A 36 0.20 -6.23 7.02
C THR A 36 -1.28 -6.57 6.95
N GLN A 37 -2.18 -5.58 7.15
CA GLN A 37 -3.62 -5.79 7.06
C GLN A 37 -4.03 -6.11 5.62
N LEU A 38 -3.50 -5.36 4.66
CA LEU A 38 -3.78 -5.57 3.25
C LEU A 38 -3.34 -6.97 2.82
N LYS A 39 -2.17 -7.45 3.25
CA LYS A 39 -1.79 -8.85 3.02
C LYS A 39 -2.79 -9.78 3.68
N ALA A 40 -3.13 -9.60 4.95
CA ALA A 40 -3.94 -10.55 5.68
C ALA A 40 -5.30 -10.72 5.01
N TRP A 41 -5.87 -9.61 4.53
CA TRP A 41 -7.12 -9.60 3.79
C TRP A 41 -6.98 -10.25 2.42
N SER A 42 -5.90 -9.99 1.67
CA SER A 42 -5.65 -10.63 0.38
C SER A 42 -5.50 -12.15 0.56
N ASP A 43 -4.81 -12.58 1.61
CA ASP A 43 -4.62 -13.97 2.01
C ASP A 43 -5.94 -14.64 2.42
N ALA A 44 -6.91 -13.85 2.88
CA ALA A 44 -8.28 -14.25 3.15
C ALA A 44 -9.21 -13.85 1.99
N GLU A 45 -8.68 -13.59 0.80
CA GLU A 45 -9.37 -13.38 -0.47
C GLU A 45 -10.44 -12.27 -0.45
N TYR A 46 -10.36 -11.32 0.48
CA TYR A 46 -11.23 -10.15 0.54
C TYR A 46 -11.07 -9.21 -0.66
N PHE A 47 -10.12 -9.46 -1.56
CA PHE A 47 -9.71 -8.56 -2.63
C PHE A 47 -9.64 -9.35 -3.93
N THR A 48 -9.52 -8.64 -5.05
CA THR A 48 -9.64 -9.18 -6.39
C THR A 48 -8.26 -9.51 -6.96
N LYS A 49 -8.22 -10.14 -8.15
CA LYS A 49 -6.98 -10.39 -8.91
C LYS A 49 -6.60 -9.18 -9.76
N GLN A 50 -7.30 -8.05 -9.60
CA GLN A 50 -7.09 -6.79 -10.32
C GLN A 50 -7.09 -5.63 -9.30
N PHE A 51 -6.74 -5.91 -8.06
CA PHE A 51 -6.80 -4.98 -6.95
C PHE A 51 -5.52 -4.15 -6.89
N ARG A 52 -5.65 -2.85 -6.65
CA ARG A 52 -4.51 -1.95 -6.55
C ARG A 52 -4.51 -1.14 -5.27
N VAL A 53 -3.35 -0.57 -5.00
CA VAL A 53 -3.05 0.22 -3.82
C VAL A 53 -2.12 1.36 -4.25
N TRP A 54 -2.16 2.47 -3.51
CA TRP A 54 -1.23 3.57 -3.65
C TRP A 54 -0.89 4.11 -2.26
N MET A 55 0.22 4.81 -2.12
CA MET A 55 0.57 5.39 -0.84
C MET A 55 -0.31 6.61 -0.56
N THR A 56 -0.44 6.98 0.72
CA THR A 56 -1.25 8.10 1.14
C THR A 56 -0.78 9.38 0.44
N GLY A 57 -1.72 10.11 -0.15
CA GLY A 57 -1.45 11.40 -0.79
C GLY A 57 -0.79 11.30 -2.15
N GLU A 58 -0.46 10.09 -2.63
CA GLU A 58 -0.10 9.87 -4.02
C GLU A 58 -1.38 9.79 -4.85
N SER A 59 -1.24 9.85 -6.17
CA SER A 59 -2.38 9.85 -7.06
C SER A 59 -2.87 8.42 -7.24
N MET A 60 -4.19 8.25 -7.36
CA MET A 60 -4.82 6.96 -7.60
C MET A 60 -4.34 6.32 -8.91
N GLU A 61 -3.91 7.16 -9.85
CA GLU A 61 -3.42 6.79 -11.16
C GLU A 61 -1.95 6.32 -11.12
N SER A 62 -1.27 6.44 -9.97
CA SER A 62 -0.04 5.71 -9.66
C SER A 62 -0.31 4.34 -9.02
N ALA A 63 -1.57 3.93 -8.78
CA ALA A 63 -1.85 2.75 -7.97
C ALA A 63 -1.35 1.48 -8.65
N VAL A 64 -0.50 0.74 -7.93
CA VAL A 64 0.16 -0.48 -8.38
C VAL A 64 -0.63 -1.69 -7.90
N LEU A 65 -0.33 -2.88 -8.43
CA LEU A 65 -0.97 -4.13 -8.03
C LEU A 65 -0.58 -4.43 -6.60
N LEU A 66 -1.59 -4.74 -5.77
CA LEU A 66 -1.37 -5.21 -4.40
C LEU A 66 -0.42 -6.42 -4.33
N THR A 67 -0.45 -7.30 -5.34
CA THR A 67 0.38 -8.51 -5.37
C THR A 67 1.85 -8.13 -5.37
N ASP A 68 2.20 -7.11 -6.13
CA ASP A 68 3.55 -6.62 -6.27
C ASP A 68 3.94 -6.06 -4.92
N VAL A 69 3.13 -5.19 -4.33
CA VAL A 69 3.45 -4.49 -3.10
C VAL A 69 3.69 -5.44 -1.91
N LEU A 70 3.04 -6.61 -1.87
CA LEU A 70 3.41 -7.71 -0.97
C LEU A 70 4.92 -8.00 -1.09
N ARG A 71 5.39 -8.30 -2.31
CA ARG A 71 6.80 -8.54 -2.58
C ARG A 71 7.69 -7.32 -2.35
N LEU A 72 7.25 -6.10 -2.65
CA LEU A 72 7.96 -4.88 -2.24
C LEU A 72 8.06 -4.74 -0.72
N SER A 73 7.23 -5.42 0.07
CA SER A 73 7.39 -5.43 1.52
C SER A 73 8.47 -6.44 1.95
N GLY A 74 8.46 -7.67 1.45
CA GLY A 74 9.30 -8.73 2.00
C GLY A 74 9.76 -9.78 0.97
N PRO A 75 10.83 -10.53 1.28
CA PRO A 75 11.52 -11.41 0.35
C PRO A 75 10.76 -12.71 0.14
N SER A 76 9.73 -12.61 -0.69
CA SER A 76 8.70 -13.59 -0.91
C SER A 76 7.88 -13.71 0.39
N SER A 77 6.67 -13.15 0.35
CA SER A 77 5.81 -13.03 1.51
C SER A 77 5.64 -14.36 2.23
N GLY A 78 5.53 -14.27 3.56
CA GLY A 78 5.00 -15.28 4.44
C GLY A 78 4.00 -14.57 5.31
N GLY A 1 22.05 7.67 14.61
CA GLY A 1 20.73 7.48 14.01
C GLY A 1 19.69 7.19 15.07
N SER A 2 18.52 6.71 14.63
CA SER A 2 17.43 6.28 15.49
C SER A 2 17.07 7.39 16.49
N SER A 3 16.68 8.54 15.96
CA SER A 3 16.31 9.73 16.69
C SER A 3 15.31 10.49 15.83
N GLY A 4 14.47 11.30 16.46
CA GLY A 4 13.31 11.98 15.89
C GLY A 4 13.74 13.17 15.06
N SER A 5 14.03 12.93 13.79
CA SER A 5 14.40 13.95 12.83
C SER A 5 13.77 13.60 11.48
N SER A 6 13.94 14.48 10.49
CA SER A 6 13.58 14.21 9.11
C SER A 6 14.68 13.37 8.43
N GLY A 7 14.40 12.91 7.21
CA GLY A 7 15.31 12.17 6.35
C GLY A 7 15.37 12.80 4.97
N VAL A 8 16.29 12.32 4.13
CA VAL A 8 16.40 12.74 2.75
C VAL A 8 15.60 11.75 1.90
N ARG A 9 14.43 12.21 1.45
CA ARG A 9 13.39 11.48 0.71
C ARG A 9 13.26 10.00 1.06
N VAL A 10 13.23 9.69 2.36
CA VAL A 10 13.17 8.32 2.84
C VAL A 10 11.83 7.74 2.41
N LEU A 11 11.88 6.68 1.60
CA LEU A 11 10.73 5.94 1.15
C LEU A 11 11.04 4.45 1.25
N SER A 12 11.03 3.94 2.47
CA SER A 12 10.81 2.51 2.73
C SER A 12 9.30 2.31 2.92
N TYR A 13 8.82 1.11 2.61
CA TYR A 13 7.44 0.73 2.85
C TYR A 13 7.35 0.30 4.32
N ASP A 14 6.81 1.17 5.20
CA ASP A 14 6.45 0.73 6.54
C ASP A 14 5.20 -0.12 6.45
N LYS A 15 5.22 -1.26 7.14
CA LYS A 15 4.13 -2.22 7.04
C LYS A 15 2.98 -1.94 7.98
N GLU A 16 3.20 -1.14 9.02
CA GLU A 16 2.47 -1.29 10.27
C GLU A 16 1.55 -0.12 10.52
N LYS A 17 1.86 1.05 9.94
CA LYS A 17 1.04 2.24 9.98
C LYS A 17 0.09 2.28 8.77
N LEU A 18 -1.08 2.89 8.92
CA LEU A 18 -2.10 2.94 7.91
C LEU A 18 -1.75 4.01 6.88
N ASN A 19 -1.20 3.60 5.74
CA ASN A 19 -0.58 4.52 4.79
C ASN A 19 -0.90 4.23 3.33
N TRP A 20 -1.80 3.27 3.07
CA TRP A 20 -2.11 2.80 1.72
C TRP A 20 -3.62 2.83 1.51
N LEU A 21 -4.07 3.42 0.42
CA LEU A 21 -5.47 3.69 0.07
C LEU A 21 -5.87 2.80 -1.11
N TYR A 22 -7.17 2.55 -1.27
CA TYR A 22 -7.71 1.81 -2.41
C TYR A 22 -9.11 2.30 -2.77
N LYS A 23 -9.49 2.21 -4.05
CA LYS A 23 -10.86 2.42 -4.55
C LYS A 23 -11.57 1.08 -4.51
N ASP A 24 -12.60 0.95 -3.68
CA ASP A 24 -13.44 -0.24 -3.65
C ASP A 24 -14.24 -0.30 -4.96
N PRO A 25 -14.84 -1.45 -5.30
CA PRO A 25 -15.75 -1.60 -6.42
C PRO A 25 -16.96 -0.66 -6.33
N GLN A 26 -17.32 -0.20 -5.12
CA GLN A 26 -18.35 0.82 -4.92
C GLN A 26 -17.90 2.24 -5.29
N GLY A 27 -16.61 2.45 -5.59
CA GLY A 27 -16.05 3.76 -5.96
C GLY A 27 -15.61 4.58 -4.76
N LEU A 28 -15.93 4.15 -3.54
CA LEU A 28 -15.44 4.72 -2.29
C LEU A 28 -13.93 4.51 -2.25
N VAL A 29 -13.16 5.56 -2.03
CA VAL A 29 -11.78 5.42 -1.59
C VAL A 29 -11.85 5.03 -0.11
N GLN A 30 -11.44 3.81 0.20
CA GLN A 30 -11.42 3.29 1.56
C GLN A 30 -10.04 3.51 2.17
N GLY A 31 -9.96 3.30 3.49
CA GLY A 31 -8.69 3.28 4.18
C GLY A 31 -8.27 4.69 4.61
N PRO A 32 -7.00 4.87 4.98
CA PRO A 32 -5.89 3.98 4.62
C PRO A 32 -5.84 2.73 5.48
N PHE A 33 -5.00 1.78 5.07
CA PHE A 33 -4.73 0.54 5.78
C PHE A 33 -3.22 0.31 5.83
N SER A 34 -2.77 -0.56 6.72
CA SER A 34 -1.39 -0.99 6.84
C SER A 34 -1.12 -2.08 5.81
N LEU A 35 0.13 -2.20 5.33
CA LEU A 35 0.46 -3.29 4.41
C LEU A 35 0.28 -4.64 5.09
N THR A 36 0.48 -4.73 6.41
CA THR A 36 0.16 -5.92 7.17
C THR A 36 -1.33 -6.28 7.05
N GLN A 37 -2.23 -5.30 7.18
CA GLN A 37 -3.65 -5.58 7.07
C GLN A 37 -4.00 -5.99 5.63
N LEU A 38 -3.44 -5.29 4.64
CA LEU A 38 -3.71 -5.56 3.22
C LEU A 38 -3.17 -6.94 2.82
N LYS A 39 -1.96 -7.30 3.25
CA LYS A 39 -1.43 -8.65 3.10
C LYS A 39 -2.40 -9.65 3.70
N ALA A 40 -2.79 -9.46 4.96
CA ALA A 40 -3.66 -10.40 5.65
C ALA A 40 -5.02 -10.51 4.95
N TRP A 41 -5.49 -9.48 4.26
CA TRP A 41 -6.75 -9.52 3.53
C TRP A 41 -6.60 -10.12 2.13
N SER A 42 -5.46 -9.98 1.48
CA SER A 42 -5.12 -10.76 0.29
C SER A 42 -5.11 -12.24 0.66
N ASP A 43 -4.43 -12.56 1.76
CA ASP A 43 -4.32 -13.89 2.35
C ASP A 43 -5.71 -14.46 2.68
N ALA A 44 -6.61 -13.61 3.20
CA ALA A 44 -8.03 -13.92 3.45
C ALA A 44 -8.95 -13.76 2.21
N GLU A 45 -8.38 -13.57 1.03
CA GLU A 45 -9.04 -13.52 -0.27
C GLU A 45 -10.10 -12.41 -0.41
N TYR A 46 -10.01 -11.32 0.37
CA TYR A 46 -10.93 -10.17 0.29
C TYR A 46 -10.75 -9.33 -0.99
N PHE A 47 -9.82 -9.69 -1.89
CA PHE A 47 -9.32 -8.84 -2.97
C PHE A 47 -9.30 -9.57 -4.30
N THR A 48 -8.83 -8.91 -5.36
CA THR A 48 -8.97 -9.31 -6.76
C THR A 48 -7.59 -9.48 -7.41
N LYS A 49 -7.56 -10.15 -8.58
CA LYS A 49 -6.32 -10.39 -9.32
C LYS A 49 -5.62 -9.09 -9.71
N GLN A 50 -6.35 -7.98 -9.88
CA GLN A 50 -5.80 -6.69 -10.26
C GLN A 50 -6.12 -5.66 -9.17
N PHE A 51 -6.03 -6.03 -7.90
CA PHE A 51 -6.21 -5.11 -6.79
C PHE A 51 -4.95 -4.26 -6.66
N ARG A 52 -4.99 -2.98 -7.03
CA ARG A 52 -3.88 -2.06 -6.79
C ARG A 52 -4.13 -1.28 -5.49
N VAL A 53 -3.11 -0.59 -4.97
CA VAL A 53 -3.25 0.40 -3.91
C VAL A 53 -2.27 1.54 -4.18
N TRP A 54 -2.58 2.74 -3.69
CA TRP A 54 -1.69 3.90 -3.79
C TRP A 54 -1.37 4.42 -2.38
N MET A 55 -0.28 5.18 -2.25
CA MET A 55 0.06 5.81 -0.99
C MET A 55 -0.90 6.94 -0.65
N THR A 56 -1.03 7.24 0.64
CA THR A 56 -1.66 8.47 1.08
C THR A 56 -0.91 9.65 0.46
N GLY A 57 -1.64 10.66 0.00
CA GLY A 57 -1.06 11.81 -0.69
C GLY A 57 -0.61 11.53 -2.12
N GLU A 58 -0.85 10.35 -2.71
CA GLU A 58 -0.51 10.06 -4.11
C GLU A 58 -1.78 9.86 -4.94
N SER A 59 -1.62 9.79 -6.26
CA SER A 59 -2.65 9.65 -7.27
C SER A 59 -3.12 8.20 -7.35
N MET A 60 -4.39 7.96 -7.68
CA MET A 60 -4.86 6.60 -7.95
C MET A 60 -4.15 6.00 -9.17
N GLU A 61 -3.75 6.81 -10.15
CA GLU A 61 -2.96 6.28 -11.25
C GLU A 61 -1.56 5.83 -10.80
N SER A 62 -1.08 6.29 -9.64
CA SER A 62 0.14 5.80 -9.02
C SER A 62 -0.07 4.40 -8.41
N ALA A 63 -1.31 3.89 -8.33
CA ALA A 63 -1.62 2.69 -7.59
C ALA A 63 -0.90 1.47 -8.17
N VAL A 64 -0.06 0.85 -7.35
CA VAL A 64 0.76 -0.29 -7.71
C VAL A 64 0.06 -1.58 -7.28
N LEU A 65 0.43 -2.71 -7.88
CA LEU A 65 -0.19 -3.98 -7.62
C LEU A 65 0.08 -4.37 -6.18
N LEU A 66 -0.99 -4.63 -5.43
CA LEU A 66 -0.89 -5.31 -4.15
C LEU A 66 -0.10 -6.61 -4.32
N THR A 67 -0.10 -7.21 -5.52
CA THR A 67 0.60 -8.50 -5.67
C THR A 67 2.11 -8.27 -5.81
N ASP A 68 2.51 -7.09 -6.29
CA ASP A 68 3.90 -6.71 -6.41
C ASP A 68 4.39 -6.34 -5.03
N VAL A 69 3.64 -5.53 -4.29
CA VAL A 69 4.06 -5.09 -2.97
C VAL A 69 4.17 -6.25 -1.99
N LEU A 70 3.30 -7.26 -2.07
CA LEU A 70 3.46 -8.51 -1.31
C LEU A 70 4.76 -9.26 -1.66
N ARG A 71 5.38 -8.99 -2.82
CA ARG A 71 6.71 -9.47 -3.19
C ARG A 71 7.79 -8.48 -2.74
N LEU A 72 7.63 -7.19 -2.99
CA LEU A 72 8.55 -6.12 -2.58
C LEU A 72 8.66 -6.02 -1.06
N SER A 73 7.74 -6.64 -0.32
CA SER A 73 7.72 -6.75 1.13
C SER A 73 7.68 -8.22 1.54
N GLY A 74 8.57 -9.03 0.96
CA GLY A 74 8.74 -10.44 1.29
C GLY A 74 10.21 -10.76 1.58
N PRO A 75 10.49 -11.99 2.03
CA PRO A 75 11.84 -12.53 2.06
C PRO A 75 12.23 -13.02 0.67
N SER A 76 13.52 -12.91 0.37
CA SER A 76 14.12 -13.29 -0.90
C SER A 76 13.83 -14.78 -1.15
N SER A 77 12.90 -15.06 -2.08
CA SER A 77 12.29 -16.35 -2.40
C SER A 77 12.57 -17.47 -1.39
N GLY A 78 11.86 -17.46 -0.28
CA GLY A 78 11.63 -18.63 0.58
C GLY A 78 10.19 -19.00 0.39
#